data_8AYO
#
_entry.id   8AYO
#
_cell.length_a   1.00
_cell.length_b   1.00
_cell.length_c   1.00
_cell.angle_alpha   90.00
_cell.angle_beta   90.00
_cell.angle_gamma   90.00
#
_symmetry.space_group_name_H-M   'P 1'
#
loop_
_entity.id
_entity.type
_entity.pdbx_description
1 polymer 'Isoform Flip of Glutamate receptor 1'
2 polymer 'Isoform Flip of Glutamate receptor 2'
3 polymer 'Voltage-dependent calcium channel gamma-8 subunit'
4 non-polymer 'GLUTAMIC ACID'
5 non-polymer CYCLOTHIAZIDE
6 non-polymer '(2R)-2,3-dihydroxypropyl (9Z)-octadec-9-enoate'
7 non-polymer 'PALMITIC ACID'
8 non-polymer '(2S)-3-(hexadecanoyloxy)-2-[(9Z)-octadec-9-enoyloxy]propyl 2-(trimethylammonio)ethyl phosphate'
9 non-polymer 5-[2-(4-fluorophenyl)-7-(4-oxidanylpiperidin-1-yl)pyrazolo[1,5-c]pyrimidin-3-yl]-1,3-dihydroindol-2-one
#
loop_
_entity_poly.entity_id
_entity_poly.type
_entity_poly.pdbx_seq_one_letter_code
_entity_poly.pdbx_strand_id
1 'polypeptide(L)'
;MPYIFAFFCTGFLGAVVGADYKDDDDKNFPNNIQIGGLFPNQQSQEHAAFRFALSQLTEPPKLLPQIDIVNISDSFEMTY
RFCSQFSKGVYAIFGFYERRTVNMLTSFCGALHVCFITPSFPVDTSNQFVLQLRPELQEALISIIDHYKWQTFVYIYDAD
RGLSVLQRVLDTAAEKNWQVTAVNILTTTEEGYRMLFQDLEKKKERLVVVDCESERLNAILGQIVKLEKNGIGYHYILAN
LGFMDIDLNKFKESGANVTGFQLVNYTDTIPARIMQQWRTSDSRDHTRVDWKRPKYTSALTYDGVKVMAEAFQSLRRQRI
DISRRGNAGDCLANPAVPWGQGIDIQRALQQVRFEGLTGNVQFNEKGRRTNYTLHVIEMKHDGIRKIGYWNEDDKFVPAA
TDAQAGGDNSSVQNRTYIVTTILEDPYVMLKKNANQFEGNDRYEGYCVELAAEIAKHVGYSYRLEIVSDGKYGARDPDTK
AWNGMVGELVYGRADVAVAPLTITLVREEVIDFSKPFMSLGISIMIKKPQKSKPGVFSFLDPLAYEIWMCIVFAYIGVSV
VLFLVSRFSPYEWHSEEFEEGRDQTTSDQSNEFGIFNSLWFSLGAFMQQGCDISPRSLSGRIVGGVWWFFTLIIISSYTA
NLAAFLTVERMVSPIESAEDLAKQTEIAYGTLEAGSTKEFFRRSKIAVFEKMWTYMKSAEPSVFVRTTEEGMIRVRKSKG
KYAYLLESTMNEYIEQRKPCDTMKVGGNLDSKGYGIATPKGSALRGPVNLAVLKLSEQGVLDKLKSKWWYDKGECGSKDS
GSKDKTSALSLSNVAGVFYILIGGLGLAMLVALIEFCYKSRSESKRMKGFCLIPQQSINEAIRTSTLPRNSGAGASGGGG
SGENGRVVSQDFPKSMQSIPCMSHSSGMPLGATGL
;
A,C
2 'polypeptide(L)'
;MQKIMHISVLLSPVLWGLIFGVSSNSIQIGGLFPRGADQEYSAFRVGMVQFSTSEFRLTPHIDNLEVANSFAVTNAFCSQ
FSRGVYAIFGFYDKKSVNTITSFCGTLHVSFITPSFPTDGTHPFVIQMRPDLKGALLSLIEYYQWDKFAYLYDSDRGLST
LQAVLDSAAEKKWQVTAINVGNINNDKKDETYRSLFQDLELKKERRVILDCERDKVNDIVDQVITIGKHVKGYHYIIANL
GFTDGDLLKIQFGGANVSGFQIVDYDDSLVSKFIERWSTLEEKEYPGAHTATIKYTSALTYDAVQVMTEAFRNLRKQRIE
ISRRGNAGDCLANPAVPWGQGVEIERALKQVQVEGLSGNIKFDQNGKRINYTINIMELKTNGPRKIGYWSEVDKMVVTLT
ELPSGNDTSGLENKTVVVTTILESPYVMMKKNHEMLEGNERYEGYCVDLAAEIAKHCGFKYKLTIVGDGKYGARDADTKI
WNGMVGELVYGKADIAIAPLTITLVREEVIDFSKPFMSLGISIMIKKPQKSKPGVFSFLDPLAYEIWMCIVFAYIGVSVV
LFLVSRFSPYEWHTEEFEDGRETQSSESTNEFGIFNSLWFSLGAFMRQGCDISPRSLSGRIVGGVWWFFTLIIISSYTAN
LAAFLTVERMVSPIESAEDLSKQTEIAYGTLDSGSTKEFFRRSKIAVFDKMWTYMRSAEPSVFVRTTAEGVARVRKSKGK
YAYLLESTMNEYIEQRKPCDTMKVGGNLDSKGYGIATPKGSSLGTPVNLAVLKLSEQGVLDKLKNKWWYDKGECGAKDSG
SKEKTSALSLSNVAGVFYILVGGLGLAMLVALIEFCYKSRAEAKRMKVAKNPQNINPSSS
;
D,B
3 'polypeptide(L)'
;GESLKRWNEERGLWCEKGVQVLLTTIGAFAAFGLMTIAISTDYWLYTRALICNTTNLTAGDDGPPHRGGSGSSEKKDPGG
LTHSGLWRICCLEGLKRGVCVKINHFPEDTDYDHDSAEYLLRVVRASSIFPILSAILLLLGGVCVAASRVYKSKRNIILG
AGILFVAAGLSNIIGVIVYISANAGEPGPKRDEEKKNHYSYGWSFYFGGLSFILAEVIGVLAVNIYIERSREAHCQSRSD
LLKAGGGAGGSGGSGPSAILRLPSYRFRYRRRSRSSSRGSSEASPSRDASPGGPGGPGFASTDISMYTLSRDPSKGSVAA
GLASAGGGGGGAGVGAYGGAAGAAGGGGTGSERDRGSSAGFLTLHNAFPKEAASGVTVTVTGPPAAPAPAPPAPAAPAPG
TLSKEAAASNTNTLNRKLEVLFQ
;
I,J
#
# COMPACT_ATOMS: atom_id res chain seq x y z
N ARG A 415 13.48 -4.28 -65.83
CA ARG A 415 12.80 -3.00 -65.59
C ARG A 415 12.78 -2.67 -64.10
N THR A 416 13.31 -1.51 -63.76
CA THR A 416 13.32 -1.08 -62.36
C THR A 416 11.91 -0.72 -61.90
N TYR A 417 11.64 -0.98 -60.63
CA TYR A 417 10.35 -0.70 -60.02
C TYR A 417 10.50 0.46 -59.04
N ILE A 418 9.66 1.48 -59.22
CA ILE A 418 9.68 2.62 -58.32
C ILE A 418 9.31 2.17 -56.91
N VAL A 419 9.98 2.72 -55.91
CA VAL A 419 9.76 2.36 -54.51
C VAL A 419 9.61 3.65 -53.73
N THR A 420 8.37 4.07 -53.49
CA THR A 420 8.13 5.24 -52.67
C THR A 420 8.31 4.90 -51.21
N THR A 421 8.97 5.79 -50.47
CA THR A 421 9.25 5.58 -49.06
C THR A 421 9.06 6.90 -48.33
N ILE A 422 9.50 6.94 -47.07
CA ILE A 422 9.43 8.13 -46.24
C ILE A 422 10.63 8.12 -45.31
N LEU A 423 11.13 9.32 -44.99
CA LEU A 423 12.33 9.48 -44.16
C LEU A 423 11.91 9.53 -42.70
N GLU A 424 11.77 8.36 -42.10
CA GLU A 424 11.49 8.25 -40.67
C GLU A 424 12.40 7.18 -40.08
N ASP A 425 13.22 7.56 -39.14
CA ASP A 425 14.12 6.59 -38.53
C ASP A 425 13.31 5.66 -37.62
N PRO A 426 13.71 4.39 -37.49
CA PRO A 426 14.83 3.71 -38.15
C PRO A 426 14.45 2.93 -39.40
N TYR A 427 13.19 3.04 -39.83
CA TYR A 427 12.77 2.32 -41.01
C TYR A 427 13.56 2.77 -42.23
N VAL A 428 13.74 4.07 -42.39
CA VAL A 428 14.57 4.63 -43.45
C VAL A 428 15.33 5.81 -42.87
N MET A 429 16.61 5.90 -43.22
CA MET A 429 17.46 6.96 -42.71
C MET A 429 18.51 7.31 -43.75
N LEU A 430 19.09 8.50 -43.60
CA LEU A 430 20.17 8.96 -44.47
C LEU A 430 21.51 8.61 -43.84
N LYS A 431 22.38 7.98 -44.62
CA LYS A 431 23.67 7.56 -44.10
C LYS A 431 24.52 8.76 -43.73
N LYS A 432 25.42 8.56 -42.78
CA LYS A 432 26.42 9.58 -42.47
C LYS A 432 27.26 9.87 -43.70
N ASN A 433 27.46 11.15 -43.99
CA ASN A 433 28.11 11.58 -45.22
C ASN A 433 27.22 11.28 -46.44
N ALA A 434 25.93 11.55 -46.30
CA ALA A 434 24.97 11.22 -47.35
C ALA A 434 25.28 11.98 -48.64
N ASN A 435 25.70 13.24 -48.53
CA ASN A 435 25.96 14.05 -49.72
C ASN A 435 26.93 13.34 -50.66
N GLN A 436 27.98 12.72 -50.11
CA GLN A 436 28.92 12.00 -50.96
C GLN A 436 28.24 10.84 -51.67
N PHE A 437 27.39 10.10 -50.96
CA PHE A 437 26.70 8.97 -51.54
C PHE A 437 25.52 9.44 -52.39
N GLU A 438 25.01 8.51 -53.21
CA GLU A 438 23.85 8.78 -54.04
C GLU A 438 23.09 7.49 -54.29
N GLY A 439 21.81 7.63 -54.62
CA GLY A 439 20.99 6.48 -54.93
C GLY A 439 20.61 5.68 -53.69
N ASN A 440 20.18 4.44 -53.95
CA ASN A 440 19.74 3.57 -52.86
C ASN A 440 20.85 3.37 -51.84
N ASP A 441 22.11 3.38 -52.28
CA ASP A 441 23.22 3.18 -51.36
C ASP A 441 23.30 4.28 -50.31
N ARG A 442 22.65 5.42 -50.54
CA ARG A 442 22.68 6.49 -49.56
C ARG A 442 21.76 6.21 -48.38
N TYR A 443 20.69 5.47 -48.60
CA TYR A 443 19.69 5.20 -47.57
C TYR A 443 20.04 3.94 -46.79
N GLU A 444 19.56 3.86 -45.56
CA GLU A 444 19.80 2.69 -44.72
C GLU A 444 18.74 2.64 -43.63
N GLY A 445 18.09 1.50 -43.50
CA GLY A 445 17.10 1.32 -42.45
C GLY A 445 16.38 0.00 -42.63
N TYR A 446 15.51 -0.29 -41.65
CA TYR A 446 14.81 -1.57 -41.63
C TYR A 446 14.15 -1.85 -42.97
N CYS A 447 13.39 -0.88 -43.48
CA CYS A 447 12.67 -1.10 -44.72
C CYS A 447 13.63 -1.33 -45.88
N VAL A 448 14.84 -0.80 -45.79
CA VAL A 448 15.81 -1.01 -46.86
C VAL A 448 16.17 -2.49 -46.96
N GLU A 449 16.53 -3.10 -45.84
CA GLU A 449 16.84 -4.52 -45.85
C GLU A 449 15.61 -5.34 -46.21
N LEU A 450 14.44 -4.91 -45.74
CA LEU A 450 13.22 -5.63 -46.06
C LEU A 450 12.98 -5.66 -47.56
N ALA A 451 13.14 -4.51 -48.23
CA ALA A 451 12.94 -4.45 -49.66
C ALA A 451 14.02 -5.21 -50.41
N ALA A 452 15.26 -5.14 -49.94
CA ALA A 452 16.32 -5.91 -50.56
C ALA A 452 15.98 -7.40 -50.54
N GLU A 453 15.57 -7.90 -49.37
CA GLU A 453 15.22 -9.30 -49.24
C GLU A 453 14.01 -9.66 -50.09
N ILE A 454 13.02 -8.77 -50.16
CA ILE A 454 11.83 -9.03 -50.95
C ILE A 454 12.21 -9.17 -52.42
N ALA A 455 13.05 -8.26 -52.92
CA ALA A 455 13.47 -8.33 -54.30
C ALA A 455 14.29 -9.59 -54.55
N LYS A 456 15.15 -9.95 -53.60
CA LYS A 456 15.97 -11.15 -53.76
C LYS A 456 15.08 -12.40 -53.86
N HIS A 457 14.04 -12.46 -53.03
CA HIS A 457 13.16 -13.63 -53.06
C HIS A 457 12.24 -13.62 -54.26
N VAL A 458 11.92 -12.44 -54.79
CA VAL A 458 11.05 -12.35 -55.94
C VAL A 458 11.86 -12.39 -57.23
N GLY A 459 13.00 -11.71 -57.26
CA GLY A 459 13.85 -11.71 -58.43
C GLY A 459 13.63 -10.52 -59.34
N TYR A 460 13.65 -9.31 -58.78
CA TYR A 460 13.54 -8.09 -59.57
C TYR A 460 14.48 -7.05 -58.98
N SER A 461 14.52 -5.89 -59.63
CA SER A 461 15.35 -4.78 -59.19
C SER A 461 14.49 -3.54 -58.99
N TYR A 462 14.89 -2.71 -58.03
CA TYR A 462 14.06 -1.61 -57.57
C TYR A 462 14.88 -0.33 -57.48
N ARG A 463 14.20 0.78 -57.73
CA ARG A 463 14.77 2.11 -57.59
C ARG A 463 14.06 2.85 -56.47
N LEU A 464 14.80 3.24 -55.45
CA LEU A 464 14.24 3.95 -54.32
C LEU A 464 13.78 5.34 -54.75
N GLU A 465 12.89 5.92 -53.93
CA GLU A 465 12.38 7.26 -54.16
C GLU A 465 11.61 7.68 -52.93
N ILE A 466 11.62 8.98 -52.65
CA ILE A 466 11.00 9.52 -51.47
C ILE A 466 9.70 10.20 -51.87
N VAL A 467 8.78 10.28 -50.92
CA VAL A 467 7.53 11.02 -51.10
C VAL A 467 7.82 12.49 -50.84
N SER A 468 7.55 13.33 -51.84
CA SER A 468 7.92 14.73 -51.74
C SER A 468 7.21 15.42 -50.59
N ASP A 469 5.90 15.21 -50.46
CA ASP A 469 5.15 15.87 -49.39
C ASP A 469 5.69 15.49 -48.02
N GLY A 470 6.22 14.28 -47.88
CA GLY A 470 6.67 13.79 -46.60
C GLY A 470 5.56 13.32 -45.68
N LYS A 471 4.31 13.30 -46.14
CA LYS A 471 3.18 12.82 -45.36
C LYS A 471 2.91 11.38 -45.73
N TYR A 472 2.56 10.58 -44.71
CA TYR A 472 2.36 9.15 -44.92
C TYR A 472 1.29 8.92 -45.98
N GLY A 473 0.12 9.54 -45.80
CA GLY A 473 -0.94 9.41 -46.76
C GLY A 473 -2.31 9.64 -46.16
N ALA A 474 -3.20 10.26 -46.92
CA ALA A 474 -4.56 10.51 -46.46
C ALA A 474 -5.37 11.04 -47.65
N ARG A 475 -6.63 11.34 -47.39
CA ARG A 475 -7.56 11.81 -48.41
C ARG A 475 -8.06 13.20 -48.02
N ASP A 476 -8.10 14.10 -48.99
CA ASP A 476 -8.73 15.40 -48.76
C ASP A 476 -10.24 15.24 -48.89
N PRO A 477 -11.01 15.52 -47.83
CA PRO A 477 -12.46 15.24 -47.90
C PRO A 477 -13.16 16.04 -48.97
N ASP A 478 -12.66 17.23 -49.31
CA ASP A 478 -13.29 18.04 -50.34
C ASP A 478 -12.84 17.59 -51.73
N THR A 479 -11.53 17.64 -51.99
CA THR A 479 -11.02 17.24 -53.30
C THR A 479 -11.15 15.74 -53.53
N LYS A 480 -11.22 14.95 -52.47
CA LYS A 480 -11.33 13.49 -52.58
C LYS A 480 -10.10 12.89 -53.25
N ALA A 481 -8.96 13.56 -53.14
CA ALA A 481 -7.70 13.07 -53.69
C ALA A 481 -6.83 12.47 -52.59
N TRP A 482 -5.82 11.72 -53.00
CA TRP A 482 -4.92 11.04 -52.09
C TRP A 482 -3.57 11.75 -52.10
N ASN A 483 -3.05 12.04 -50.91
CA ASN A 483 -1.72 12.61 -50.77
C ASN A 483 -0.78 11.58 -50.17
N GLY A 484 0.51 11.88 -50.23
CA GLY A 484 1.52 11.03 -49.63
C GLY A 484 1.88 9.83 -50.48
N MET A 485 2.41 8.82 -49.80
CA MET A 485 2.82 7.58 -50.47
C MET A 485 1.63 6.89 -51.10
N VAL A 486 0.49 6.87 -50.41
CA VAL A 486 -0.71 6.32 -51.00
C VAL A 486 -1.12 7.12 -52.22
N GLY A 487 -0.94 8.44 -52.18
CA GLY A 487 -1.21 9.25 -53.35
C GLY A 487 -0.34 8.85 -54.52
N GLU A 488 0.95 8.65 -54.26
CA GLU A 488 1.86 8.24 -55.33
C GLU A 488 1.48 6.88 -55.89
N LEU A 489 1.07 5.95 -55.01
CA LEU A 489 0.78 4.60 -55.47
C LEU A 489 -0.53 4.55 -56.26
N VAL A 490 -1.55 5.26 -55.80
CA VAL A 490 -2.84 5.22 -56.48
C VAL A 490 -2.73 5.79 -57.89
N TYR A 491 -2.03 6.91 -58.03
CA TYR A 491 -2.00 7.65 -59.27
C TYR A 491 -0.89 7.19 -60.21
N GLY A 492 -0.28 6.04 -59.94
CA GLY A 492 0.69 5.45 -60.83
C GLY A 492 2.10 6.00 -60.70
N ARG A 493 2.33 6.95 -59.80
CA ARG A 493 3.67 7.48 -59.62
C ARG A 493 4.65 6.39 -59.20
N ALA A 494 4.28 5.60 -58.19
CA ALA A 494 5.13 4.57 -57.63
C ALA A 494 4.41 3.23 -57.70
N ASP A 495 5.16 2.17 -58.02
CA ASP A 495 4.61 0.83 -58.15
C ASP A 495 4.64 0.02 -56.86
N VAL A 496 5.31 0.52 -55.81
CA VAL A 496 5.44 -0.22 -54.55
C VAL A 496 5.69 0.79 -53.44
N ALA A 497 5.26 0.42 -52.23
CA ALA A 497 5.41 1.27 -51.05
C ALA A 497 5.87 0.41 -49.87
N VAL A 498 7.19 0.31 -49.70
CA VAL A 498 7.78 -0.50 -48.63
C VAL A 498 7.80 0.23 -47.29
N ALA A 499 7.22 1.41 -47.22
CA ALA A 499 7.27 2.21 -46.01
C ALA A 499 6.33 1.65 -44.94
N PRO A 500 6.47 2.11 -43.70
CA PRO A 500 5.53 1.70 -42.65
C PRO A 500 4.14 2.29 -42.84
N LEU A 501 3.41 1.76 -43.81
CA LEU A 501 2.03 2.15 -44.06
C LEU A 501 1.12 1.38 -43.12
N THR A 502 0.50 2.09 -42.18
CA THR A 502 -0.51 1.46 -41.34
C THR A 502 -1.69 1.03 -42.20
N ILE A 503 -2.29 -0.10 -41.84
CA ILE A 503 -3.38 -0.68 -42.61
C ILE A 503 -4.69 -0.21 -42.04
N THR A 504 -5.58 0.26 -42.91
CA THR A 504 -6.91 0.71 -42.51
C THR A 504 -7.91 0.35 -43.60
N LEU A 505 -9.19 0.46 -43.24
CA LEU A 505 -10.26 0.16 -44.18
C LEU A 505 -10.22 1.09 -45.39
N VAL A 506 -10.01 2.38 -45.16
CA VAL A 506 -10.12 3.35 -46.23
C VAL A 506 -9.05 3.13 -47.28
N ARG A 507 -7.81 2.89 -46.85
CA ARG A 507 -6.73 2.69 -47.81
C ARG A 507 -6.83 1.34 -48.50
N GLU A 508 -7.35 0.33 -47.80
CA GLU A 508 -7.42 -1.00 -48.38
C GLU A 508 -8.44 -1.09 -49.50
N GLU A 509 -9.36 -0.13 -49.60
CA GLU A 509 -10.35 -0.14 -50.67
C GLU A 509 -9.69 0.12 -52.03
N VAL A 510 -8.63 0.92 -52.06
CA VAL A 510 -8.08 1.41 -53.31
C VAL A 510 -6.74 0.79 -53.64
N ILE A 511 -6.00 0.30 -52.65
CA ILE A 511 -4.69 -0.31 -52.86
C ILE A 511 -4.70 -1.69 -52.22
N ASP A 512 -3.85 -2.56 -52.76
CA ASP A 512 -3.72 -3.93 -52.27
C ASP A 512 -2.59 -3.93 -51.26
N PHE A 513 -2.97 -3.96 -49.98
CA PHE A 513 -2.00 -4.20 -48.93
C PHE A 513 -1.54 -5.65 -48.95
N SER A 514 -0.39 -5.88 -48.33
CA SER A 514 0.12 -7.21 -48.09
C SER A 514 -0.09 -7.59 -46.64
N LYS A 515 0.30 -8.81 -46.30
CA LYS A 515 0.17 -9.25 -44.94
C LYS A 515 1.11 -8.46 -44.04
N PRO A 516 0.68 -8.08 -42.85
CA PRO A 516 1.52 -7.23 -42.00
C PRO A 516 2.84 -7.90 -41.67
N PHE A 517 3.89 -7.08 -41.63
CA PHE A 517 5.22 -7.54 -41.26
C PHE A 517 5.65 -7.00 -39.90
N MET A 518 4.78 -6.27 -39.21
CA MET A 518 5.08 -5.78 -37.89
C MET A 518 3.80 -5.30 -37.23
N SER A 519 3.76 -5.39 -35.91
CA SER A 519 2.61 -5.02 -35.12
C SER A 519 2.92 -3.77 -34.30
N LEU A 520 1.87 -3.12 -33.83
CA LEU A 520 2.01 -1.86 -33.11
C LEU A 520 0.66 -1.49 -32.52
N GLY A 521 0.62 -0.31 -31.92
CA GLY A 521 -0.61 0.26 -31.40
C GLY A 521 -0.41 1.71 -31.05
N ILE A 522 -1.52 2.40 -30.82
CA ILE A 522 -1.46 3.80 -30.40
C ILE A 522 -0.83 3.88 -29.02
N SER A 523 0.16 4.74 -28.88
CA SER A 523 0.97 4.85 -27.68
C SER A 523 1.16 6.31 -27.31
N ILE A 524 1.35 6.53 -26.01
CA ILE A 524 1.49 7.85 -25.42
C ILE A 524 2.94 8.06 -24.99
N MET A 525 3.51 9.18 -25.41
CA MET A 525 4.87 9.57 -25.08
C MET A 525 4.85 10.71 -24.07
N ILE A 526 5.83 10.71 -23.17
CA ILE A 526 6.02 11.79 -22.21
C ILE A 526 7.51 12.04 -22.04
N LYS A 527 7.87 13.27 -21.66
CA LYS A 527 9.26 13.57 -21.35
C LYS A 527 9.65 12.88 -20.04
N LYS A 528 10.82 12.27 -20.03
CA LYS A 528 11.25 11.48 -18.88
C LYS A 528 11.38 12.38 -17.66
N PRO A 529 10.67 12.11 -16.57
CA PRO A 529 10.81 12.94 -15.37
C PRO A 529 12.14 12.72 -14.69
N GLN A 530 12.44 13.60 -13.74
CA GLN A 530 13.70 13.51 -13.00
C GLN A 530 13.79 12.17 -12.29
N LYS A 531 14.91 11.48 -12.49
CA LYS A 531 15.09 10.16 -11.89
C LYS A 531 15.27 10.27 -10.38
N SER A 532 15.93 11.32 -9.91
CA SER A 532 16.28 11.46 -8.50
C SER A 532 17.15 10.31 -8.03
N LYS A 533 18.26 10.12 -8.74
CA LYS A 533 19.14 9.00 -8.48
C LYS A 533 19.73 9.12 -7.08
N PRO A 534 19.88 8.00 -6.36
CA PRO A 534 20.42 8.05 -5.00
C PRO A 534 21.93 8.03 -4.96
N GLY A 535 22.49 8.94 -4.18
CA GLY A 535 23.93 9.05 -4.03
C GLY A 535 24.49 8.03 -3.07
N VAL A 536 25.81 8.10 -2.89
CA VAL A 536 26.46 7.20 -1.94
C VAL A 536 26.01 7.53 -0.52
N PHE A 537 25.86 8.81 -0.22
CA PHE A 537 25.35 9.25 1.08
C PHE A 537 23.82 9.30 1.07
N SER A 538 23.22 8.20 0.66
CA SER A 538 21.77 8.07 0.67
C SER A 538 21.22 7.68 2.02
N PHE A 539 22.08 7.26 2.95
CA PHE A 539 21.63 6.85 4.26
C PHE A 539 21.37 8.01 5.20
N LEU A 540 21.80 9.22 4.84
CA LEU A 540 21.41 10.42 5.57
C LEU A 540 20.08 10.98 5.10
N ASP A 541 19.55 10.50 3.98
CA ASP A 541 18.31 11.04 3.45
C ASP A 541 17.17 11.02 4.47
N PRO A 542 16.99 9.99 5.29
CA PRO A 542 15.84 9.98 6.19
C PRO A 542 15.79 11.14 7.14
N LEU A 543 16.90 11.83 7.36
CA LEU A 543 16.95 13.00 8.21
C LEU A 543 17.57 14.16 7.44
N ALA A 544 17.09 15.36 7.73
CA ALA A 544 17.66 16.54 7.12
C ALA A 544 19.07 16.79 7.65
N TYR A 545 19.93 17.32 6.77
CA TYR A 545 21.28 17.66 7.18
C TYR A 545 21.26 18.60 8.37
N GLU A 546 20.22 19.42 8.46
CA GLU A 546 20.07 20.31 9.60
C GLU A 546 20.00 19.52 10.90
N ILE A 547 19.25 18.43 10.90
CA ILE A 547 19.14 17.60 12.09
C ILE A 547 20.49 17.01 12.46
N TRP A 548 21.23 16.50 11.46
CA TRP A 548 22.54 15.92 11.75
C TRP A 548 23.47 16.95 12.39
N MET A 549 23.52 18.15 11.82
CA MET A 549 24.47 19.13 12.32
C MET A 549 24.04 19.63 13.70
N CYS A 550 22.74 19.84 13.90
CA CYS A 550 22.28 20.23 15.23
C CYS A 550 22.49 19.11 16.24
N ILE A 551 22.46 17.86 15.77
CA ILE A 551 22.82 16.74 16.64
C ILE A 551 24.26 16.86 17.08
N VAL A 552 25.15 17.18 16.14
CA VAL A 552 26.57 17.34 16.49
C VAL A 552 26.72 18.45 17.52
N PHE A 553 26.07 19.58 17.29
CA PHE A 553 26.21 20.72 18.19
C PHE A 553 25.63 20.40 19.57
N ALA A 554 24.51 19.70 19.62
CA ALA A 554 23.94 19.27 20.89
C ALA A 554 24.87 18.30 21.61
N TYR A 555 25.50 17.41 20.86
CA TYR A 555 26.47 16.49 21.43
C TYR A 555 27.60 17.25 22.11
N ILE A 556 28.13 18.26 21.43
CA ILE A 556 29.18 19.07 22.03
C ILE A 556 28.66 19.77 23.28
N GLY A 557 27.49 20.37 23.19
CA GLY A 557 26.96 21.10 24.32
C GLY A 557 26.75 20.23 25.54
N VAL A 558 26.17 19.05 25.34
CA VAL A 558 25.87 18.16 26.44
C VAL A 558 27.16 17.60 27.03
N SER A 559 28.15 17.30 26.18
CA SER A 559 29.43 16.84 26.70
C SER A 559 30.08 17.90 27.57
N VAL A 560 30.07 19.15 27.12
CA VAL A 560 30.65 20.22 27.91
C VAL A 560 29.91 20.39 29.22
N VAL A 561 28.59 20.37 29.17
CA VAL A 561 27.79 20.53 30.40
C VAL A 561 28.10 19.40 31.37
N LEU A 562 28.27 18.19 30.86
CA LEU A 562 28.56 17.05 31.71
C LEU A 562 29.92 17.22 32.38
N PHE A 563 30.95 17.52 31.59
CA PHE A 563 32.26 17.80 32.14
C PHE A 563 32.17 18.84 33.24
N LEU A 564 31.45 19.92 32.97
CA LEU A 564 31.36 21.02 33.91
C LEU A 564 30.71 20.58 35.20
N VAL A 565 29.48 20.08 35.13
CA VAL A 565 28.74 19.74 36.34
C VAL A 565 29.50 18.69 37.14
N SER A 566 30.19 17.79 36.46
CA SER A 566 30.87 16.72 37.17
C SER A 566 32.14 17.22 37.85
N ARG A 567 32.85 18.16 37.23
CA ARG A 567 34.18 18.48 37.72
C ARG A 567 34.15 19.52 38.82
N PHE A 568 33.51 20.67 38.60
CA PHE A 568 33.66 21.76 39.57
C PHE A 568 32.98 21.35 40.87
N SER A 569 33.74 21.39 41.96
CA SER A 569 33.27 20.92 43.24
C SER A 569 32.02 21.66 43.69
N ASN A 591 36.61 12.00 40.13
CA ASN A 591 35.76 11.84 38.97
C ASN A 591 36.57 11.56 37.72
N GLU A 592 36.10 10.61 36.92
CA GLU A 592 36.71 10.29 35.63
C GLU A 592 36.05 11.04 34.48
N PHE A 593 35.10 11.92 34.77
CA PHE A 593 34.33 12.61 33.72
C PHE A 593 35.02 13.92 33.36
N GLY A 594 36.14 13.79 32.69
CA GLY A 594 36.75 14.91 32.01
C GLY A 594 36.04 15.19 30.71
N ILE A 595 36.57 16.20 30.00
CA ILE A 595 35.96 16.57 28.72
C ILE A 595 36.06 15.43 27.73
N PHE A 596 37.22 14.79 27.64
CA PHE A 596 37.42 13.73 26.67
C PHE A 596 36.52 12.54 26.98
N ASN A 597 36.51 12.11 28.24
CA ASN A 597 35.63 11.02 28.63
C ASN A 597 34.17 11.40 28.50
N SER A 598 33.83 12.68 28.72
CA SER A 598 32.46 13.11 28.51
C SER A 598 32.05 12.95 27.07
N LEU A 599 32.91 13.36 26.14
CA LEU A 599 32.60 13.19 24.73
C LEU A 599 32.45 11.71 24.38
N TRP A 600 33.34 10.88 24.92
CA TRP A 600 33.24 9.44 24.66
C TRP A 600 31.92 8.88 25.19
N PHE A 601 31.55 9.27 26.40
CA PHE A 601 30.33 8.77 27.01
C PHE A 601 29.12 9.16 26.18
N SER A 602 29.05 10.43 25.79
CA SER A 602 27.89 10.90 25.04
C SER A 602 27.83 10.26 23.66
N LEU A 603 28.97 10.04 23.04
CA LEU A 603 28.99 9.37 21.74
C LEU A 603 28.49 7.94 21.86
N GLY A 604 29.03 7.21 22.83
CA GLY A 604 28.60 5.84 23.03
C GLY A 604 27.13 5.74 23.37
N ALA A 605 26.63 6.72 24.13
CA ALA A 605 25.21 6.75 24.44
C ALA A 605 24.38 6.97 23.19
N PHE A 606 24.79 7.90 22.34
CA PHE A 606 24.05 8.13 21.10
C PHE A 606 24.03 6.88 20.24
N MET A 607 25.16 6.20 20.11
CA MET A 607 25.23 5.00 19.31
C MET A 607 24.67 3.78 20.01
N GLN A 608 24.31 3.89 21.28
CA GLN A 608 23.73 2.78 22.04
C GLN A 608 24.71 1.62 22.14
N GLN A 609 25.98 1.95 22.38
CA GLN A 609 27.03 0.97 22.54
C GLN A 609 27.55 0.91 23.96
N GLY A 610 26.84 1.53 24.89
CA GLY A 610 27.19 1.45 26.29
C GLY A 610 28.34 2.35 26.66
N CYS A 611 28.63 2.36 27.95
CA CYS A 611 29.62 3.26 28.52
C CYS A 611 30.51 2.50 29.49
N ASP A 612 31.81 2.74 29.40
CA ASP A 612 32.74 2.20 30.38
C ASP A 612 32.53 2.83 31.75
N ILE A 613 32.00 4.04 31.79
CA ILE A 613 31.73 4.77 33.03
C ILE A 613 30.36 5.41 32.93
N SER A 614 29.75 5.64 34.08
CA SER A 614 28.45 6.25 34.13
C SER A 614 28.39 7.29 35.25
N PRO A 615 27.60 8.33 35.10
CA PRO A 615 27.56 9.37 36.12
C PRO A 615 27.06 8.84 37.46
N ARG A 616 27.65 9.37 38.53
CA ARG A 616 27.21 9.07 39.88
C ARG A 616 26.52 10.25 40.55
N SER A 617 26.74 11.47 40.06
CA SER A 617 26.15 12.66 40.63
C SER A 617 24.75 12.88 40.10
N LEU A 618 24.02 13.77 40.78
CA LEU A 618 22.66 14.06 40.37
C LEU A 618 22.62 14.82 39.04
N SER A 619 23.45 15.84 38.92
CA SER A 619 23.45 16.65 37.70
C SER A 619 23.92 15.83 36.51
N GLY A 620 25.01 15.09 36.68
CA GLY A 620 25.47 14.24 35.60
C GLY A 620 24.44 13.22 35.20
N ARG A 621 23.67 12.72 36.17
CA ARG A 621 22.67 11.71 35.87
C ARG A 621 21.48 12.33 35.15
N ILE A 622 21.12 13.56 35.49
CA ILE A 622 20.09 14.26 34.74
C ILE A 622 20.52 14.44 33.29
N VAL A 623 21.76 14.90 33.10
CA VAL A 623 22.27 15.10 31.75
C VAL A 623 22.26 13.79 30.98
N GLY A 624 22.72 12.71 31.62
CA GLY A 624 22.73 11.43 30.95
C GLY A 624 21.35 10.95 30.58
N GLY A 625 20.39 11.10 31.48
CA GLY A 625 19.04 10.66 31.17
C GLY A 625 18.44 11.44 30.03
N VAL A 626 18.66 12.75 30.01
CA VAL A 626 18.11 13.57 28.94
C VAL A 626 18.75 13.22 27.61
N TRP A 627 20.07 13.02 27.59
CA TRP A 627 20.74 12.61 26.37
C TRP A 627 20.24 11.24 25.91
N TRP A 628 19.96 10.35 26.85
CA TRP A 628 19.41 9.05 26.52
C TRP A 628 18.05 9.18 25.85
N PHE A 629 17.19 10.03 26.41
CA PHE A 629 15.89 10.27 25.82
C PHE A 629 16.02 10.80 24.40
N PHE A 630 16.87 11.80 24.23
CA PHE A 630 17.09 12.38 22.91
C PHE A 630 17.57 11.32 21.92
N THR A 631 18.54 10.51 22.35
CA THR A 631 19.06 9.46 21.49
C THR A 631 17.96 8.49 21.09
N LEU A 632 17.17 8.05 22.06
CA LEU A 632 16.11 7.10 21.78
C LEU A 632 15.17 7.65 20.73
N ILE A 633 14.68 8.86 20.93
CA ILE A 633 13.73 9.46 20.00
C ILE A 633 14.35 9.56 18.61
N ILE A 634 15.57 10.08 18.55
CA ILE A 634 16.19 10.37 17.26
C ILE A 634 16.47 9.08 16.49
N ILE A 635 17.00 8.08 17.18
CA ILE A 635 17.35 6.84 16.50
C ILE A 635 16.09 6.11 16.05
N SER A 636 15.04 6.11 16.88
CA SER A 636 13.80 5.50 16.46
C SER A 636 13.25 6.18 15.22
N SER A 637 13.30 7.51 15.20
CA SER A 637 12.83 8.24 14.03
C SER A 637 13.64 7.87 12.80
N TYR A 638 14.96 7.81 12.93
CA TYR A 638 15.80 7.47 11.80
C TYR A 638 15.45 6.09 11.26
N THR A 639 15.33 5.11 12.15
CA THR A 639 15.05 3.74 11.69
C THR A 639 13.69 3.66 11.02
N ALA A 640 12.67 4.27 11.61
CA ALA A 640 11.34 4.21 11.02
C ALA A 640 11.31 4.87 9.66
N ASN A 641 11.89 6.07 9.56
CA ASN A 641 11.90 6.78 8.29
C ASN A 641 12.70 6.03 7.24
N LEU A 642 13.77 5.35 7.66
CA LEU A 642 14.55 4.56 6.72
C LEU A 642 13.75 3.37 6.20
N ALA A 643 13.02 2.72 7.09
CA ALA A 643 12.14 1.63 6.64
C ALA A 643 11.12 2.14 5.65
N ALA A 644 10.56 3.33 5.91
CA ALA A 644 9.65 3.93 4.95
C ALA A 644 10.34 4.20 3.62
N PHE A 645 11.57 4.70 3.66
CA PHE A 645 12.30 4.97 2.42
C PHE A 645 12.49 3.72 1.60
N LEU A 646 13.03 2.67 2.21
CA LEU A 646 13.41 1.48 1.47
C LEU A 646 12.21 0.68 0.97
N THR A 647 11.02 0.95 1.49
CA THR A 647 9.80 0.28 1.06
C THR A 647 8.96 1.19 0.16
N VAL A 648 9.63 2.00 -0.65
CA VAL A 648 8.95 2.98 -1.49
C VAL A 648 9.80 3.24 -2.73
N GLU A 649 9.12 3.36 -3.88
CA GLU A 649 9.77 3.70 -5.13
C GLU A 649 8.88 4.68 -5.89
N ARG A 650 9.51 5.49 -6.74
CA ARG A 650 8.80 6.54 -7.50
C ARG A 650 8.32 5.96 -8.83
N MET A 651 7.28 5.14 -8.74
CA MET A 651 6.68 4.51 -9.92
C MET A 651 5.41 5.20 -10.41
N VAL A 652 4.99 6.29 -9.74
CA VAL A 652 3.73 6.94 -10.12
C VAL A 652 3.88 7.62 -11.46
N SER A 653 2.89 7.39 -12.36
CA SER A 653 2.92 7.98 -13.69
C SER A 653 1.99 9.19 -13.76
N PRO A 654 2.34 10.22 -14.54
CA PRO A 654 1.46 11.40 -14.60
C PRO A 654 0.06 11.10 -15.07
N ILE A 655 -0.10 10.21 -16.06
CA ILE A 655 -1.42 9.92 -16.63
C ILE A 655 -1.75 8.45 -16.40
N GLU A 656 -0.95 7.56 -16.97
CA GLU A 656 -1.09 6.11 -16.78
C GLU A 656 -2.35 5.55 -17.42
N SER A 657 -3.03 6.33 -18.25
CA SER A 657 -4.23 5.84 -18.92
C SER A 657 -4.63 6.81 -20.01
N ALA A 658 -5.51 6.33 -20.90
CA ALA A 658 -6.01 7.18 -21.98
C ALA A 658 -6.94 8.26 -21.44
N GLU A 659 -7.89 7.87 -20.59
CA GLU A 659 -8.75 8.86 -19.95
C GLU A 659 -7.94 9.81 -19.07
N ASP A 660 -6.75 9.38 -18.66
CA ASP A 660 -5.87 10.27 -17.90
C ASP A 660 -5.50 11.50 -18.73
N LEU A 661 -5.26 11.31 -20.03
CA LEU A 661 -5.03 12.45 -20.90
C LEU A 661 -6.27 13.32 -21.02
N ALA A 662 -7.44 12.70 -21.14
CA ALA A 662 -8.68 13.47 -21.32
C ALA A 662 -8.98 14.35 -20.12
N LYS A 663 -8.87 13.79 -18.92
CA LYS A 663 -9.25 14.55 -17.72
C LYS A 663 -8.44 15.84 -17.60
N GLN A 664 -7.11 15.74 -17.74
CA GLN A 664 -6.26 16.89 -17.50
C GLN A 664 -6.30 17.85 -18.67
N THR A 665 -5.83 19.08 -18.42
CA THR A 665 -5.77 20.11 -19.44
C THR A 665 -4.45 20.86 -19.47
N GLU A 666 -3.65 20.81 -18.40
CA GLU A 666 -2.35 21.48 -18.43
C GLU A 666 -1.46 20.92 -19.52
N ILE A 667 -1.54 19.61 -19.75
CA ILE A 667 -0.77 18.95 -20.81
C ILE A 667 -1.70 18.72 -21.99
N ALA A 668 -1.26 19.14 -23.17
CA ALA A 668 -2.07 19.01 -24.37
C ALA A 668 -1.58 17.83 -25.20
N TYR A 669 -2.52 17.02 -25.66
CA TYR A 669 -2.21 15.84 -26.47
C TYR A 669 -2.71 16.03 -27.90
N GLY A 670 -1.84 15.69 -28.84
CA GLY A 670 -2.17 15.80 -30.25
C GLY A 670 -1.46 14.73 -31.05
N THR A 671 -1.77 14.69 -32.34
CA THR A 671 -1.31 13.65 -33.24
C THR A 671 -0.51 14.25 -34.39
N LEU A 672 -0.23 13.41 -35.38
CA LEU A 672 0.44 13.83 -36.60
C LEU A 672 -0.60 13.97 -37.70
N GLU A 673 -0.65 15.15 -38.32
CA GLU A 673 -1.58 15.38 -39.42
C GLU A 673 -1.21 14.51 -40.61
N ALA A 674 -2.22 13.94 -41.25
CA ALA A 674 -2.06 13.01 -42.36
C ALA A 674 -1.56 11.64 -41.89
N GLY A 675 -1.88 11.26 -40.66
CA GLY A 675 -1.45 10.00 -40.10
C GLY A 675 -2.64 9.18 -39.64
N SER A 676 -2.51 7.85 -39.77
CA SER A 676 -3.65 6.97 -39.57
C SER A 676 -4.31 7.19 -38.21
N THR A 677 -3.53 7.58 -37.21
CA THR A 677 -4.10 7.81 -35.89
C THR A 677 -5.08 8.98 -35.91
N LYS A 678 -4.81 9.99 -36.73
CA LYS A 678 -5.75 11.10 -36.85
C LYS A 678 -7.10 10.62 -37.35
N GLU A 679 -7.11 9.78 -38.40
CA GLU A 679 -8.37 9.21 -38.86
C GLU A 679 -8.99 8.31 -37.81
N PHE A 680 -8.18 7.53 -37.11
CA PHE A 680 -8.72 6.63 -36.10
C PHE A 680 -9.48 7.40 -35.03
N PHE A 681 -8.93 8.54 -34.61
CA PHE A 681 -9.63 9.39 -33.66
C PHE A 681 -10.85 10.05 -34.31
N ARG A 682 -10.72 10.42 -35.59
CA ARG A 682 -11.80 11.13 -36.27
C ARG A 682 -13.04 10.26 -36.39
N ARG A 683 -12.86 8.97 -36.65
CA ARG A 683 -13.96 8.05 -36.88
C ARG A 683 -14.30 7.20 -35.67
N SER A 684 -13.73 7.51 -34.51
CA SER A 684 -13.98 6.72 -33.31
C SER A 684 -15.43 6.85 -32.87
N LYS A 685 -15.92 5.82 -32.18
CA LYS A 685 -17.29 5.78 -31.68
C LYS A 685 -17.31 5.52 -30.17
N ILE A 686 -16.23 5.90 -29.48
CA ILE A 686 -16.13 5.74 -28.04
C ILE A 686 -16.16 7.11 -27.39
N ALA A 687 -16.56 7.14 -26.12
CA ALA A 687 -16.58 8.40 -25.38
C ALA A 687 -15.19 9.00 -25.27
N VAL A 688 -14.21 8.20 -24.87
CA VAL A 688 -12.87 8.71 -24.65
C VAL A 688 -12.28 9.23 -25.96
N PHE A 689 -12.44 8.45 -27.03
CA PHE A 689 -11.89 8.87 -28.32
C PHE A 689 -12.65 10.06 -28.89
N GLU A 690 -13.97 10.10 -28.68
CA GLU A 690 -14.74 11.27 -29.11
C GLU A 690 -14.25 12.53 -28.41
N LYS A 691 -14.03 12.43 -27.10
CA LYS A 691 -13.54 13.59 -26.35
C LYS A 691 -12.14 13.99 -26.81
N MET A 692 -11.28 13.00 -27.06
CA MET A 692 -9.93 13.30 -27.53
C MET A 692 -9.98 13.99 -28.89
N TRP A 693 -10.86 13.53 -29.77
CA TRP A 693 -10.97 14.15 -31.09
C TRP A 693 -11.51 15.56 -30.98
N THR A 694 -12.49 15.77 -30.10
CA THR A 694 -13.03 17.11 -29.89
C THR A 694 -11.94 18.05 -29.41
N TYR A 695 -11.17 17.61 -28.41
CA TYR A 695 -10.09 18.45 -27.90
C TYR A 695 -9.06 18.74 -28.98
N MET A 696 -8.66 17.71 -29.74
CA MET A 696 -7.61 17.91 -30.74
C MET A 696 -8.05 18.84 -31.85
N LYS A 697 -9.30 18.69 -32.32
CA LYS A 697 -9.78 19.53 -33.40
C LYS A 697 -10.04 20.96 -32.95
N SER A 698 -10.21 21.17 -31.65
CA SER A 698 -10.45 22.50 -31.10
C SER A 698 -9.34 22.89 -30.14
N ALA A 699 -8.10 22.62 -30.53
CA ALA A 699 -6.93 22.88 -29.70
C ALA A 699 -6.23 24.13 -30.20
N GLU A 700 -6.04 25.10 -29.33
CA GLU A 700 -5.37 26.35 -29.66
C GLU A 700 -4.15 26.51 -28.74
N PRO A 701 -2.92 26.54 -29.28
CA PRO A 701 -2.56 26.43 -30.69
C PRO A 701 -2.71 25.01 -31.22
N SER A 702 -2.55 24.84 -32.54
CA SER A 702 -2.75 23.55 -33.18
C SER A 702 -1.81 22.49 -32.58
N VAL A 703 -2.39 21.48 -31.94
CA VAL A 703 -1.60 20.39 -31.38
C VAL A 703 -0.97 19.56 -32.49
N PHE A 704 -1.66 19.44 -33.62
CA PHE A 704 -1.17 18.61 -34.71
C PHE A 704 0.21 19.08 -35.16
N VAL A 705 1.09 18.13 -35.45
CA VAL A 705 2.46 18.42 -35.81
C VAL A 705 2.69 18.03 -37.26
N ARG A 706 3.73 18.63 -37.84
CA ARG A 706 4.06 18.34 -39.23
C ARG A 706 4.75 17.00 -39.40
N THR A 707 5.48 16.55 -38.37
CA THR A 707 6.28 15.34 -38.50
C THR A 707 6.53 14.79 -37.10
N THR A 708 6.91 13.51 -37.05
CA THR A 708 7.09 12.85 -35.76
C THR A 708 8.18 13.54 -34.93
N GLU A 709 9.30 13.89 -35.57
CA GLU A 709 10.33 14.63 -34.86
C GLU A 709 9.78 15.93 -34.29
N GLU A 710 8.82 16.55 -34.97
CA GLU A 710 8.22 17.78 -34.45
C GLU A 710 7.58 17.52 -33.09
N GLY A 711 6.76 16.47 -32.99
CA GLY A 711 6.13 16.15 -31.72
C GLY A 711 7.13 15.70 -30.67
N MET A 712 8.15 14.95 -31.09
CA MET A 712 9.19 14.53 -30.16
C MET A 712 9.88 15.72 -29.53
N ILE A 713 10.23 16.71 -30.35
CA ILE A 713 10.87 17.91 -29.82
C ILE A 713 9.87 18.72 -28.99
N ARG A 714 8.60 18.76 -29.42
CA ARG A 714 7.59 19.48 -28.67
C ARG A 714 7.47 18.95 -27.25
N VAL A 715 7.45 17.63 -27.10
CA VAL A 715 7.40 17.05 -25.76
C VAL A 715 8.73 17.26 -25.04
N ARG A 716 9.84 17.11 -25.76
CA ARG A 716 11.15 17.29 -25.16
C ARG A 716 11.39 18.74 -24.72
N LYS A 717 10.72 19.70 -25.35
CA LYS A 717 10.86 21.10 -25.00
C LYS A 717 9.54 21.72 -24.54
N SER A 718 8.59 20.89 -24.12
CA SER A 718 7.32 21.39 -23.59
C SER A 718 7.33 21.54 -22.08
N LYS A 719 8.42 21.20 -21.42
CA LYS A 719 8.48 21.20 -19.96
C LYS A 719 7.31 20.41 -19.38
N GLY A 720 7.06 19.24 -19.97
CA GLY A 720 5.94 18.43 -19.57
C GLY A 720 4.60 19.06 -19.90
N LYS A 721 4.48 19.60 -21.11
CA LYS A 721 3.24 20.23 -21.56
C LYS A 721 2.60 19.53 -22.76
N TYR A 722 3.33 18.68 -23.48
CA TYR A 722 2.81 17.98 -24.65
C TYR A 722 2.82 16.48 -24.40
N ALA A 723 1.81 15.81 -24.94
CA ALA A 723 1.64 14.35 -24.83
C ALA A 723 1.42 13.81 -26.25
N TYR A 724 2.50 13.53 -26.96
CA TYR A 724 2.41 13.06 -28.33
C TYR A 724 1.82 11.66 -28.39
N LEU A 725 0.90 11.45 -29.33
CA LEU A 725 0.29 10.15 -29.58
C LEU A 725 0.85 9.62 -30.89
N LEU A 726 1.44 8.43 -30.86
CA LEU A 726 2.10 7.91 -32.04
C LEU A 726 2.02 6.39 -32.00
N GLU A 727 2.88 5.74 -32.79
CA GLU A 727 2.92 4.30 -32.83
C GLU A 727 3.99 3.76 -31.89
N SER A 728 3.73 2.57 -31.36
CA SER A 728 4.58 2.01 -30.31
C SER A 728 6.01 1.82 -30.79
N THR A 729 6.20 1.50 -32.07
CA THR A 729 7.54 1.25 -32.57
C THR A 729 8.42 2.49 -32.44
N MET A 730 7.94 3.62 -32.95
CA MET A 730 8.72 4.86 -32.86
C MET A 730 8.94 5.26 -31.42
N ASN A 731 7.91 5.10 -30.57
CA ASN A 731 8.05 5.45 -29.17
C ASN A 731 9.14 4.63 -28.51
N GLU A 732 9.18 3.33 -28.78
CA GLU A 732 10.20 2.48 -28.20
C GLU A 732 11.59 2.87 -28.72
N TYR A 733 11.71 3.07 -30.03
CA TYR A 733 13.01 3.45 -30.58
C TYR A 733 13.52 4.73 -29.93
N ILE A 734 12.65 5.72 -29.79
CA ILE A 734 13.07 7.00 -29.23
C ILE A 734 13.41 6.85 -27.75
N GLU A 735 12.60 6.10 -27.01
CA GLU A 735 12.88 5.85 -25.61
C GLU A 735 14.17 5.05 -25.44
N GLN A 736 14.67 4.44 -26.50
CA GLN A 736 15.94 3.73 -26.43
C GLN A 736 17.12 4.58 -26.85
N ARG A 737 16.93 5.52 -27.76
CA ARG A 737 18.03 6.31 -28.30
C ARG A 737 18.39 7.46 -27.36
N LYS A 738 19.70 7.75 -27.30
CA LYS A 738 20.17 8.84 -26.47
C LYS A 738 19.58 10.16 -26.97
N PRO A 739 19.19 11.09 -26.07
CA PRO A 739 19.32 11.06 -24.61
C PRO A 739 18.41 10.04 -23.92
N CYS A 740 17.54 9.39 -24.70
CA CYS A 740 16.51 8.50 -24.17
C CYS A 740 15.88 9.12 -22.93
N ASP A 741 15.53 10.40 -23.05
CA ASP A 741 14.85 11.15 -21.99
C ASP A 741 13.35 11.19 -22.20
N THR A 742 12.78 10.17 -22.84
CA THR A 742 11.34 10.08 -23.05
C THR A 742 10.87 8.68 -22.67
N MET A 743 9.61 8.60 -22.25
CA MET A 743 9.03 7.36 -21.76
C MET A 743 7.68 7.12 -22.40
N LYS A 744 7.33 5.85 -22.54
CA LYS A 744 6.03 5.42 -23.00
C LYS A 744 5.15 5.12 -21.79
N VAL A 745 3.90 5.59 -21.84
CA VAL A 745 2.98 5.44 -20.73
C VAL A 745 1.74 4.71 -21.18
N GLY A 746 1.26 3.80 -20.32
CA GLY A 746 0.02 3.10 -20.57
C GLY A 746 0.15 2.00 -21.58
N GLY A 747 -0.96 1.31 -21.78
CA GLY A 747 -1.05 0.24 -22.76
C GLY A 747 -1.57 0.76 -24.09
N ASN A 748 -1.19 0.07 -25.17
CA ASN A 748 -1.61 0.48 -26.49
C ASN A 748 -3.14 0.53 -26.56
N LEU A 749 -3.67 1.63 -27.08
CA LEU A 749 -5.11 1.81 -27.13
C LEU A 749 -5.75 0.77 -28.05
N ASP A 750 -5.16 0.57 -29.22
CA ASP A 750 -5.67 -0.39 -30.20
C ASP A 750 -4.50 -1.12 -30.83
N SER A 751 -4.83 -2.17 -31.59
CA SER A 751 -3.84 -3.04 -32.19
C SER A 751 -3.97 -3.01 -33.70
N LYS A 752 -2.85 -2.81 -34.38
CA LYS A 752 -2.80 -2.87 -35.83
C LYS A 752 -1.35 -3.07 -36.23
N GLY A 753 -1.09 -3.11 -37.53
CA GLY A 753 0.24 -3.38 -38.02
C GLY A 753 0.50 -2.70 -39.34
N TYR A 754 1.79 -2.53 -39.63
CA TYR A 754 2.22 -2.00 -40.92
C TYR A 754 1.91 -3.01 -42.01
N GLY A 755 2.25 -2.64 -43.24
CA GLY A 755 2.03 -3.51 -44.36
C GLY A 755 2.59 -2.97 -45.66
N ILE A 756 2.94 -3.86 -46.55
CA ILE A 756 3.46 -3.49 -47.86
C ILE A 756 2.28 -3.29 -48.80
N ALA A 757 2.35 -2.24 -49.60
CA ALA A 757 1.24 -1.82 -50.44
C ALA A 757 1.62 -1.87 -51.91
N THR A 758 0.64 -2.13 -52.74
CA THR A 758 0.78 -2.10 -54.19
C THR A 758 -0.51 -1.52 -54.78
N PRO A 759 -0.47 -1.07 -56.02
CA PRO A 759 -1.68 -0.54 -56.64
C PRO A 759 -2.73 -1.63 -56.86
N LYS A 760 -3.99 -1.24 -56.75
CA LYS A 760 -5.07 -2.17 -57.01
C LYS A 760 -4.97 -2.71 -58.43
N GLY A 761 -5.05 -4.03 -58.56
CA GLY A 761 -4.91 -4.68 -59.85
C GLY A 761 -3.48 -4.97 -60.25
N SER A 762 -2.51 -4.57 -59.44
CA SER A 762 -1.11 -4.83 -59.77
C SER A 762 -0.82 -6.32 -59.71
N ALA A 763 0.10 -6.76 -60.57
CA ALA A 763 0.50 -8.17 -60.59
C ALA A 763 1.46 -8.52 -59.46
N LEU A 764 2.04 -7.51 -58.80
CA LEU A 764 3.03 -7.75 -57.77
C LEU A 764 2.42 -8.18 -56.43
N ARG A 765 1.10 -8.04 -56.27
CA ARG A 765 0.49 -8.33 -54.97
C ARG A 765 0.71 -9.78 -54.56
N GLY A 766 0.57 -10.71 -55.50
CA GLY A 766 0.61 -12.11 -55.19
C GLY A 766 1.88 -12.52 -54.48
N PRO A 767 3.01 -12.48 -55.20
CA PRO A 767 4.26 -12.97 -54.60
C PRO A 767 4.69 -12.21 -53.36
N VAL A 768 4.40 -10.92 -53.27
CA VAL A 768 4.90 -10.13 -52.15
C VAL A 768 4.42 -10.72 -50.84
N ASN A 769 3.11 -10.95 -50.71
CA ASN A 769 2.60 -11.64 -49.53
C ASN A 769 3.46 -12.87 -49.24
N LEU A 770 3.62 -13.73 -50.23
CA LEU A 770 4.40 -14.94 -50.02
C LEU A 770 5.76 -14.60 -49.44
N ALA A 771 6.47 -13.69 -50.09
CA ALA A 771 7.79 -13.31 -49.60
C ALA A 771 7.71 -12.90 -48.14
N VAL A 772 6.77 -12.02 -47.81
CA VAL A 772 6.65 -11.55 -46.44
C VAL A 772 6.54 -12.74 -45.50
N LEU A 773 5.65 -13.68 -45.83
CA LEU A 773 5.46 -14.83 -44.95
C LEU A 773 6.76 -15.59 -44.78
N LYS A 774 7.46 -15.84 -45.88
CA LYS A 774 8.76 -16.49 -45.79
C LYS A 774 9.58 -15.84 -44.68
N LEU A 775 9.74 -14.53 -44.78
CA LEU A 775 10.59 -13.83 -43.82
C LEU A 775 10.12 -14.08 -42.40
N SER A 776 8.82 -13.95 -42.16
CA SER A 776 8.31 -14.12 -40.81
C SER A 776 8.58 -15.54 -40.32
N GLU A 777 8.46 -16.52 -41.21
CA GLU A 777 8.70 -17.89 -40.80
C GLU A 777 10.17 -18.24 -40.79
N GLN A 778 11.03 -17.38 -41.35
CA GLN A 778 12.46 -17.63 -41.34
C GLN A 778 13.18 -16.88 -40.23
N GLY A 779 12.44 -16.14 -39.39
CA GLY A 779 13.05 -15.37 -38.34
C GLY A 779 13.72 -14.10 -38.80
N VAL A 780 13.62 -13.78 -40.08
CA VAL A 780 14.35 -12.64 -40.63
C VAL A 780 13.86 -11.35 -40.01
N LEU A 781 12.55 -11.13 -40.03
CA LEU A 781 12.00 -9.88 -39.52
C LEU A 781 12.32 -9.72 -38.05
N ASP A 782 12.34 -10.82 -37.30
CA ASP A 782 12.71 -10.74 -35.90
C ASP A 782 14.15 -10.26 -35.74
N LYS A 783 15.05 -10.80 -36.56
CA LYS A 783 16.45 -10.38 -36.49
C LYS A 783 16.59 -8.90 -36.84
N LEU A 784 15.88 -8.46 -37.87
CA LEU A 784 15.96 -7.06 -38.28
C LEU A 784 15.43 -6.14 -37.18
N LYS A 785 14.29 -6.50 -36.59
CA LYS A 785 13.73 -5.72 -35.49
C LYS A 785 14.71 -5.64 -34.34
N SER A 786 15.26 -6.78 -33.93
CA SER A 786 16.21 -6.79 -32.84
C SER A 786 17.41 -5.91 -33.16
N LYS A 787 17.93 -6.01 -34.38
CA LYS A 787 19.10 -5.24 -34.76
C LYS A 787 18.83 -3.74 -34.69
N TRP A 788 17.73 -3.29 -35.29
CA TRP A 788 17.49 -1.86 -35.39
C TRP A 788 16.82 -1.27 -34.16
N TRP A 789 16.43 -2.09 -33.17
CA TRP A 789 15.80 -1.56 -31.97
C TRP A 789 16.57 -1.84 -30.68
N TYR A 790 17.48 -2.79 -30.66
CA TYR A 790 18.12 -3.19 -29.42
C TYR A 790 19.65 -3.18 -29.47
N ASP A 791 20.24 -3.52 -30.62
CA ASP A 791 21.70 -3.62 -30.68
C ASP A 791 22.35 -2.27 -30.39
N LYS A 792 21.75 -1.18 -30.88
CA LYS A 792 22.33 0.15 -30.64
C LYS A 792 22.52 0.39 -29.15
N GLY A 793 21.49 0.11 -28.36
CA GLY A 793 21.57 0.20 -26.91
C GLY A 793 22.28 1.43 -26.38
N GLU A 794 21.73 2.62 -26.67
CA GLU A 794 22.35 3.85 -26.17
C GLU A 794 22.37 3.89 -24.65
N CYS A 795 21.20 3.68 -24.03
CA CYS A 795 21.10 3.60 -22.57
C CYS A 795 20.36 2.32 -22.21
N GLY A 796 20.87 1.63 -21.19
CA GLY A 796 20.33 0.33 -20.82
C GLY A 796 19.21 0.41 -19.80
N SER A 797 18.69 1.61 -19.56
CA SER A 797 17.60 1.78 -18.60
C SER A 797 16.33 1.10 -19.10
N LYS A 805 9.45 -8.70 -5.40
CA LYS A 805 9.53 -7.26 -5.66
C LYS A 805 10.65 -6.62 -4.85
N THR A 806 10.67 -6.89 -3.54
CA THR A 806 11.72 -6.37 -2.68
C THR A 806 13.08 -6.87 -3.17
N SER A 807 14.03 -5.95 -3.25
CA SER A 807 15.36 -6.24 -3.79
C SER A 807 16.42 -5.90 -2.76
N ALA A 808 17.44 -6.75 -2.67
CA ALA A 808 18.52 -6.53 -1.74
C ALA A 808 19.22 -5.21 -2.00
N LEU A 809 19.86 -4.68 -0.96
CA LEU A 809 20.62 -3.45 -1.10
C LEU A 809 21.88 -3.67 -1.91
N SER A 810 22.19 -2.71 -2.77
CA SER A 810 23.41 -2.72 -3.54
C SER A 810 24.50 -1.93 -2.81
N LEU A 811 25.74 -2.31 -3.07
CA LEU A 811 26.86 -1.65 -2.42
C LEU A 811 26.90 -0.15 -2.72
N SER A 812 26.25 0.28 -3.80
CA SER A 812 26.21 1.70 -4.12
C SER A 812 25.40 2.48 -3.09
N ASN A 813 24.33 1.88 -2.57
CA ASN A 813 23.47 2.58 -1.63
C ASN A 813 24.21 2.96 -0.36
N VAL A 814 25.22 2.18 0.02
CA VAL A 814 25.81 2.28 1.34
C VAL A 814 27.34 2.36 1.28
N ALA A 815 27.87 2.85 0.16
CA ALA A 815 29.33 2.94 0.05
C ALA A 815 29.89 4.14 0.79
N GLY A 816 29.08 5.18 0.97
CA GLY A 816 29.59 6.37 1.65
C GLY A 816 30.07 6.08 3.05
N VAL A 817 29.36 5.20 3.75
CA VAL A 817 29.78 4.86 5.12
C VAL A 817 31.11 4.11 5.08
N PHE A 818 31.32 3.28 4.06
CA PHE A 818 32.61 2.62 3.91
C PHE A 818 33.71 3.66 3.68
N TYR A 819 33.46 4.67 2.85
CA TYR A 819 34.44 5.71 2.64
C TYR A 819 34.72 6.44 3.94
N ILE A 820 33.68 6.72 4.72
CA ILE A 820 33.85 7.36 6.02
C ILE A 820 34.72 6.51 6.92
N LEU A 821 34.47 5.20 6.92
CA LEU A 821 35.26 4.29 7.74
C LEU A 821 36.73 4.34 7.35
N ILE A 822 37.02 4.31 6.04
CA ILE A 822 38.41 4.37 5.61
C ILE A 822 39.04 5.69 6.02
N GLY A 823 38.31 6.79 5.86
CA GLY A 823 38.83 8.07 6.28
C GLY A 823 39.15 8.09 7.77
N GLY A 824 38.26 7.52 8.58
CA GLY A 824 38.50 7.48 10.01
C GLY A 824 39.69 6.63 10.37
N LEU A 825 39.86 5.49 9.70
CA LEU A 825 41.02 4.66 9.96
C LEU A 825 42.32 5.38 9.62
N GLY A 826 42.34 6.06 8.48
CA GLY A 826 43.53 6.81 8.12
C GLY A 826 43.83 7.91 9.12
N LEU A 827 42.78 8.64 9.52
CA LEU A 827 42.95 9.69 10.52
C LEU A 827 43.46 9.13 11.83
N ALA A 828 42.97 7.95 12.21
CA ALA A 828 43.43 7.32 13.44
C ALA A 828 44.90 6.97 13.36
N MET A 829 45.33 6.42 12.22
CA MET A 829 46.75 6.12 12.07
C MET A 829 47.59 7.39 12.15
N LEU A 830 47.13 8.46 11.50
CA LEU A 830 47.84 9.73 11.53
C LEU A 830 47.98 10.25 12.96
N VAL A 831 46.88 10.21 13.73
CA VAL A 831 46.93 10.68 15.10
C VAL A 831 47.81 9.77 15.95
N ALA A 832 47.83 8.48 15.65
CA ALA A 832 48.74 7.58 16.36
C ALA A 832 50.18 8.00 16.13
N LEU A 833 50.51 8.33 14.88
CA LEU A 833 51.86 8.79 14.57
C LEU A 833 52.18 10.07 15.34
N ILE A 834 51.23 11.00 15.36
CA ILE A 834 51.45 12.27 16.06
C ILE A 834 51.69 12.02 17.55
N GLU A 835 50.88 11.16 18.15
CA GLU A 835 51.04 10.87 19.57
C GLU A 835 52.35 10.16 19.83
N PHE A 836 52.79 9.31 18.90
CA PHE A 836 54.07 8.64 19.03
C PHE A 836 55.20 9.65 19.03
N CYS A 837 55.17 10.60 18.10
CA CYS A 837 56.19 11.63 18.07
C CYS A 837 56.17 12.47 19.35
N TYR A 838 54.99 12.85 19.82
CA TYR A 838 54.89 13.65 21.03
C TYR A 838 55.45 12.89 22.23
N LYS A 839 55.11 11.61 22.36
CA LYS A 839 55.60 10.82 23.48
C LYS A 839 57.11 10.66 23.41
N SER A 840 57.64 10.47 22.21
CA SER A 840 59.09 10.35 22.07
C SER A 840 59.79 11.62 22.54
N ARG A 841 59.25 12.79 22.18
CA ARG A 841 59.83 14.05 22.59
C ARG A 841 59.20 14.54 23.89
N LYS B 414 -47.53 25.97 -28.36
CA LYS B 414 -46.91 24.66 -28.54
C LYS B 414 -45.68 24.52 -27.64
N THR B 415 -44.77 25.48 -27.75
CA THR B 415 -43.58 25.48 -26.93
C THR B 415 -43.96 25.71 -25.46
N VAL B 416 -43.17 25.14 -24.56
CA VAL B 416 -43.41 25.23 -23.12
C VAL B 416 -42.49 26.30 -22.55
N VAL B 417 -43.02 27.06 -21.59
CA VAL B 417 -42.25 28.11 -20.92
C VAL B 417 -41.47 27.46 -19.78
N VAL B 418 -40.15 27.37 -19.93
CA VAL B 418 -39.28 26.74 -18.96
C VAL B 418 -38.52 27.81 -18.20
N THR B 419 -38.66 27.80 -16.88
CA THR B 419 -37.97 28.73 -16.01
C THR B 419 -36.75 28.06 -15.39
N THR B 420 -35.68 28.83 -15.21
CA THR B 420 -34.45 28.32 -14.60
C THR B 420 -33.69 29.47 -13.96
N ILE B 421 -32.59 29.12 -13.29
CA ILE B 421 -31.61 30.08 -12.78
C ILE B 421 -30.23 29.51 -13.01
N LEU B 422 -29.24 30.39 -13.09
CA LEU B 422 -27.85 30.00 -13.29
C LEU B 422 -27.23 29.70 -11.93
N GLU B 423 -27.54 28.51 -11.42
CA GLU B 423 -26.93 27.97 -10.22
C GLU B 423 -26.13 26.74 -10.67
N SER B 424 -24.85 26.94 -10.91
CA SER B 424 -24.04 25.85 -11.44
C SER B 424 -23.99 24.70 -10.44
N PRO B 425 -23.82 23.46 -10.92
CA PRO B 425 -23.70 23.06 -12.33
C PRO B 425 -25.04 22.79 -12.99
N TYR B 426 -26.13 23.21 -12.34
CA TYR B 426 -27.45 22.92 -12.87
C TYR B 426 -27.70 23.66 -14.17
N VAL B 427 -27.44 24.97 -14.19
CA VAL B 427 -27.58 25.78 -15.40
C VAL B 427 -26.38 26.71 -15.47
N MET B 428 -25.67 26.68 -16.59
CA MET B 428 -24.52 27.55 -16.78
C MET B 428 -24.28 27.75 -18.26
N MET B 429 -23.95 28.99 -18.63
CA MET B 429 -23.80 29.34 -20.03
C MET B 429 -22.56 28.71 -20.62
N LYS B 430 -22.62 28.42 -21.91
CA LYS B 430 -21.47 27.89 -22.63
C LYS B 430 -20.40 28.96 -22.79
N LYS B 431 -19.16 28.50 -22.99
CA LYS B 431 -18.07 29.41 -23.29
C LYS B 431 -18.29 30.04 -24.68
N ASN B 432 -17.95 31.32 -24.78
CA ASN B 432 -18.12 32.06 -26.04
C ASN B 432 -19.55 31.97 -26.53
N HIS B 433 -20.51 32.10 -25.61
CA HIS B 433 -21.92 32.02 -25.95
C HIS B 433 -22.40 33.19 -26.79
N GLU B 434 -21.58 34.23 -26.96
CA GLU B 434 -22.00 35.37 -27.77
C GLU B 434 -22.40 34.92 -29.18
N MET B 435 -21.75 33.87 -29.69
CA MET B 435 -22.08 33.32 -31.00
C MET B 435 -23.09 32.18 -30.92
N LEU B 436 -23.61 31.88 -29.74
CA LEU B 436 -24.59 30.82 -29.54
C LEU B 436 -25.98 31.42 -29.47
N GLU B 437 -26.93 30.77 -30.13
CA GLU B 437 -28.33 31.22 -30.15
C GLU B 437 -29.24 30.02 -29.93
N GLY B 438 -30.46 30.31 -29.47
CA GLY B 438 -31.40 29.27 -29.14
C GLY B 438 -31.19 28.74 -27.73
N ASN B 439 -31.79 27.58 -27.48
CA ASN B 439 -31.59 26.90 -26.20
C ASN B 439 -30.18 26.33 -26.06
N GLU B 440 -29.39 26.31 -27.13
CA GLU B 440 -28.06 25.72 -27.09
C GLU B 440 -27.08 26.50 -26.23
N ARG B 441 -27.36 27.77 -25.94
CA ARG B 441 -26.44 28.58 -25.16
C ARG B 441 -26.39 28.18 -23.70
N TYR B 442 -27.29 27.30 -23.26
CA TYR B 442 -27.36 26.85 -21.88
C TYR B 442 -26.92 25.39 -21.80
N GLU B 443 -26.00 25.11 -20.88
CA GLU B 443 -25.56 23.74 -20.60
C GLU B 443 -25.61 23.51 -19.10
N GLY B 444 -25.83 22.25 -18.72
CA GLY B 444 -25.89 21.91 -17.31
C GLY B 444 -26.70 20.64 -17.10
N TYR B 445 -27.11 20.45 -15.85
CA TYR B 445 -27.86 19.27 -15.45
C TYR B 445 -29.36 19.47 -15.69
N CYS B 446 -29.89 20.62 -15.28
CA CYS B 446 -31.31 20.85 -15.42
C CYS B 446 -31.71 21.03 -16.88
N VAL B 447 -30.83 21.58 -17.72
CA VAL B 447 -31.14 21.70 -19.14
C VAL B 447 -31.30 20.30 -19.75
N ASP B 448 -30.37 19.41 -19.43
CA ASP B 448 -30.51 18.04 -19.88
C ASP B 448 -31.81 17.44 -19.38
N LEU B 449 -32.08 17.59 -18.08
CA LEU B 449 -33.27 16.99 -17.51
C LEU B 449 -34.52 17.46 -18.24
N ALA B 450 -34.65 18.77 -18.45
CA ALA B 450 -35.79 19.29 -19.18
C ALA B 450 -35.85 18.69 -20.57
N ALA B 451 -34.68 18.45 -21.18
CA ALA B 451 -34.67 17.80 -22.49
C ALA B 451 -35.36 16.45 -22.44
N GLU B 452 -34.95 15.58 -21.52
CA GLU B 452 -35.57 14.26 -21.48
C GLU B 452 -37.03 14.33 -21.05
N ILE B 453 -37.38 15.27 -20.17
CA ILE B 453 -38.77 15.39 -19.76
C ILE B 453 -39.65 15.77 -20.95
N ALA B 454 -39.22 16.75 -21.73
CA ALA B 454 -39.99 17.13 -22.91
C ALA B 454 -40.01 15.99 -23.93
N LYS B 455 -38.92 15.24 -24.02
CA LYS B 455 -38.90 14.08 -24.91
C LYS B 455 -39.98 13.08 -24.53
N HIS B 456 -39.98 12.65 -23.25
CA HIS B 456 -40.94 11.65 -22.81
C HIS B 456 -42.36 12.16 -22.95
N CYS B 457 -42.61 13.39 -22.49
CA CYS B 457 -43.93 13.96 -22.62
C CYS B 457 -44.21 14.45 -24.04
N GLY B 458 -43.17 14.82 -24.77
CA GLY B 458 -43.29 15.17 -26.17
C GLY B 458 -43.35 16.66 -26.46
N PHE B 459 -43.64 17.48 -25.46
CA PHE B 459 -43.83 18.90 -25.71
C PHE B 459 -42.52 19.55 -26.15
N LYS B 460 -42.60 20.83 -26.48
CA LYS B 460 -41.45 21.65 -26.82
C LYS B 460 -41.27 22.74 -25.78
N TYR B 461 -40.02 23.16 -25.59
CA TYR B 461 -39.67 24.06 -24.50
C TYR B 461 -38.71 25.14 -24.98
N LYS B 462 -38.81 26.31 -24.35
CA LYS B 462 -37.85 27.39 -24.52
C LYS B 462 -37.28 27.74 -23.15
N LEU B 463 -35.95 27.64 -23.02
CA LEU B 463 -35.30 27.86 -21.73
C LEU B 463 -35.20 29.36 -21.44
N THR B 464 -35.78 29.79 -20.33
CA THR B 464 -35.84 31.19 -19.96
C THR B 464 -35.38 31.40 -18.53
N ILE B 465 -34.62 32.46 -18.33
CA ILE B 465 -34.12 32.83 -17.00
C ILE B 465 -35.09 33.81 -16.36
N VAL B 466 -35.01 33.97 -15.05
CA VAL B 466 -35.83 34.92 -14.32
C VAL B 466 -35.04 36.21 -14.16
N GLY B 467 -35.69 37.34 -14.45
CA GLY B 467 -35.03 38.63 -14.27
C GLY B 467 -34.65 38.89 -12.82
N ASP B 468 -35.56 38.58 -11.89
CA ASP B 468 -35.28 38.79 -10.48
C ASP B 468 -34.14 37.92 -9.99
N GLY B 469 -33.79 36.87 -10.72
CA GLY B 469 -32.67 36.02 -10.33
C GLY B 469 -32.83 35.37 -8.98
N LYS B 470 -34.05 35.06 -8.58
CA LYS B 470 -34.35 34.51 -7.28
C LYS B 470 -35.10 33.19 -7.43
N TYR B 471 -34.83 32.26 -6.52
CA TYR B 471 -35.49 30.96 -6.59
C TYR B 471 -36.98 31.10 -6.31
N GLY B 472 -37.33 31.79 -5.23
CA GLY B 472 -38.71 32.10 -4.93
C GLY B 472 -38.95 32.22 -3.45
N ALA B 473 -39.92 33.06 -3.10
CA ALA B 473 -40.34 33.25 -1.71
C ALA B 473 -41.58 34.14 -1.72
N ARG B 474 -42.11 34.39 -0.53
CA ARG B 474 -43.27 35.23 -0.36
C ARG B 474 -42.96 36.33 0.64
N ASP B 475 -43.52 37.51 0.41
CA ASP B 475 -43.35 38.64 1.31
C ASP B 475 -44.47 38.63 2.34
N ALA B 476 -44.09 38.56 3.62
CA ALA B 476 -45.08 38.40 4.68
C ALA B 476 -46.06 39.56 4.77
N ASP B 477 -45.73 40.72 4.21
CA ASP B 477 -46.60 41.89 4.24
C ASP B 477 -47.47 41.98 3.01
N THR B 478 -46.87 41.92 1.81
CA THR B 478 -47.62 42.01 0.57
C THR B 478 -48.30 40.70 0.18
N LYS B 479 -47.87 39.58 0.77
CA LYS B 479 -48.41 38.27 0.38
C LYS B 479 -48.21 38.03 -1.12
N ILE B 480 -47.08 38.48 -1.64
CA ILE B 480 -46.76 38.37 -3.06
C ILE B 480 -45.64 37.36 -3.23
N TRP B 481 -45.63 36.72 -4.40
CA TRP B 481 -44.68 35.66 -4.72
C TRP B 481 -43.63 36.17 -5.69
N ASN B 482 -42.37 35.81 -5.43
CA ASN B 482 -41.23 36.25 -6.20
C ASN B 482 -40.58 35.09 -6.91
N GLY B 483 -39.77 35.41 -7.92
CA GLY B 483 -38.99 34.38 -8.58
C GLY B 483 -39.86 33.36 -9.30
N MET B 484 -39.39 32.12 -9.29
CA MET B 484 -40.04 31.05 -10.05
C MET B 484 -41.47 30.82 -9.57
N VAL B 485 -41.67 30.80 -8.26
CA VAL B 485 -43.00 30.54 -7.73
C VAL B 485 -43.98 31.62 -8.16
N GLY B 486 -43.57 32.89 -8.06
CA GLY B 486 -44.41 33.96 -8.53
C GLY B 486 -44.67 33.86 -10.02
N GLU B 487 -43.65 33.49 -10.79
CA GLU B 487 -43.83 33.35 -12.22
C GLU B 487 -44.88 32.29 -12.55
N LEU B 488 -44.74 31.10 -11.98
CA LEU B 488 -45.65 30.01 -12.31
C LEU B 488 -47.05 30.31 -11.81
N VAL B 489 -47.19 30.86 -10.60
CA VAL B 489 -48.52 31.13 -10.07
C VAL B 489 -49.20 32.23 -10.86
N TYR B 490 -48.45 33.24 -11.30
CA TYR B 490 -49.02 34.40 -11.96
C TYR B 490 -49.08 34.25 -13.48
N GLY B 491 -48.72 33.09 -14.01
CA GLY B 491 -48.94 32.77 -15.41
C GLY B 491 -47.82 33.10 -16.34
N LYS B 492 -46.75 33.74 -15.87
CA LYS B 492 -45.65 34.09 -16.76
C LYS B 492 -44.94 32.88 -17.33
N ALA B 493 -45.18 31.69 -16.78
CA ALA B 493 -44.57 30.46 -17.28
C ALA B 493 -45.47 29.29 -16.94
N ASP B 494 -44.99 28.09 -17.22
CA ASP B 494 -45.78 26.87 -17.06
C ASP B 494 -45.06 25.73 -16.38
N ILE B 495 -43.75 25.81 -16.19
CA ILE B 495 -42.97 24.70 -15.66
C ILE B 495 -41.63 25.24 -15.18
N ALA B 496 -40.99 24.50 -14.26
CA ALA B 496 -39.69 24.89 -13.72
C ALA B 496 -38.84 23.64 -13.56
N ILE B 497 -38.04 23.34 -14.57
CA ILE B 497 -37.02 22.28 -14.49
C ILE B 497 -35.78 22.96 -13.92
N ALA B 498 -35.75 23.08 -12.60
CA ALA B 498 -34.77 23.90 -11.91
C ALA B 498 -34.29 23.22 -10.63
N PRO B 499 -33.25 23.74 -9.98
CA PRO B 499 -32.88 23.24 -8.64
C PRO B 499 -33.74 23.86 -7.55
N LEU B 500 -35.06 23.77 -7.74
CA LEU B 500 -36.02 24.32 -6.81
C LEU B 500 -36.24 23.33 -5.67
N THR B 501 -36.36 23.86 -4.47
CA THR B 501 -36.46 23.03 -3.28
C THR B 501 -37.91 22.91 -2.82
N ILE B 502 -38.30 21.70 -2.48
CA ILE B 502 -39.66 21.44 -2.04
C ILE B 502 -39.83 21.92 -0.61
N THR B 503 -41.03 22.38 -0.30
CA THR B 503 -41.37 22.81 1.05
C THR B 503 -42.87 22.90 1.17
N LEU B 504 -43.33 22.97 2.42
CA LEU B 504 -44.77 22.99 2.69
C LEU B 504 -45.43 24.18 2.01
N VAL B 505 -44.85 25.36 2.16
CA VAL B 505 -45.54 26.59 1.75
C VAL B 505 -45.76 26.60 0.25
N ARG B 506 -44.74 26.23 -0.51
CA ARG B 506 -44.86 26.28 -1.97
C ARG B 506 -45.82 25.23 -2.50
N GLU B 507 -45.91 24.07 -1.83
CA GLU B 507 -46.89 23.08 -2.25
C GLU B 507 -48.32 23.57 -2.09
N GLU B 508 -48.58 24.40 -1.09
CA GLU B 508 -49.93 24.91 -0.90
C GLU B 508 -50.42 25.67 -2.12
N VAL B 509 -49.49 26.22 -2.91
CA VAL B 509 -49.85 27.08 -4.02
C VAL B 509 -49.53 26.46 -5.38
N ILE B 510 -48.58 25.56 -5.46
CA ILE B 510 -48.21 24.90 -6.71
C ILE B 510 -48.00 23.42 -6.46
N ASP B 511 -47.97 22.66 -7.54
CA ASP B 511 -47.86 21.21 -7.49
C ASP B 511 -46.44 20.81 -7.86
N PHE B 512 -45.77 20.14 -6.94
CA PHE B 512 -44.43 19.64 -7.18
C PHE B 512 -44.50 18.22 -7.73
N SER B 513 -43.34 17.71 -8.09
CA SER B 513 -43.19 16.34 -8.54
C SER B 513 -42.45 15.53 -7.49
N LYS B 514 -42.14 14.30 -7.83
CA LYS B 514 -41.29 13.50 -6.97
C LYS B 514 -39.86 13.97 -7.11
N PRO B 515 -39.12 14.13 -6.02
CA PRO B 515 -37.78 14.71 -6.12
C PRO B 515 -36.89 13.90 -7.06
N PHE B 516 -36.08 14.63 -7.83
CA PHE B 516 -35.14 14.03 -8.75
C PHE B 516 -33.72 14.00 -8.20
N MET B 517 -33.48 14.67 -7.08
CA MET B 517 -32.24 14.49 -6.35
C MET B 517 -32.45 14.92 -4.91
N SER B 518 -31.72 14.27 -4.02
CA SER B 518 -31.84 14.51 -2.58
C SER B 518 -30.70 15.38 -2.11
N LEU B 519 -30.92 16.05 -0.99
CA LEU B 519 -29.98 17.03 -0.49
C LEU B 519 -30.24 17.27 0.99
N GLY B 520 -29.44 18.15 1.55
CA GLY B 520 -29.67 18.66 2.88
C GLY B 520 -28.87 19.92 3.09
N ILE B 521 -29.32 20.72 4.05
CA ILE B 521 -28.58 21.91 4.41
C ILE B 521 -27.22 21.51 4.94
N SER B 522 -26.24 22.40 4.77
CA SER B 522 -24.88 22.13 5.16
C SER B 522 -24.15 23.45 5.29
N ILE B 523 -22.93 23.39 5.82
CA ILE B 523 -22.17 24.56 6.23
C ILE B 523 -20.89 24.60 5.41
N MET B 524 -20.53 25.80 4.97
CA MET B 524 -19.38 26.05 4.13
C MET B 524 -18.43 26.98 4.84
N ILE B 525 -17.16 26.60 4.90
CA ILE B 525 -16.14 27.39 5.59
C ILE B 525 -14.87 27.42 4.77
N LYS B 526 -13.98 28.34 5.13
CA LYS B 526 -12.67 28.42 4.49
C LYS B 526 -11.79 27.27 4.97
N LYS B 527 -11.09 26.64 4.05
CA LYS B 527 -10.26 25.50 4.41
C LYS B 527 -9.08 25.95 5.27
N PRO B 528 -8.95 25.47 6.50
CA PRO B 528 -7.83 25.91 7.34
C PRO B 528 -6.50 25.40 6.82
N GLN B 529 -5.44 26.15 7.12
CA GLN B 529 -4.10 25.69 6.81
C GLN B 529 -3.78 24.43 7.62
N LYS B 530 -3.12 23.47 6.98
CA LYS B 530 -2.86 22.20 7.64
C LYS B 530 -2.04 22.40 8.90
N SER B 531 -2.52 21.84 10.00
CA SER B 531 -1.86 21.97 11.29
C SER B 531 -0.57 21.17 11.26
N LYS B 532 0.56 21.86 11.18
CA LYS B 532 1.84 21.18 11.23
C LYS B 532 1.97 20.44 12.57
N PRO B 533 2.55 19.24 12.56
CA PRO B 533 2.58 18.46 13.79
C PRO B 533 3.27 19.22 14.92
N GLY B 534 2.70 19.09 16.12
CA GLY B 534 3.09 19.94 17.21
C GLY B 534 4.20 19.39 18.06
N VAL B 535 4.78 20.28 18.85
CA VAL B 535 5.72 19.86 19.88
C VAL B 535 5.08 18.76 20.71
N PHE B 536 5.91 17.83 21.18
CA PHE B 536 5.47 16.65 21.91
C PHE B 536 4.76 15.64 21.01
N SER B 537 4.94 15.74 19.69
CA SER B 537 4.36 14.78 18.78
C SER B 537 4.91 13.38 18.99
N PHE B 538 6.04 13.23 19.66
CA PHE B 538 6.64 11.92 19.86
C PHE B 538 5.92 11.09 20.90
N LEU B 539 5.00 11.67 21.67
CA LEU B 539 4.18 10.91 22.59
C LEU B 539 2.93 10.36 21.93
N ASP B 540 2.65 10.75 20.71
CA ASP B 540 1.39 10.35 20.06
C ASP B 540 1.26 8.85 19.92
N PRO B 541 2.25 8.11 19.41
CA PRO B 541 2.03 6.68 19.13
C PRO B 541 1.62 5.86 20.33
N LEU B 542 1.67 6.42 21.53
CA LEU B 542 1.21 5.73 22.72
C LEU B 542 0.17 6.61 23.43
N ALA B 543 -0.90 5.97 23.89
CA ALA B 543 -1.92 6.68 24.64
C ALA B 543 -1.38 7.15 25.99
N TYR B 544 -1.91 8.27 26.45
CA TYR B 544 -1.44 8.88 27.70
C TYR B 544 -1.59 7.92 28.87
N GLU B 545 -2.60 7.05 28.82
CA GLU B 545 -2.74 6.05 29.87
C GLU B 545 -1.56 5.11 29.89
N ILE B 546 -1.04 4.76 28.70
CA ILE B 546 0.15 3.92 28.65
C ILE B 546 1.33 4.62 29.29
N TRP B 547 1.49 5.91 29.01
CA TRP B 547 2.60 6.66 29.62
C TRP B 547 2.46 6.71 31.14
N MET B 548 1.24 6.92 31.64
CA MET B 548 1.03 6.94 33.08
C MET B 548 1.38 5.59 33.70
N CYS B 549 0.91 4.51 33.07
CA CYS B 549 1.24 3.19 33.57
C CYS B 549 2.73 2.91 33.50
N ILE B 550 3.39 3.42 32.46
CA ILE B 550 4.84 3.26 32.34
C ILE B 550 5.55 3.94 33.50
N VAL B 551 5.13 5.16 33.82
CA VAL B 551 5.74 5.87 34.93
C VAL B 551 5.51 5.12 36.24
N PHE B 552 4.29 4.65 36.44
CA PHE B 552 3.99 3.90 37.66
C PHE B 552 4.84 2.64 37.74
N ALA B 553 5.01 1.95 36.61
CA ALA B 553 5.81 0.73 36.60
C ALA B 553 7.28 1.02 36.86
N TYR B 554 7.79 2.12 36.31
CA TYR B 554 9.16 2.52 36.61
C TYR B 554 9.35 2.74 38.10
N ILE B 555 8.43 3.49 38.71
CA ILE B 555 8.50 3.73 40.14
C ILE B 555 8.43 2.42 40.90
N GLY B 556 7.50 1.55 40.52
CA GLY B 556 7.31 0.31 41.25
C GLY B 556 8.50 -0.61 41.14
N VAL B 557 9.09 -0.72 39.95
CA VAL B 557 10.25 -1.57 39.77
C VAL B 557 11.41 -1.05 40.60
N SER B 558 11.63 0.27 40.59
CA SER B 558 12.72 0.82 41.37
C SER B 558 12.51 0.55 42.85
N VAL B 559 11.27 0.73 43.34
CA VAL B 559 10.98 0.49 44.74
C VAL B 559 11.19 -0.98 45.09
N VAL B 560 10.71 -1.88 44.25
CA VAL B 560 10.84 -3.30 44.55
C VAL B 560 12.30 -3.70 44.59
N LEU B 561 13.08 -3.25 43.61
CA LEU B 561 14.51 -3.52 43.63
C LEU B 561 15.15 -2.99 44.90
N PHE B 562 14.75 -1.78 45.31
CA PHE B 562 15.28 -1.17 46.52
C PHE B 562 15.00 -2.05 47.74
N LEU B 563 13.74 -2.42 47.93
CA LEU B 563 13.37 -3.22 49.09
C LEU B 563 14.08 -4.56 49.06
N VAL B 564 14.10 -5.21 47.91
CA VAL B 564 14.69 -6.54 47.82
C VAL B 564 16.18 -6.49 48.15
N SER B 565 16.87 -5.47 47.64
CA SER B 565 18.31 -5.38 47.87
C SER B 565 18.67 -4.85 49.24
N ARG B 566 17.75 -4.17 49.93
CA ARG B 566 18.00 -3.86 51.33
C ARG B 566 17.73 -5.06 52.24
N PHE B 567 16.55 -5.66 52.12
CA PHE B 567 16.17 -6.73 53.04
C PHE B 567 17.03 -7.98 52.83
N SER B 568 17.18 -8.43 51.59
CA SER B 568 17.85 -9.69 51.30
C SER B 568 18.97 -9.46 50.28
N PRO B 569 20.10 -8.92 50.74
CA PRO B 569 21.24 -8.71 49.84
C PRO B 569 22.15 -9.93 49.78
N TYR B 570 23.02 -9.94 48.78
CA TYR B 570 23.96 -11.02 48.58
C TYR B 570 25.16 -10.86 49.51
N GLU B 591 26.04 -0.69 45.39
CA GLU B 591 24.87 -1.01 46.19
C GLU B 591 23.62 -0.37 45.59
N PHE B 592 22.48 -1.00 45.79
CA PHE B 592 21.23 -0.60 45.14
C PHE B 592 20.37 0.18 46.11
N GLY B 593 20.66 1.47 46.23
CA GLY B 593 19.77 2.38 46.89
C GLY B 593 18.59 2.72 46.01
N ILE B 594 17.78 3.66 46.50
CA ILE B 594 16.65 4.12 45.72
C ILE B 594 17.13 4.92 44.50
N PHE B 595 18.12 5.78 44.70
CA PHE B 595 18.65 6.60 43.62
C PHE B 595 19.27 5.72 42.54
N ASN B 596 20.18 4.84 42.94
CA ASN B 596 20.81 3.96 41.97
C ASN B 596 19.82 2.99 41.33
N SER B 597 18.79 2.58 42.08
CA SER B 597 17.77 1.73 41.50
C SER B 597 16.99 2.45 40.41
N LEU B 598 16.63 3.71 40.65
CA LEU B 598 15.97 4.50 39.63
C LEU B 598 16.89 4.66 38.43
N TRP B 599 18.17 4.89 38.67
CA TRP B 599 19.12 5.02 37.58
C TRP B 599 19.17 3.75 36.74
N PHE B 600 19.23 2.60 37.40
CA PHE B 600 19.29 1.33 36.68
C PHE B 600 18.04 1.12 35.85
N SER B 601 16.87 1.35 36.43
CA SER B 601 15.63 1.18 35.68
C SER B 601 15.56 2.11 34.48
N LEU B 602 15.94 3.37 34.68
CA LEU B 602 15.93 4.32 33.58
C LEU B 602 16.88 3.90 32.47
N GLY B 603 18.09 3.46 32.84
CA GLY B 603 19.03 3.01 31.84
C GLY B 603 18.52 1.82 31.08
N ALA B 604 17.88 0.88 31.78
CA ALA B 604 17.32 -0.29 31.12
C ALA B 604 16.22 0.11 30.15
N PHE B 605 15.42 1.13 30.51
CA PHE B 605 14.33 1.52 29.63
C PHE B 605 14.83 2.12 28.33
N MET B 606 15.98 2.79 28.35
CA MET B 606 16.51 3.48 27.18
C MET B 606 17.58 2.66 26.47
N ARG B 607 17.71 1.37 26.78
CA ARG B 607 18.65 0.49 26.11
C ARG B 607 20.09 0.88 26.36
N GLN B 608 20.35 1.49 27.52
CA GLN B 608 21.70 1.79 27.97
C GLN B 608 21.95 1.04 29.27
N GLY B 609 23.02 0.27 29.30
CA GLY B 609 23.35 -0.48 30.49
C GLY B 609 24.15 0.34 31.48
N CYS B 610 23.70 0.34 32.73
CA CYS B 610 24.43 1.06 33.77
C CYS B 610 25.59 0.21 34.26
N ASP B 611 26.48 0.86 35.01
CA ASP B 611 27.68 0.18 35.49
C ASP B 611 27.34 -0.97 36.42
N ILE B 612 26.35 -0.81 37.28
CA ILE B 612 26.02 -1.81 38.28
C ILE B 612 24.94 -2.73 37.74
N SER B 613 25.03 -4.00 38.11
CA SER B 613 24.02 -4.99 37.82
C SER B 613 23.68 -5.77 39.08
N PRO B 614 22.44 -6.20 39.24
CA PRO B 614 22.07 -6.95 40.43
C PRO B 614 22.82 -8.27 40.51
N ARG B 615 23.07 -8.72 41.74
CA ARG B 615 23.74 -9.97 42.00
C ARG B 615 22.85 -10.99 42.67
N SER B 616 21.69 -10.59 43.17
CA SER B 616 20.77 -11.50 43.84
C SER B 616 19.71 -11.99 42.87
N LEU B 617 19.22 -13.21 43.13
CA LEU B 617 18.21 -13.80 42.28
C LEU B 617 16.94 -12.94 42.25
N SER B 618 16.54 -12.42 43.40
CA SER B 618 15.32 -11.63 43.48
C SER B 618 15.45 -10.34 42.69
N GLY B 619 16.61 -9.68 42.77
CA GLY B 619 16.83 -8.49 41.97
C GLY B 619 16.93 -8.83 40.49
N ARG B 620 17.57 -9.94 40.16
CA ARG B 620 17.76 -10.31 38.77
C ARG B 620 16.45 -10.66 38.09
N ILE B 621 15.49 -11.22 38.83
CA ILE B 621 14.17 -11.48 38.25
C ILE B 621 13.51 -10.16 37.86
N VAL B 622 13.59 -9.17 38.74
CA VAL B 622 13.02 -7.87 38.45
C VAL B 622 13.70 -7.26 37.24
N GLY B 623 15.03 -7.37 37.19
CA GLY B 623 15.74 -6.87 36.03
C GLY B 623 15.30 -7.53 34.75
N GLY B 624 15.13 -8.86 34.77
CA GLY B 624 14.70 -9.56 33.58
C GLY B 624 13.33 -9.12 33.10
N VAL B 625 12.38 -9.01 34.01
CA VAL B 625 11.04 -8.62 33.59
C VAL B 625 11.02 -7.18 33.11
N TRP B 626 11.80 -6.31 33.75
CA TRP B 626 11.91 -4.95 33.28
C TRP B 626 12.51 -4.91 31.88
N TRP B 627 13.52 -5.73 31.63
CA TRP B 627 14.15 -5.80 30.32
C TRP B 627 13.15 -6.24 29.26
N PHE B 628 12.38 -7.28 29.55
CA PHE B 628 11.37 -7.74 28.61
C PHE B 628 10.33 -6.66 28.35
N PHE B 629 9.88 -6.00 29.41
CA PHE B 629 8.92 -4.92 29.30
C PHE B 629 9.44 -3.82 28.38
N THR B 630 10.69 -3.42 28.58
CA THR B 630 11.29 -2.38 27.76
C THR B 630 11.39 -2.81 26.31
N LEU B 631 11.85 -4.04 26.07
CA LEU B 631 11.95 -4.54 24.71
C LEU B 631 10.61 -4.40 24.00
N ILE B 632 9.56 -4.91 24.63
CA ILE B 632 8.25 -4.89 24.00
C ILE B 632 7.79 -3.45 23.75
N ILE B 633 7.86 -2.62 24.79
CA ILE B 633 7.31 -1.28 24.69
C ILE B 633 8.07 -0.46 23.66
N ILE B 634 9.39 -0.51 23.68
CA ILE B 634 10.17 0.28 22.75
C ILE B 634 10.00 -0.20 21.33
N SER B 635 9.90 -1.52 21.12
CA SER B 635 9.65 -2.01 19.77
C SER B 635 8.31 -1.51 19.27
N SER B 636 7.28 -1.57 20.11
CA SER B 636 5.97 -1.08 19.70
C SER B 636 6.02 0.40 19.38
N TYR B 637 6.69 1.18 20.22
CA TYR B 637 6.78 2.62 19.99
C TYR B 637 7.51 2.93 18.69
N THR B 638 8.63 2.25 18.44
CA THR B 638 9.42 2.51 17.26
C THR B 638 8.72 2.07 15.99
N ALA B 639 7.89 1.05 16.07
CA ALA B 639 7.25 0.52 14.86
C ALA B 639 6.45 1.60 14.15
N ASN B 640 5.56 2.27 14.86
CA ASN B 640 4.58 3.20 14.29
C ASN B 640 4.97 4.65 14.51
N LEU B 641 6.25 4.99 14.43
CA LEU B 641 6.70 6.32 14.77
C LEU B 641 6.82 7.24 13.57
N ALA B 642 7.02 6.69 12.38
CA ALA B 642 7.13 7.54 11.19
C ALA B 642 5.82 8.27 10.92
N ALA B 643 4.69 7.56 11.05
CA ALA B 643 3.41 8.16 10.75
C ALA B 643 3.16 9.39 11.60
N PHE B 644 3.31 9.26 12.92
CA PHE B 644 2.89 10.30 13.84
C PHE B 644 3.79 11.53 13.80
N LEU B 645 4.90 11.48 13.07
CA LEU B 645 5.80 12.64 12.99
C LEU B 645 5.50 13.52 11.79
N THR B 646 5.11 12.95 10.66
CA THR B 646 4.93 13.70 9.43
C THR B 646 3.47 14.03 9.12
N VAL B 647 2.51 13.42 9.81
CA VAL B 647 1.11 13.65 9.49
C VAL B 647 0.70 15.04 9.95
N GLU B 648 0.07 15.78 9.06
CA GLU B 648 -0.56 17.06 9.39
C GLU B 648 -2.06 16.86 9.43
N ARG B 649 -2.70 17.30 10.51
CA ARG B 649 -4.12 17.09 10.74
C ARG B 649 -4.87 18.39 10.49
N MET B 650 -5.91 18.31 9.66
CA MET B 650 -6.78 19.45 9.38
C MET B 650 -7.93 19.42 10.38
N VAL B 651 -8.03 20.46 11.20
CA VAL B 651 -9.05 20.56 12.23
C VAL B 651 -9.73 21.91 12.08
N SER B 652 -11.05 21.91 12.15
CA SER B 652 -11.80 23.15 12.04
C SER B 652 -12.28 23.62 13.40
N PRO B 653 -12.35 24.94 13.61
CA PRO B 653 -12.90 25.43 14.88
C PRO B 653 -14.33 25.03 15.14
N ILE B 654 -15.12 24.83 14.09
CA ILE B 654 -16.49 24.35 14.21
C ILE B 654 -16.53 22.93 13.66
N GLU B 655 -17.13 22.02 14.43
CA GLU B 655 -17.31 20.63 14.01
C GLU B 655 -18.78 20.26 13.84
N SER B 656 -19.70 21.19 14.10
CA SER B 656 -21.13 20.92 13.97
C SER B 656 -21.87 22.24 14.10
N ALA B 657 -23.20 22.17 14.01
CA ALA B 657 -24.01 23.38 14.10
C ALA B 657 -24.01 23.95 15.51
N GLU B 658 -24.01 23.09 16.52
CA GLU B 658 -23.97 23.57 17.89
C GLU B 658 -22.70 24.35 18.15
N ASP B 659 -21.56 23.84 17.67
CA ASP B 659 -20.31 24.56 17.82
C ASP B 659 -20.35 25.91 17.11
N LEU B 660 -21.16 26.01 16.05
CA LEU B 660 -21.31 27.28 15.35
C LEU B 660 -22.14 28.25 16.17
N SER B 661 -23.25 27.76 16.73
CA SER B 661 -24.11 28.62 17.54
C SER B 661 -23.38 29.13 18.77
N LYS B 662 -22.56 28.27 19.38
CA LYS B 662 -21.80 28.69 20.55
C LYS B 662 -20.85 29.84 20.21
N GLN B 663 -20.19 29.76 19.05
CA GLN B 663 -19.21 30.77 18.65
C GLN B 663 -19.93 31.94 18.00
N THR B 664 -19.94 33.09 18.68
CA THR B 664 -20.58 34.28 18.15
C THR B 664 -19.65 35.13 17.29
N GLU B 665 -18.33 35.04 17.51
CA GLU B 665 -17.40 35.81 16.71
C GLU B 665 -17.48 35.39 15.24
N ILE B 666 -17.58 34.10 14.98
CA ILE B 666 -17.73 33.60 13.62
C ILE B 666 -19.13 33.89 13.11
N ALA B 667 -19.22 34.45 11.92
CA ALA B 667 -20.48 34.91 11.35
C ALA B 667 -20.97 33.92 10.30
N TYR B 668 -22.28 33.68 10.30
CA TYR B 668 -22.91 32.76 9.35
C TYR B 668 -24.16 33.40 8.76
N GLY B 669 -24.38 33.16 7.48
CA GLY B 669 -25.53 33.70 6.79
C GLY B 669 -26.02 32.75 5.72
N THR B 670 -27.15 33.12 5.11
CA THR B 670 -27.82 32.30 4.11
C THR B 670 -28.24 33.19 2.94
N LEU B 671 -28.73 32.54 1.89
CA LEU B 671 -29.32 33.26 0.78
C LEU B 671 -30.57 34.00 1.26
N ASP B 672 -30.82 35.18 0.70
CA ASP B 672 -31.85 36.06 1.24
C ASP B 672 -33.24 35.45 1.06
N SER B 673 -33.56 35.01 -0.15
CA SER B 673 -34.86 34.42 -0.45
C SER B 673 -34.62 32.97 -0.87
N GLY B 674 -34.90 32.04 0.03
CA GLY B 674 -34.68 30.65 -0.23
C GLY B 674 -35.36 29.80 0.81
N SER B 675 -35.44 28.50 0.51
CA SER B 675 -35.99 27.56 1.47
C SER B 675 -35.19 27.55 2.75
N THR B 676 -33.92 27.92 2.70
CA THR B 676 -33.09 27.91 3.90
C THR B 676 -33.53 29.00 4.87
N LYS B 677 -33.68 30.23 4.37
CA LYS B 677 -34.12 31.32 5.23
C LYS B 677 -35.52 31.07 5.77
N GLU B 678 -36.42 30.59 4.92
CA GLU B 678 -37.77 30.28 5.39
C GLU B 678 -37.75 29.18 6.43
N PHE B 679 -36.92 28.15 6.22
CA PHE B 679 -36.84 27.04 7.15
C PHE B 679 -36.34 27.51 8.51
N PHE B 680 -35.32 28.37 8.52
CA PHE B 680 -34.86 28.92 9.78
C PHE B 680 -35.93 29.80 10.42
N ARG B 681 -36.64 30.59 9.62
CA ARG B 681 -37.63 31.51 10.15
C ARG B 681 -38.82 30.77 10.76
N ARG B 682 -39.27 29.71 10.09
CA ARG B 682 -40.43 28.97 10.53
C ARG B 682 -40.10 27.84 11.50
N SER B 683 -38.84 27.71 11.87
CA SER B 683 -38.43 26.61 12.74
C SER B 683 -38.94 26.81 14.15
N LYS B 684 -38.97 25.71 14.90
CA LYS B 684 -39.37 25.72 16.30
C LYS B 684 -38.34 25.07 17.22
N ILE B 685 -37.26 24.50 16.68
CA ILE B 685 -36.21 23.96 17.52
C ILE B 685 -35.40 25.11 18.11
N ALA B 686 -34.85 24.88 19.30
CA ALA B 686 -34.15 25.95 19.99
C ALA B 686 -32.92 26.42 19.22
N VAL B 687 -32.14 25.48 18.68
CA VAL B 687 -30.89 25.85 18.01
C VAL B 687 -31.18 26.74 16.81
N PHE B 688 -32.13 26.33 15.98
CA PHE B 688 -32.45 27.10 14.79
C PHE B 688 -33.10 28.42 15.14
N ASP B 689 -33.87 28.46 16.23
CA ASP B 689 -34.46 29.73 16.66
C ASP B 689 -33.37 30.70 17.10
N LYS B 690 -32.37 30.20 17.82
CA LYS B 690 -31.22 31.04 18.19
C LYS B 690 -30.51 31.56 16.94
N MET B 691 -30.28 30.66 15.97
CA MET B 691 -29.65 31.10 14.74
C MET B 691 -30.48 32.18 14.05
N TRP B 692 -31.80 32.03 14.05
CA TRP B 692 -32.65 33.00 13.39
C TRP B 692 -32.59 34.35 14.09
N THR B 693 -32.60 34.35 15.42
CA THR B 693 -32.44 35.60 16.14
C THR B 693 -31.11 36.26 15.80
N TYR B 694 -30.03 35.48 15.79
CA TYR B 694 -28.73 36.03 15.45
C TYR B 694 -28.76 36.66 14.06
N MET B 695 -29.27 35.94 13.07
CA MET B 695 -29.28 36.45 11.71
C MET B 695 -30.15 37.70 11.59
N ARG B 696 -31.33 37.68 12.22
CA ARG B 696 -32.20 38.85 12.16
C ARG B 696 -31.60 40.04 12.88
N SER B 697 -30.65 39.82 13.78
CA SER B 697 -30.02 40.90 14.53
C SER B 697 -28.56 41.14 14.14
N ALA B 698 -27.92 40.20 13.48
CA ALA B 698 -26.49 40.31 13.19
C ALA B 698 -26.27 41.37 12.12
N GLU B 699 -25.85 42.55 12.55
CA GLU B 699 -25.49 43.63 11.63
C GLU B 699 -23.98 43.65 11.41
N PRO B 700 -23.49 43.78 10.17
CA PRO B 700 -24.23 43.95 8.92
C PRO B 700 -25.02 42.69 8.53
N SER B 701 -25.97 42.85 7.61
CA SER B 701 -26.77 41.72 7.16
C SER B 701 -25.89 40.60 6.64
N VAL B 702 -25.89 39.47 7.34
CA VAL B 702 -25.12 38.31 6.89
C VAL B 702 -25.69 37.74 5.61
N PHE B 703 -26.97 38.00 5.34
CA PHE B 703 -27.62 37.45 4.16
C PHE B 703 -26.95 37.96 2.89
N VAL B 704 -26.91 37.11 1.87
CA VAL B 704 -26.39 37.47 0.57
C VAL B 704 -27.55 37.44 -0.43
N ARG B 705 -27.23 37.75 -1.69
CA ARG B 705 -28.20 37.72 -2.76
C ARG B 705 -27.97 36.58 -3.73
N THR B 706 -26.81 35.93 -3.68
CA THR B 706 -26.48 34.90 -4.65
C THR B 706 -25.47 33.95 -4.03
N THR B 707 -25.48 32.71 -4.52
CA THR B 707 -24.61 31.69 -3.96
C THR B 707 -23.14 32.06 -4.16
N ALA B 708 -22.78 32.52 -5.35
CA ALA B 708 -21.40 32.91 -5.59
C ALA B 708 -20.97 34.06 -4.69
N GLU B 709 -21.93 34.91 -4.28
CA GLU B 709 -21.60 35.96 -3.33
C GLU B 709 -21.12 35.38 -2.01
N GLY B 710 -21.85 34.38 -1.49
CA GLY B 710 -21.40 33.73 -0.27
C GLY B 710 -20.11 32.98 -0.45
N VAL B 711 -19.92 32.37 -1.62
CA VAL B 711 -18.67 31.68 -1.91
C VAL B 711 -17.51 32.66 -1.80
N ALA B 712 -17.63 33.80 -2.46
CA ALA B 712 -16.56 34.80 -2.41
C ALA B 712 -16.38 35.35 -0.99
N ARG B 713 -17.49 35.61 -0.29
CA ARG B 713 -17.39 36.16 1.06
C ARG B 713 -16.63 35.22 1.98
N VAL B 714 -16.90 33.92 1.88
CA VAL B 714 -16.15 32.95 2.67
C VAL B 714 -14.70 32.92 2.22
N ARG B 715 -14.49 32.91 0.90
CA ARG B 715 -13.14 32.89 0.37
C ARG B 715 -12.38 34.19 0.63
N LYS B 716 -13.06 35.24 1.07
CA LYS B 716 -12.45 36.55 1.27
C LYS B 716 -12.77 37.09 2.65
N SER B 717 -12.67 36.24 3.67
CA SER B 717 -12.90 36.68 5.05
C SER B 717 -11.95 36.04 6.04
N LYS B 718 -10.88 35.39 5.58
CA LYS B 718 -9.87 34.81 6.48
C LYS B 718 -10.52 33.85 7.46
N GLY B 719 -11.55 33.15 7.02
CA GLY B 719 -12.21 32.17 7.86
C GLY B 719 -13.10 32.76 8.94
N LYS B 720 -13.52 34.00 8.78
CA LYS B 720 -14.42 34.65 9.73
C LYS B 720 -15.89 34.53 9.33
N TYR B 721 -16.19 33.84 8.24
CA TYR B 721 -17.55 33.74 7.74
C TYR B 721 -17.87 32.31 7.35
N ALA B 722 -19.13 31.93 7.55
CA ALA B 722 -19.65 30.64 7.17
C ALA B 722 -20.92 30.83 6.36
N TYR B 723 -21.17 29.91 5.42
CA TYR B 723 -22.34 30.00 4.56
C TYR B 723 -23.18 28.74 4.67
N LEU B 724 -24.48 28.91 4.86
CA LEU B 724 -25.41 27.79 4.94
C LEU B 724 -26.08 27.61 3.58
N LEU B 725 -25.93 26.41 3.01
CA LEU B 725 -26.50 26.15 1.69
C LEU B 725 -26.71 24.66 1.51
N GLU B 726 -27.34 24.31 0.40
CA GLU B 726 -27.61 22.92 0.08
C GLU B 726 -26.32 22.16 -0.21
N SER B 727 -26.34 20.87 0.10
CA SER B 727 -25.11 20.08 0.08
C SER B 727 -24.59 19.85 -1.33
N THR B 728 -25.47 19.89 -2.33
CA THR B 728 -25.03 19.62 -3.70
C THR B 728 -24.04 20.66 -4.18
N MET B 729 -24.32 21.93 -3.87
CA MET B 729 -23.41 22.99 -4.28
C MET B 729 -22.05 22.85 -3.60
N ASN B 730 -22.05 22.53 -2.31
CA ASN B 730 -20.78 22.30 -1.63
C ASN B 730 -20.01 21.14 -2.25
N GLU B 731 -20.71 20.05 -2.58
CA GLU B 731 -20.04 18.92 -3.20
C GLU B 731 -19.43 19.32 -4.53
N TYR B 732 -20.15 20.13 -5.31
CA TYR B 732 -19.62 20.60 -6.59
C TYR B 732 -18.39 21.48 -6.38
N ILE B 733 -18.45 22.37 -5.40
CA ILE B 733 -17.40 23.36 -5.22
C ILE B 733 -16.13 22.70 -4.69
N GLU B 734 -16.26 21.93 -3.61
CA GLU B 734 -15.10 21.23 -3.07
C GLU B 734 -14.46 20.32 -4.10
N GLN B 735 -15.21 19.86 -5.09
CA GLN B 735 -14.69 19.04 -6.18
C GLN B 735 -14.14 19.88 -7.32
N ARG B 736 -14.18 21.21 -7.20
CA ARG B 736 -13.71 22.10 -8.26
C ARG B 736 -12.70 23.09 -7.69
N LYS B 737 -11.67 23.38 -8.47
CA LYS B 737 -10.67 24.35 -8.06
C LYS B 737 -11.32 25.72 -7.89
N PRO B 738 -10.70 26.62 -7.10
CA PRO B 738 -9.40 26.50 -6.43
C PRO B 738 -9.35 25.54 -5.24
N CYS B 739 -10.50 24.98 -4.86
CA CYS B 739 -10.55 24.07 -3.71
C CYS B 739 -10.02 24.75 -2.46
N ASP B 740 -10.44 25.98 -2.23
CA ASP B 740 -10.03 26.77 -1.08
C ASP B 740 -11.12 26.84 -0.01
N THR B 741 -12.03 25.87 0.02
CA THR B 741 -13.12 25.85 0.97
C THR B 741 -13.53 24.41 1.25
N MET B 742 -14.29 24.21 2.32
CA MET B 742 -14.67 22.87 2.72
C MET B 742 -16.05 22.84 3.35
N LYS B 743 -16.64 21.65 3.30
CA LYS B 743 -17.88 21.33 3.99
C LYS B 743 -17.55 20.75 5.36
N VAL B 744 -18.31 21.17 6.36
CA VAL B 744 -18.07 20.79 7.75
C VAL B 744 -19.34 20.21 8.32
N GLY B 745 -19.21 19.12 9.06
CA GLY B 745 -20.34 18.53 9.74
C GLY B 745 -21.20 17.72 8.80
N GLY B 746 -22.45 17.54 9.22
CA GLY B 746 -23.44 16.81 8.47
C GLY B 746 -24.61 17.70 8.08
N ASN B 747 -25.62 17.06 7.51
CA ASN B 747 -26.76 17.79 6.99
C ASN B 747 -27.81 17.99 8.08
N LEU B 748 -28.16 19.26 8.30
CA LEU B 748 -29.12 19.60 9.36
C LEU B 748 -30.50 19.04 9.04
N ASP B 749 -30.94 19.18 7.80
CA ASP B 749 -32.25 18.70 7.38
C ASP B 749 -32.07 18.05 6.02
N SER B 750 -33.01 17.15 5.70
CA SER B 750 -32.97 16.40 4.46
C SER B 750 -34.18 16.77 3.62
N LYS B 751 -33.93 17.05 2.34
CA LYS B 751 -34.97 17.50 1.43
C LYS B 751 -34.62 16.99 0.03
N GLY B 752 -35.34 17.47 -0.97
CA GLY B 752 -35.07 17.09 -2.33
C GLY B 752 -35.53 18.16 -3.29
N TYR B 753 -34.84 18.25 -4.42
CA TYR B 753 -35.24 19.18 -5.46
C TYR B 753 -36.40 18.60 -6.25
N GLY B 754 -37.40 19.43 -6.52
CA GLY B 754 -38.60 18.97 -7.16
C GLY B 754 -39.10 19.86 -8.27
N ILE B 755 -39.26 19.28 -9.46
CA ILE B 755 -39.91 19.99 -10.55
C ILE B 755 -41.26 20.50 -10.08
N ALA B 756 -41.68 21.63 -10.64
CA ALA B 756 -42.90 22.30 -10.24
C ALA B 756 -43.75 22.63 -11.45
N THR B 757 -45.04 22.76 -11.22
CA THR B 757 -46.00 23.15 -12.25
C THR B 757 -47.14 23.87 -11.57
N PRO B 758 -47.85 24.73 -12.29
CA PRO B 758 -48.98 25.44 -11.68
C PRO B 758 -50.14 24.51 -11.41
N LYS B 759 -51.00 24.96 -10.49
CA LYS B 759 -52.17 24.17 -10.11
C LYS B 759 -53.04 23.88 -11.32
N GLY B 760 -53.44 22.62 -11.46
CA GLY B 760 -54.35 22.23 -12.52
C GLY B 760 -53.74 22.00 -13.87
N SER B 761 -52.42 22.06 -13.99
CA SER B 761 -51.79 21.86 -15.28
C SER B 761 -51.87 20.40 -15.71
N SER B 762 -52.05 20.18 -17.01
CA SER B 762 -52.02 18.83 -17.55
C SER B 762 -50.60 18.28 -17.62
N LEU B 763 -49.59 19.14 -17.49
CA LEU B 763 -48.21 18.69 -17.53
C LEU B 763 -47.80 17.99 -16.24
N GLY B 764 -48.46 18.35 -15.13
CA GLY B 764 -48.07 17.82 -13.84
C GLY B 764 -48.13 16.31 -13.77
N THR B 765 -49.20 15.72 -14.29
CA THR B 765 -49.32 14.27 -14.28
C THR B 765 -48.19 13.61 -15.05
N PRO B 766 -47.89 13.99 -16.29
CA PRO B 766 -46.82 13.29 -17.03
C PRO B 766 -45.43 13.55 -16.51
N VAL B 767 -45.16 14.73 -15.92
CA VAL B 767 -43.81 14.99 -15.45
C VAL B 767 -43.43 14.03 -14.32
N ASN B 768 -44.38 13.73 -13.44
CA ASN B 768 -44.11 12.76 -12.38
C ASN B 768 -43.68 11.43 -12.96
N LEU B 769 -44.43 10.95 -13.94
CA LEU B 769 -44.12 9.66 -14.55
C LEU B 769 -42.77 9.71 -15.25
N ALA B 770 -42.47 10.84 -15.88
CA ALA B 770 -41.17 10.98 -16.53
C ALA B 770 -40.04 10.90 -15.51
N VAL B 771 -40.21 11.57 -14.38
CA VAL B 771 -39.18 11.54 -13.34
C VAL B 771 -38.98 10.12 -12.84
N LEU B 772 -40.08 9.41 -12.59
CA LEU B 772 -39.97 8.04 -12.11
C LEU B 772 -39.30 7.15 -13.13
N LYS B 773 -39.64 7.33 -14.41
CA LYS B 773 -39.04 6.53 -15.46
C LYS B 773 -37.54 6.79 -15.55
N LEU B 774 -37.14 8.06 -15.46
CA LEU B 774 -35.72 8.38 -15.48
C LEU B 774 -35.00 7.77 -14.29
N SER B 775 -35.62 7.84 -13.11
CA SER B 775 -35.01 7.25 -11.92
C SER B 775 -34.82 5.74 -12.10
N GLU B 776 -35.84 5.06 -12.62
CA GLU B 776 -35.73 3.62 -12.84
C GLU B 776 -34.64 3.31 -13.86
N GLN B 777 -34.60 4.08 -14.95
CA GLN B 777 -33.61 3.84 -15.99
C GLN B 777 -32.19 4.09 -15.50
N GLY B 778 -32.04 4.93 -14.47
CA GLY B 778 -30.73 5.30 -13.99
C GLY B 778 -30.13 6.51 -14.66
N VAL B 779 -30.91 7.26 -15.45
CA VAL B 779 -30.38 8.42 -16.14
C VAL B 779 -29.89 9.45 -15.14
N LEU B 780 -30.67 9.71 -14.09
CA LEU B 780 -30.33 10.77 -13.15
C LEU B 780 -28.99 10.52 -12.49
N ASP B 781 -28.70 9.26 -12.13
CA ASP B 781 -27.41 8.94 -11.56
C ASP B 781 -26.28 9.24 -12.54
N LYS B 782 -26.48 8.90 -13.82
CA LYS B 782 -25.46 9.17 -14.82
C LYS B 782 -25.22 10.66 -14.96
N LEU B 783 -26.30 11.46 -14.99
CA LEU B 783 -26.13 12.91 -15.07
C LEU B 783 -25.40 13.44 -13.85
N LYS B 784 -25.78 12.96 -12.66
CA LYS B 784 -25.10 13.39 -11.45
C LYS B 784 -23.61 13.12 -11.53
N ASN B 785 -23.25 11.90 -11.94
CA ASN B 785 -21.84 11.54 -12.03
C ASN B 785 -21.13 12.41 -13.06
N LYS B 786 -21.78 12.65 -14.20
CA LYS B 786 -21.15 13.43 -15.26
C LYS B 786 -20.87 14.86 -14.79
N TRP B 787 -21.83 15.48 -14.12
CA TRP B 787 -21.71 16.89 -13.79
C TRP B 787 -21.08 17.16 -12.42
N TRP B 788 -20.88 16.13 -11.59
CA TRP B 788 -20.24 16.31 -10.29
C TRP B 788 -18.90 15.59 -10.21
N TYR B 789 -18.89 14.27 -10.43
CA TYR B 789 -17.65 13.51 -10.28
C TYR B 789 -16.70 13.71 -11.45
N ASP B 790 -17.24 13.83 -12.66
CA ASP B 790 -16.39 14.01 -13.84
C ASP B 790 -15.68 15.36 -13.83
N LYS B 791 -16.12 16.29 -12.99
CA LYS B 791 -15.51 17.62 -12.91
C LYS B 791 -14.49 17.74 -11.79
N GLY B 792 -14.12 16.63 -11.16
CA GLY B 792 -13.16 16.66 -10.08
C GLY B 792 -11.84 17.29 -10.46
N GLU B 793 -11.37 18.26 -9.67
CA GLU B 793 -10.13 18.94 -9.93
C GLU B 793 -9.16 18.90 -8.75
N CYS B 794 -9.46 18.14 -7.71
CA CYS B 794 -8.60 18.06 -6.54
C CYS B 794 -8.73 16.68 -5.89
N LYS B 804 3.68 9.74 0.35
CA LYS B 804 5.01 10.22 0.01
C LYS B 804 5.94 10.15 1.22
N THR B 805 7.19 9.76 0.98
CA THR B 805 8.19 9.67 2.02
C THR B 805 9.06 10.92 1.97
N SER B 806 8.94 11.75 3.00
CA SER B 806 9.70 12.98 3.11
C SER B 806 10.67 12.88 4.28
N ALA B 807 11.89 13.35 4.05
CA ALA B 807 12.87 13.40 5.14
C ALA B 807 12.36 14.29 6.26
N LEU B 808 12.65 13.88 7.49
CA LEU B 808 12.19 14.63 8.64
C LEU B 808 12.79 16.02 8.65
N SER B 809 11.98 17.00 9.01
CA SER B 809 12.41 18.38 9.14
C SER B 809 12.67 18.71 10.60
N LEU B 810 13.61 19.61 10.82
CA LEU B 810 13.98 19.98 12.19
C LEU B 810 12.78 20.49 12.98
N SER B 811 11.78 21.04 12.31
CA SER B 811 10.58 21.46 13.01
C SER B 811 9.82 20.26 13.58
N ASN B 812 10.04 19.08 13.01
CA ASN B 812 9.34 17.90 13.49
C ASN B 812 9.88 17.42 14.84
N VAL B 813 11.19 17.59 15.08
CA VAL B 813 11.83 17.05 16.27
C VAL B 813 12.50 18.15 17.06
N ALA B 814 11.97 19.36 16.99
CA ALA B 814 12.52 20.47 17.77
C ALA B 814 12.15 20.38 19.24
N GLY B 815 11.04 19.73 19.56
CA GLY B 815 10.64 19.66 20.96
C GLY B 815 11.60 18.87 21.80
N VAL B 816 12.18 17.81 21.23
CA VAL B 816 13.16 17.03 21.97
C VAL B 816 14.44 17.84 22.18
N PHE B 817 14.81 18.67 21.22
CA PHE B 817 15.94 19.58 21.44
C PHE B 817 15.63 20.57 22.56
N TYR B 818 14.42 21.12 22.59
CA TYR B 818 14.05 22.03 23.67
C TYR B 818 14.14 21.32 25.01
N ILE B 819 13.62 20.09 25.08
CA ILE B 819 13.68 19.32 26.31
C ILE B 819 15.11 19.08 26.72
N LEU B 820 15.97 18.75 25.75
CA LEU B 820 17.38 18.50 26.05
C LEU B 820 18.02 19.73 26.67
N VAL B 821 17.85 20.88 26.03
CA VAL B 821 18.49 22.09 26.53
C VAL B 821 17.94 22.47 27.90
N GLY B 822 16.64 22.26 28.09
CA GLY B 822 16.05 22.53 29.40
C GLY B 822 16.64 21.64 30.48
N GLY B 823 16.84 20.36 30.15
CA GLY B 823 17.47 19.46 31.10
C GLY B 823 18.89 19.88 31.43
N LEU B 824 19.63 20.34 30.43
CA LEU B 824 20.99 20.82 30.69
C LEU B 824 20.99 22.03 31.61
N GLY B 825 20.09 22.98 31.35
CA GLY B 825 19.98 24.12 32.23
C GLY B 825 19.61 23.72 33.65
N LEU B 826 18.66 22.79 33.78
CA LEU B 826 18.27 22.30 35.09
C LEU B 826 19.46 21.66 35.80
N ALA B 827 20.25 20.88 35.07
CA ALA B 827 21.41 20.23 35.66
C ALA B 827 22.42 21.24 36.17
N MET B 828 22.70 22.28 35.38
CA MET B 828 23.64 23.30 35.83
C MET B 828 23.10 24.01 37.07
N LEU B 829 21.81 24.31 37.08
CA LEU B 829 21.20 24.96 38.24
C LEU B 829 21.33 24.07 39.47
N VAL B 830 21.05 22.79 39.33
CA VAL B 830 21.14 21.86 40.46
C VAL B 830 22.57 21.80 40.97
N ALA B 831 23.53 21.80 40.05
CA ALA B 831 24.92 21.74 40.46
C ALA B 831 25.32 22.99 41.24
N LEU B 832 24.85 24.15 40.79
CA LEU B 832 25.13 25.38 41.53
C LEU B 832 24.52 25.32 42.92
N ILE B 833 23.29 24.82 43.01
CA ILE B 833 22.63 24.73 44.32
C ILE B 833 23.42 23.81 45.24
N GLU B 834 23.86 22.65 44.73
CA GLU B 834 24.65 21.75 45.54
C GLU B 834 25.97 22.39 45.95
N PHE B 835 26.56 23.17 45.05
CA PHE B 835 27.81 23.86 45.36
C PHE B 835 27.62 24.83 46.51
N CYS B 836 26.53 25.62 46.46
CA CYS B 836 26.25 26.56 47.54
C CYS B 836 26.00 25.83 48.84
N TYR B 837 25.19 24.76 48.80
CA TYR B 837 24.89 24.02 50.02
C TYR B 837 26.15 23.44 50.64
N LYS B 838 27.03 22.87 49.80
CA LYS B 838 28.28 22.31 50.31
C LYS B 838 29.18 23.41 50.88
N SER B 839 29.21 24.57 50.23
CA SER B 839 30.07 25.65 50.68
C SER B 839 29.67 26.22 52.04
N ARG B 840 28.42 26.02 52.45
CA ARG B 840 27.94 26.52 53.73
C ARG B 840 28.21 25.52 54.85
N ARG C 415 -65.92 8.22 10.93
CA ARG C 415 -65.74 6.98 10.18
C ARG C 415 -64.28 6.54 10.20
N THR C 416 -64.05 5.32 10.65
CA THR C 416 -62.69 4.78 10.68
C THR C 416 -62.20 4.50 9.28
N TYR C 417 -60.89 4.67 9.08
CA TYR C 417 -60.24 4.45 7.80
C TYR C 417 -59.36 3.21 7.90
N ILE C 418 -59.56 2.27 6.98
CA ILE C 418 -58.75 1.06 6.96
C ILE C 418 -57.30 1.43 6.68
N VAL C 419 -56.38 0.77 7.36
CA VAL C 419 -54.95 1.03 7.22
C VAL C 419 -54.25 -0.30 7.01
N THR C 420 -53.99 -0.65 5.76
CA THR C 420 -53.24 -1.86 5.45
C THR C 420 -51.76 -1.64 5.73
N THR C 421 -51.14 -2.63 6.36
CA THR C 421 -49.73 -2.54 6.71
C THR C 421 -49.08 -3.90 6.46
N ILE C 422 -47.86 -4.05 6.95
CA ILE C 422 -47.12 -5.29 6.82
C ILE C 422 -46.24 -5.46 8.06
N LEU C 423 -46.00 -6.70 8.46
CA LEU C 423 -45.25 -7.01 9.67
C LEU C 423 -43.78 -7.15 9.31
N GLU C 424 -43.08 -6.03 9.28
CA GLU C 424 -41.64 -6.01 9.09
C GLU C 424 -41.03 -5.04 10.09
N ASP C 425 -40.14 -5.55 10.91
CA ASP C 425 -39.50 -4.70 11.90
C ASP C 425 -38.50 -3.78 11.23
N PRO C 426 -38.32 -2.55 11.73
CA PRO C 426 -38.98 -1.92 12.88
C PRO C 426 -40.15 -1.02 12.49
N TYR C 427 -40.53 -1.02 11.22
CA TYR C 427 -41.65 -0.18 10.78
C TYR C 427 -42.93 -0.60 11.49
N VAL C 428 -43.18 -1.89 11.58
CA VAL C 428 -44.33 -2.42 12.31
C VAL C 428 -43.87 -3.69 13.02
N MET C 429 -44.28 -3.84 14.27
CA MET C 429 -43.87 -4.98 15.07
C MET C 429 -44.99 -5.33 16.05
N LEU C 430 -44.95 -6.57 16.53
CA LEU C 430 -45.89 -7.05 17.53
C LEU C 430 -45.31 -6.83 18.92
N LYS C 431 -46.09 -6.21 19.79
CA LYS C 431 -45.61 -5.91 21.14
C LYS C 431 -45.37 -7.20 21.92
N LYS C 432 -44.45 -7.14 22.88
CA LYS C 432 -44.26 -8.24 23.80
C LYS C 432 -45.56 -8.49 24.56
N ASN C 433 -45.95 -9.77 24.66
CA ASN C 433 -47.25 -10.14 25.22
C ASN C 433 -48.38 -9.68 24.31
N ALA C 434 -48.20 -9.89 23.00
CA ALA C 434 -49.17 -9.41 22.02
C ALA C 434 -50.53 -10.08 22.22
N ASN C 435 -50.53 -11.37 22.56
CA ASN C 435 -51.79 -12.11 22.69
C ASN C 435 -52.73 -11.40 23.67
N GLN C 436 -52.18 -10.90 24.78
CA GLN C 436 -53.02 -10.19 25.75
C GLN C 436 -53.61 -8.93 25.14
N PHE C 437 -52.81 -8.19 24.37
CA PHE C 437 -53.28 -6.97 23.74
C PHE C 437 -54.10 -7.29 22.50
N GLU C 438 -54.83 -6.28 22.02
CA GLU C 438 -55.62 -6.40 20.81
C GLU C 438 -55.73 -5.03 20.14
N GLY C 439 -56.00 -5.06 18.84
CA GLY C 439 -56.20 -3.83 18.10
C GLY C 439 -54.90 -3.11 17.82
N ASN C 440 -55.04 -1.83 17.46
CA ASN C 440 -53.88 -1.02 17.15
C ASN C 440 -52.89 -0.96 18.31
N ASP C 441 -53.39 -1.04 19.55
CA ASP C 441 -52.51 -0.98 20.71
C ASP C 441 -51.55 -2.15 20.76
N ARG C 442 -51.82 -3.22 20.01
CA ARG C 442 -50.92 -4.37 20.00
C ARG C 442 -49.68 -4.11 19.15
N TYR C 443 -49.80 -3.27 18.13
CA TYR C 443 -48.70 -3.02 17.20
C TYR C 443 -47.85 -1.85 17.69
N GLU C 444 -46.60 -1.83 17.25
CA GLU C 444 -45.69 -0.75 17.61
C GLU C 444 -44.55 -0.71 16.61
N GLY C 445 -44.30 0.46 16.03
CA GLY C 445 -43.20 0.61 15.10
C GLY C 445 -43.26 1.98 14.45
N TYR C 446 -42.22 2.26 13.67
CA TYR C 446 -42.07 3.60 13.07
C TYR C 446 -43.36 4.02 12.38
N CYS C 447 -43.89 3.15 11.52
CA CYS C 447 -45.09 3.50 10.78
C CYS C 447 -46.25 3.77 11.70
N VAL C 448 -46.26 3.15 12.89
CA VAL C 448 -47.35 3.39 13.82
C VAL C 448 -47.35 4.84 14.28
N GLU C 449 -46.20 5.33 14.74
CA GLU C 449 -46.12 6.73 15.16
C GLU C 449 -46.35 7.66 13.97
N LEU C 450 -45.88 7.27 12.79
CA LEU C 450 -46.09 8.09 11.61
C LEU C 450 -47.58 8.26 11.32
N ALA C 451 -48.33 7.16 11.37
CA ALA C 451 -49.77 7.23 11.13
C ALA C 451 -50.47 7.99 12.23
N ALA C 452 -50.03 7.81 13.47
CA ALA C 452 -50.61 8.57 14.57
C ALA C 452 -50.47 10.06 14.33
N GLU C 453 -49.26 10.49 13.99
CA GLU C 453 -49.02 11.91 13.72
C GLU C 453 -49.82 12.38 12.53
N ILE C 454 -49.92 11.57 11.48
CA ILE C 454 -50.65 11.96 10.29
C ILE C 454 -52.11 12.19 10.62
N ALA C 455 -52.70 11.25 11.38
CA ALA C 455 -54.10 11.40 11.74
C ALA C 455 -54.30 12.60 12.66
N LYS C 456 -53.36 12.83 13.58
CA LYS C 456 -53.48 13.99 14.47
C LYS C 456 -53.45 15.29 13.66
N HIS C 457 -52.58 15.37 12.65
CA HIS C 457 -52.48 16.60 11.87
C HIS C 457 -53.65 16.74 10.89
N VAL C 458 -54.23 15.62 10.47
CA VAL C 458 -55.37 15.68 9.55
C VAL C 458 -56.67 15.76 10.31
N GLY C 459 -56.81 15.00 11.39
CA GLY C 459 -58.01 15.03 12.20
C GLY C 459 -59.00 13.94 11.83
N TYR C 460 -58.53 12.69 11.79
CA TYR C 460 -59.41 11.55 11.56
C TYR C 460 -58.93 10.39 12.43
N SER C 461 -59.66 9.29 12.37
CA SER C 461 -59.37 8.08 13.13
C SER C 461 -59.20 6.91 12.18
N TYR C 462 -58.34 5.97 12.57
CA TYR C 462 -57.91 4.90 11.68
C TYR C 462 -57.97 3.56 12.40
N ARG C 463 -58.25 2.52 11.63
CA ARG C 463 -58.25 1.14 12.11
C ARG C 463 -57.14 0.39 11.38
N LEU C 464 -56.19 -0.14 12.14
CA LEU C 464 -55.09 -0.89 11.57
C LEU C 464 -55.59 -2.21 10.98
N GLU C 465 -54.77 -2.78 10.11
CA GLU C 465 -55.07 -4.05 9.49
C GLU C 465 -53.83 -4.51 8.74
N ILE C 466 -53.66 -5.83 8.67
CA ILE C 466 -52.49 -6.41 8.05
C ILE C 466 -52.88 -6.97 6.69
N VAL C 467 -51.88 -7.05 5.81
CA VAL C 467 -52.06 -7.67 4.51
C VAL C 467 -51.91 -9.19 4.69
N SER C 468 -52.97 -9.92 4.32
CA SER C 468 -52.99 -11.35 4.58
C SER C 468 -51.85 -12.08 3.88
N ASP C 469 -51.64 -11.78 2.59
CA ASP C 469 -50.60 -12.46 1.84
C ASP C 469 -49.23 -12.23 2.46
N GLY C 470 -49.02 -11.07 3.08
CA GLY C 470 -47.73 -10.72 3.61
C GLY C 470 -46.73 -10.23 2.58
N LYS C 471 -47.14 -10.11 1.32
CA LYS C 471 -46.28 -9.60 0.25
C LYS C 471 -46.51 -8.11 0.09
N TYR C 472 -45.42 -7.38 -0.15
CA TYR C 472 -45.53 -5.92 -0.26
C TYR C 472 -46.51 -5.53 -1.35
N GLY C 473 -46.33 -6.09 -2.54
CA GLY C 473 -47.22 -5.81 -3.64
C GLY C 473 -46.58 -5.98 -4.99
N ALA C 474 -47.33 -6.49 -5.96
CA ALA C 474 -46.83 -6.68 -7.31
C ALA C 474 -48.00 -7.06 -8.19
N ARG C 475 -47.70 -7.28 -9.48
CA ARG C 475 -48.70 -7.61 -10.48
C ARG C 475 -48.39 -8.97 -11.08
N ASP C 476 -49.41 -9.81 -11.21
CA ASP C 476 -49.27 -11.06 -11.92
C ASP C 476 -49.30 -10.78 -13.43
N PRO C 477 -48.23 -11.08 -14.16
CA PRO C 477 -48.21 -10.69 -15.59
C PRO C 477 -49.30 -11.36 -16.40
N ASP C 478 -49.74 -12.55 -16.01
CA ASP C 478 -50.82 -13.23 -16.74
C ASP C 478 -52.18 -12.71 -16.31
N THR C 479 -52.50 -12.84 -15.03
CA THR C 479 -53.81 -12.38 -14.54
C THR C 479 -53.93 -10.86 -14.56
N LYS C 480 -52.81 -10.15 -14.53
CA LYS C 480 -52.81 -8.68 -14.53
C LYS C 480 -53.50 -8.11 -13.29
N ALA C 481 -53.48 -8.87 -12.19
CA ALA C 481 -54.06 -8.43 -10.93
C ALA C 481 -52.95 -7.99 -9.97
N TRP C 482 -53.37 -7.29 -8.92
CA TRP C 482 -52.46 -6.74 -7.93
C TRP C 482 -52.57 -7.54 -6.63
N ASN C 483 -51.42 -7.94 -6.09
CA ASN C 483 -51.36 -8.62 -4.81
C ASN C 483 -50.78 -7.70 -3.75
N GLY C 484 -50.94 -8.11 -2.50
CA GLY C 484 -50.34 -7.39 -1.40
C GLY C 484 -51.10 -6.14 -1.00
N MET C 485 -50.35 -5.21 -0.38
CA MET C 485 -50.97 -3.97 0.08
C MET C 485 -51.49 -3.15 -1.08
N VAL C 486 -50.74 -3.11 -2.17
CA VAL C 486 -51.23 -2.42 -3.36
C VAL C 486 -52.50 -3.09 -3.87
N GLY C 487 -52.55 -4.43 -3.79
CA GLY C 487 -53.76 -5.12 -4.17
C GLY C 487 -54.95 -4.71 -3.33
N GLU C 488 -54.74 -4.61 -2.01
CA GLU C 488 -55.81 -4.19 -1.12
C GLU C 488 -56.25 -2.76 -1.43
N LEU C 489 -55.29 -1.88 -1.73
CA LEU C 489 -55.62 -0.48 -1.95
C LEU C 489 -56.35 -0.28 -3.27
N VAL C 490 -55.89 -0.95 -4.33
CA VAL C 490 -56.50 -0.77 -5.65
C VAL C 490 -57.95 -1.24 -5.63
N TYR C 491 -58.21 -2.38 -5.03
CA TYR C 491 -59.51 -3.03 -5.11
C TYR C 491 -60.46 -2.58 -4.01
N GLY C 492 -60.12 -1.51 -3.29
CA GLY C 492 -61.03 -0.94 -2.31
C GLY C 492 -60.99 -1.57 -0.95
N ARG C 493 -60.18 -2.61 -0.75
CA ARG C 493 -60.11 -3.25 0.55
C ARG C 493 -59.67 -2.26 1.62
N ALA C 494 -58.58 -1.53 1.36
CA ALA C 494 -58.00 -0.59 2.31
C ALA C 494 -57.92 0.79 1.70
N ASP C 495 -58.19 1.80 2.50
CA ASP C 495 -58.21 3.19 2.05
C ASP C 495 -56.86 3.89 2.20
N VAL C 496 -55.89 3.28 2.87
CA VAL C 496 -54.59 3.90 3.11
C VAL C 496 -53.56 2.80 3.33
N ALA C 497 -52.31 3.11 3.00
CA ALA C 497 -51.20 2.16 3.13
C ALA C 497 -50.00 2.91 3.71
N VAL C 498 -49.88 2.90 5.04
CA VAL C 498 -48.79 3.59 5.72
C VAL C 498 -47.51 2.78 5.76
N ALA C 499 -47.48 1.63 5.09
CA ALA C 499 -46.34 0.76 5.15
C ALA C 499 -45.20 1.27 4.27
N PRO C 500 -44.00 0.72 4.44
CA PRO C 500 -42.89 1.11 3.57
C PRO C 500 -43.05 0.63 2.14
N LEU C 501 -43.91 1.30 1.39
CA LEU C 501 -44.12 1.00 -0.02
C LEU C 501 -43.09 1.76 -0.84
N THR C 502 -42.18 1.03 -1.46
CA THR C 502 -41.25 1.67 -2.38
C THR C 502 -42.02 2.24 -3.56
N ILE C 503 -41.56 3.39 -4.04
CA ILE C 503 -42.24 4.10 -5.12
C ILE C 503 -41.63 3.67 -6.45
N THR C 504 -42.49 3.35 -7.40
CA THR C 504 -42.07 2.95 -8.74
C THR C 504 -43.07 3.47 -9.76
N LEU C 505 -42.66 3.43 -11.02
CA LEU C 505 -43.52 3.88 -12.11
C LEU C 505 -44.79 3.04 -12.18
N VAL C 506 -44.66 1.72 -12.07
CA VAL C 506 -45.80 0.84 -12.30
C VAL C 506 -46.89 1.07 -11.26
N ARG C 507 -46.51 1.17 -10.00
CA ARG C 507 -47.50 1.38 -8.94
C ARG C 507 -48.08 2.77 -8.99
N GLU C 508 -47.30 3.77 -9.39
CA GLU C 508 -47.78 5.14 -9.38
C GLU C 508 -48.84 5.39 -10.44
N GLU C 509 -48.95 4.51 -11.45
CA GLU C 509 -49.98 4.68 -12.46
C GLU C 509 -51.38 4.47 -11.88
N VAL C 510 -51.51 3.59 -10.90
CA VAL C 510 -52.82 3.16 -10.43
C VAL C 510 -53.17 3.70 -9.06
N ILE C 511 -52.18 4.06 -8.25
CA ILE C 511 -52.41 4.59 -6.91
C ILE C 511 -51.68 5.92 -6.78
N ASP C 512 -52.20 6.76 -5.89
CA ASP C 512 -51.62 8.08 -5.63
C ASP C 512 -50.66 7.93 -4.47
N PHE C 513 -49.37 7.89 -4.79
CA PHE C 513 -48.35 7.97 -3.76
C PHE C 513 -48.28 9.39 -3.19
N SER C 514 -47.70 9.48 -2.01
CA SER C 514 -47.40 10.76 -1.39
C SER C 514 -45.91 11.04 -1.50
N LYS C 515 -45.51 12.20 -1.02
CA LYS C 515 -44.11 12.55 -1.05
C LYS C 515 -43.33 11.63 -0.13
N PRO C 516 -42.14 11.18 -0.53
CA PRO C 516 -41.41 10.22 0.28
C PRO C 516 -41.10 10.76 1.65
N PHE C 517 -41.17 9.88 2.65
CA PHE C 517 -40.81 10.21 4.02
C PHE C 517 -39.53 9.55 4.46
N MET C 518 -38.86 8.81 3.57
CA MET C 518 -37.58 8.22 3.89
C MET C 518 -36.91 7.80 2.59
N SER C 519 -35.58 7.79 2.62
CA SER C 519 -34.76 7.44 1.47
C SER C 519 -34.06 6.12 1.73
N LEU C 520 -33.59 5.51 0.64
CA LEU C 520 -32.95 4.20 0.73
C LEU C 520 -32.33 3.89 -0.61
N GLY C 521 -31.81 2.66 -0.71
CA GLY C 521 -31.26 2.16 -1.95
C GLY C 521 -31.03 0.67 -1.85
N ILE C 522 -30.78 0.06 -2.99
CA ILE C 522 -30.49 -1.37 -3.03
C ILE C 522 -29.15 -1.63 -2.37
N SER C 523 -29.13 -2.57 -1.43
CA SER C 523 -27.97 -2.82 -0.59
C SER C 523 -27.72 -4.32 -0.49
N ILE C 524 -26.44 -4.64 -0.25
CA ILE C 524 -25.95 -6.01 -0.19
C ILE C 524 -25.62 -6.35 1.26
N MET C 525 -26.13 -7.49 1.72
CA MET C 525 -25.90 -8.00 3.06
C MET C 525 -24.98 -9.22 3.00
N ILE C 526 -24.13 -9.35 4.02
CA ILE C 526 -23.26 -10.52 4.17
C ILE C 526 -23.19 -10.88 5.64
N LYS C 527 -22.91 -12.15 5.93
CA LYS C 527 -22.68 -12.57 7.30
C LYS C 527 -21.36 -12.01 7.79
N LYS C 528 -21.36 -11.48 9.01
CA LYS C 528 -20.18 -10.82 9.55
C LYS C 528 -19.03 -11.82 9.67
N PRO C 529 -17.90 -11.58 9.03
CA PRO C 529 -16.76 -12.52 9.15
C PRO C 529 -16.13 -12.44 10.54
N GLN C 530 -15.26 -13.42 10.80
CA GLN C 530 -14.59 -13.47 12.09
C GLN C 530 -13.78 -12.19 12.31
N LYS C 531 -13.98 -11.57 13.48
CA LYS C 531 -13.30 -10.31 13.77
C LYS C 531 -11.81 -10.54 14.01
N SER C 532 -11.45 -11.68 14.61
CA SER C 532 -10.06 -11.95 14.99
C SER C 532 -9.56 -10.89 15.98
N LYS C 533 -10.32 -10.73 17.06
CA LYS C 533 -10.01 -9.70 18.03
C LYS C 533 -8.66 -9.97 18.68
N PRO C 534 -7.87 -8.92 18.95
CA PRO C 534 -6.54 -9.12 19.53
C PRO C 534 -6.59 -9.21 21.05
N GLY C 535 -5.88 -10.21 21.58
CA GLY C 535 -5.82 -10.43 23.00
C GLY C 535 -4.82 -9.52 23.68
N VAL C 536 -4.72 -9.68 24.99
CA VAL C 536 -3.74 -8.91 25.75
C VAL C 536 -2.33 -9.31 25.34
N PHE C 537 -2.11 -10.59 25.12
CA PHE C 537 -0.81 -11.08 24.64
C PHE C 537 -0.74 -11.01 23.12
N SER C 538 -1.04 -9.83 22.58
CA SER C 538 -0.95 -9.60 21.15
C SER C 538 0.45 -9.27 20.69
N PHE C 539 1.37 -9.01 21.62
CA PHE C 539 2.74 -8.66 21.27
C PHE C 539 3.58 -9.88 20.94
N LEU C 540 3.09 -11.09 21.22
CA LEU C 540 3.76 -12.30 20.79
C LEU C 540 3.34 -12.76 19.40
N ASP C 541 2.28 -12.19 18.85
CA ASP C 541 1.80 -12.63 17.54
C ASP C 541 2.86 -12.59 16.46
N PRO C 542 3.73 -11.58 16.40
CA PRO C 542 4.71 -11.52 15.30
C PRO C 542 5.58 -12.74 15.21
N LEU C 543 5.68 -13.54 16.27
CA LEU C 543 6.44 -14.76 16.27
C LEU C 543 5.56 -15.90 16.75
N ALA C 544 5.78 -17.08 16.21
CA ALA C 544 5.06 -18.25 16.66
C ALA C 544 5.48 -18.63 18.07
N TYR C 545 4.53 -19.15 18.84
CA TYR C 545 4.85 -19.62 20.18
C TYR C 545 5.97 -20.66 20.15
N GLU C 546 6.05 -21.41 19.05
CA GLU C 546 7.14 -22.37 18.90
C GLU C 546 8.48 -21.67 18.94
N ILE C 547 8.60 -20.53 18.26
CA ILE C 547 9.85 -19.79 18.27
C ILE C 547 10.19 -19.33 19.68
N TRP C 548 9.21 -18.80 20.41
CA TRP C 548 9.48 -18.34 21.76
C TRP C 548 9.99 -19.48 22.65
N MET C 549 9.33 -20.63 22.58
CA MET C 549 9.72 -21.71 23.47
C MET C 549 11.08 -22.29 23.07
N CYS C 550 11.33 -22.42 21.76
CA CYS C 550 12.64 -22.87 21.34
C CYS C 550 13.71 -21.84 21.66
N ILE C 551 13.35 -20.57 21.73
CA ILE C 551 14.26 -19.54 22.20
C ILE C 551 14.63 -19.81 23.65
N VAL C 552 13.64 -20.11 24.47
CA VAL C 552 13.91 -20.39 25.87
C VAL C 552 14.84 -21.59 26.00
N PHE C 553 14.56 -22.65 25.24
CA PHE C 553 15.37 -23.85 25.34
C PHE C 553 16.79 -23.60 24.85
N ALA C 554 16.95 -22.83 23.78
CA ALA C 554 18.27 -22.47 23.30
C ALA C 554 19.01 -21.62 24.33
N TYR C 555 18.30 -20.71 24.99
CA TYR C 555 18.89 -19.91 26.06
C TYR C 555 19.46 -20.80 27.15
N ILE C 556 18.69 -21.80 27.58
CA ILE C 556 19.17 -22.73 28.59
C ILE C 556 20.39 -23.47 28.08
N GLY C 557 20.32 -23.98 26.85
CA GLY C 557 21.42 -24.76 26.32
C GLY C 557 22.70 -23.97 26.23
N VAL C 558 22.61 -22.74 25.73
CA VAL C 558 23.79 -21.91 25.56
C VAL C 558 24.35 -21.50 26.91
N SER C 559 23.48 -21.21 27.87
CA SER C 559 23.97 -20.88 29.20
C SER C 559 24.74 -22.04 29.81
N VAL C 560 24.20 -23.24 29.67
CA VAL C 560 24.88 -24.42 30.21
C VAL C 560 26.20 -24.63 29.51
N VAL C 561 26.23 -24.51 28.19
CA VAL C 561 27.47 -24.70 27.45
C VAL C 561 28.51 -23.68 27.88
N LEU C 562 28.07 -22.45 28.12
CA LEU C 562 28.99 -21.41 28.54
C LEU C 562 29.59 -21.72 29.91
N PHE C 563 28.72 -22.04 30.87
CA PHE C 563 29.19 -22.44 32.19
C PHE C 563 30.21 -23.56 32.08
N LEU C 564 29.88 -24.58 31.31
CA LEU C 564 30.77 -25.72 31.12
C LEU C 564 32.12 -25.28 30.56
N VAL C 565 32.13 -24.74 29.34
CA VAL C 565 33.40 -24.42 28.70
C VAL C 565 34.22 -23.48 29.56
N SER C 566 33.57 -22.61 30.33
CA SER C 566 34.31 -21.64 31.11
C SER C 566 34.93 -22.28 32.35
N ARG C 567 34.20 -23.17 33.01
CA ARG C 567 34.65 -23.63 34.32
C ARG C 567 35.74 -24.70 34.20
N PHE C 568 35.44 -25.85 33.62
CA PHE C 568 36.34 -26.98 33.78
C PHE C 568 37.69 -26.63 33.18
N SER C 569 38.76 -26.92 33.92
CA SER C 569 40.09 -26.52 33.51
C SER C 569 40.48 -27.15 32.18
N ASN C 591 37.35 -17.61 37.30
CA ASN C 591 36.24 -17.29 36.41
C ASN C 591 34.97 -16.97 37.18
N GLU C 592 34.27 -15.93 36.75
CA GLU C 592 32.98 -15.56 37.31
C GLU C 592 31.81 -16.16 36.56
N PHE C 593 32.07 -17.00 35.56
CA PHE C 593 31.02 -17.54 34.70
C PHE C 593 30.52 -18.87 35.26
N GLY C 594 29.83 -18.77 36.38
CA GLY C 594 29.05 -19.87 36.87
C GLY C 594 27.77 -20.01 36.09
N ILE C 595 26.96 -20.98 36.50
CA ILE C 595 25.70 -21.23 35.82
C ILE C 595 24.78 -20.02 35.95
N PHE C 596 24.68 -19.47 37.16
CA PHE C 596 23.78 -18.35 37.40
C PHE C 596 24.21 -17.12 36.60
N ASN C 597 25.50 -16.79 36.68
CA ASN C 597 26.00 -15.66 35.90
C ASN C 597 25.93 -15.94 34.41
N SER C 598 26.06 -17.19 33.99
CA SER C 598 25.90 -17.51 32.58
C SER C 598 24.49 -17.22 32.11
N LEU C 599 23.49 -17.62 32.90
CA LEU C 599 22.12 -17.32 32.54
C LEU C 599 21.89 -15.82 32.49
N TRP C 600 22.43 -15.09 33.47
CA TRP C 600 22.28 -13.64 33.46
C TRP C 600 22.91 -13.03 32.23
N PHE C 601 24.12 -13.47 31.88
CA PHE C 601 24.81 -12.93 30.71
C PHE C 601 24.02 -13.18 29.44
N SER C 602 23.54 -14.41 29.27
CA SER C 602 22.83 -14.74 28.04
C SER C 602 21.50 -13.99 27.97
N LEU C 603 20.83 -13.80 29.11
CA LEU C 603 19.58 -13.05 29.10
C LEU C 603 19.83 -11.59 28.74
N GLY C 604 20.82 -10.97 29.36
CA GLY C 604 21.13 -9.59 29.04
C GLY C 604 21.56 -9.42 27.60
N ALA C 605 22.27 -10.41 27.06
CA ALA C 605 22.65 -10.37 25.66
C ALA C 605 21.43 -10.43 24.76
N PHE C 606 20.49 -11.32 25.07
CA PHE C 606 19.28 -11.40 24.26
C PHE C 606 18.51 -10.10 24.29
N MET C 607 18.38 -9.49 25.47
CA MET C 607 17.66 -8.24 25.59
C MET C 607 18.47 -7.03 25.16
N GLN C 608 19.75 -7.22 24.84
CA GLN C 608 20.61 -6.13 24.39
C GLN C 608 20.75 -5.05 25.45
N GLN C 609 20.90 -5.49 26.70
CA GLN C 609 21.08 -4.60 27.84
C GLN C 609 22.48 -4.70 28.42
N GLY C 610 23.39 -5.33 27.70
CA GLY C 610 24.78 -5.37 28.10
C GLY C 610 25.03 -6.38 29.20
N CYS C 611 26.31 -6.51 29.55
CA CYS C 611 26.75 -7.52 30.49
C CYS C 611 27.72 -6.90 31.48
N ASP C 612 27.55 -7.23 32.75
CA ASP C 612 28.53 -6.83 33.76
C ASP C 612 29.86 -7.54 33.56
N ILE C 613 29.84 -8.72 32.94
CA ILE C 613 31.03 -9.51 32.68
C ILE C 613 30.95 -10.04 31.25
N SER C 614 32.11 -10.31 30.67
CA SER C 614 32.18 -10.83 29.32
C SER C 614 33.23 -11.93 29.25
N PRO C 615 33.03 -12.91 28.37
CA PRO C 615 33.99 -14.02 28.31
C PRO C 615 35.37 -13.56 27.90
N ARG C 616 36.38 -14.20 28.50
CA ARG C 616 37.77 -13.98 28.13
C ARG C 616 38.38 -15.16 27.38
N SER C 617 37.79 -16.34 27.51
CA SER C 617 38.30 -17.53 26.85
C SER C 617 37.83 -17.60 25.41
N LEU C 618 38.48 -18.49 24.65
CA LEU C 618 38.12 -18.65 23.25
C LEU C 618 36.75 -19.30 23.10
N SER C 619 36.50 -20.37 23.84
CA SER C 619 35.23 -21.08 23.73
C SER C 619 34.07 -20.22 24.21
N GLY C 620 34.24 -19.57 25.35
CA GLY C 620 33.22 -18.67 25.84
C GLY C 620 32.93 -17.55 24.86
N ARG C 621 33.98 -17.08 24.19
CA ARG C 621 33.80 -15.98 23.25
C ARG C 621 33.09 -16.45 21.98
N ILE C 622 33.37 -17.68 21.54
CA ILE C 622 32.60 -18.25 20.43
C ILE C 622 31.13 -18.35 20.79
N VAL C 623 30.86 -18.88 21.99
CA VAL C 623 29.48 -19.02 22.42
C VAL C 623 28.79 -17.65 22.47
N GLY C 624 29.49 -16.66 23.04
CA GLY C 624 28.92 -15.33 23.12
C GLY C 624 28.64 -14.73 21.76
N GLY C 625 29.58 -14.87 20.83
CA GLY C 625 29.38 -14.33 19.50
C GLY C 625 28.21 -14.97 18.79
N VAL C 626 28.07 -16.29 18.92
CA VAL C 626 26.98 -16.98 18.27
C VAL C 626 25.64 -16.57 18.87
N TRP C 627 25.58 -16.47 20.21
CA TRP C 627 24.36 -16.01 20.85
C TRP C 627 24.02 -14.59 20.44
N TRP C 628 25.04 -13.75 20.26
CA TRP C 628 24.82 -12.40 19.80
C TRP C 628 24.23 -12.37 18.40
N PHE C 629 24.77 -13.20 17.51
CA PHE C 629 24.22 -13.31 16.16
C PHE C 629 22.75 -13.73 16.19
N PHE C 630 22.46 -14.77 16.97
CA PHE C 630 21.10 -15.27 17.08
C PHE C 630 20.18 -14.18 17.60
N THR C 631 20.61 -13.47 18.64
CA THR C 631 19.80 -12.40 19.21
C THR C 631 19.54 -11.32 18.17
N LEU C 632 20.57 -10.90 17.45
CA LEU C 632 20.41 -9.86 16.45
C LEU C 632 19.35 -10.26 15.43
N ILE C 633 19.51 -11.45 14.86
CA ILE C 633 18.58 -11.90 13.83
C ILE C 633 17.16 -11.95 14.38
N ILE C 634 17.00 -12.54 15.55
CA ILE C 634 15.66 -12.78 16.09
C ILE C 634 14.99 -11.47 16.44
N ILE C 635 15.71 -10.55 17.07
CA ILE C 635 15.11 -9.29 17.48
C ILE C 635 14.78 -8.44 16.26
N SER C 636 15.65 -8.43 15.26
CA SER C 636 15.34 -7.70 14.04
C SER C 636 14.08 -8.25 13.39
N SER C 637 13.95 -9.57 13.34
CA SER C 637 12.76 -10.19 12.77
C SER C 637 11.53 -9.78 13.55
N TYR C 638 11.60 -9.82 14.88
CA TYR C 638 10.45 -9.46 15.69
C TYR C 638 10.02 -8.02 15.43
N THR C 639 10.98 -7.10 15.41
CA THR C 639 10.65 -5.69 15.22
C THR C 639 10.05 -5.46 13.84
N ALA C 640 10.65 -6.03 12.80
CA ALA C 640 10.13 -5.83 11.46
C ALA C 640 8.72 -6.40 11.32
N ASN C 641 8.51 -7.62 11.81
CA ASN C 641 7.19 -8.23 11.71
C ASN C 641 6.17 -7.46 12.52
N LEU C 642 6.58 -6.89 13.65
CA LEU C 642 5.66 -6.09 14.45
C LEU C 642 5.27 -4.82 13.72
N ALA C 643 6.23 -4.17 13.07
CA ALA C 643 5.91 -3.01 12.27
C ALA C 643 4.93 -3.37 11.17
N ALA C 644 5.13 -4.53 10.54
CA ALA C 644 4.18 -4.99 9.54
C ALA C 644 2.80 -5.21 10.14
N PHE C 645 2.74 -5.79 11.34
CA PHE C 645 1.46 -6.03 12.00
C PHE C 645 0.72 -4.73 12.24
N LEU C 646 1.38 -3.77 12.89
CA LEU C 646 0.70 -2.55 13.32
C LEU C 646 0.32 -1.65 12.16
N THR C 647 0.89 -1.86 10.97
CA THR C 647 0.56 -1.08 9.79
C THR C 647 -0.35 -1.86 8.85
N VAL C 648 -1.26 -2.65 9.42
CA VAL C 648 -2.13 -3.52 8.63
C VAL C 648 -3.43 -3.75 9.41
N GLU C 649 -4.54 -3.75 8.68
CA GLU C 649 -5.85 -4.03 9.24
C GLU C 649 -6.63 -4.88 8.26
N ARG C 650 -7.57 -5.68 8.79
CA ARG C 650 -8.35 -6.61 7.98
C ARG C 650 -9.62 -5.90 7.48
N MET C 651 -9.43 -5.01 6.51
CA MET C 651 -10.52 -4.26 5.92
C MET C 651 -10.99 -4.82 4.58
N VAL C 652 -10.39 -5.91 4.10
CA VAL C 652 -10.75 -6.44 2.78
C VAL C 652 -12.15 -7.03 2.82
N SER C 653 -12.98 -6.67 1.82
CA SER C 653 -14.35 -7.15 1.73
C SER C 653 -14.46 -8.28 0.72
N PRO C 654 -15.33 -9.26 0.96
CA PRO C 654 -15.43 -10.38 0.00
C PRO C 654 -15.81 -9.94 -1.41
N ILE C 655 -16.72 -8.97 -1.55
CA ILE C 655 -17.20 -8.55 -2.85
C ILE C 655 -16.85 -7.08 -3.07
N GLU C 656 -17.39 -6.20 -2.23
CA GLU C 656 -17.10 -4.78 -2.26
C GLU C 656 -17.64 -4.08 -3.49
N SER C 657 -18.49 -4.74 -4.27
CA SER C 657 -19.06 -4.11 -5.46
C SER C 657 -20.20 -4.97 -5.97
N ALA C 658 -21.02 -4.36 -6.84
CA ALA C 658 -22.12 -5.09 -7.45
C ALA C 658 -21.62 -6.15 -8.44
N GLU C 659 -20.69 -5.75 -9.32
CA GLU C 659 -20.09 -6.72 -10.23
C GLU C 659 -19.32 -7.78 -9.45
N ASP C 660 -18.93 -7.48 -8.22
CA ASP C 660 -18.29 -8.48 -7.38
C ASP C 660 -19.22 -9.66 -7.13
N LEU C 661 -20.51 -9.39 -6.94
CA LEU C 661 -21.47 -10.48 -6.82
C LEU C 661 -21.58 -11.25 -8.13
N ALA C 662 -21.62 -10.54 -9.26
CA ALA C 662 -21.80 -11.19 -10.55
C ALA C 662 -20.65 -12.14 -10.87
N LYS C 663 -19.41 -11.70 -10.66
CA LYS C 663 -18.26 -12.51 -11.05
C LYS C 663 -18.28 -13.86 -10.33
N GLN C 664 -18.46 -13.85 -9.01
CA GLN C 664 -18.35 -15.07 -8.24
C GLN C 664 -19.59 -15.94 -8.39
N THR C 665 -19.44 -17.20 -8.01
CA THR C 665 -20.53 -18.16 -8.06
C THR C 665 -20.68 -19.00 -6.81
N GLU C 666 -19.66 -19.08 -5.96
CA GLU C 666 -19.79 -19.84 -4.71
C GLU C 666 -20.88 -19.27 -3.83
N ILE C 667 -21.02 -17.94 -3.83
CA ILE C 667 -22.05 -17.26 -3.06
C ILE C 667 -23.18 -16.86 -4.00
N ALA C 668 -24.41 -17.23 -3.64
CA ALA C 668 -25.56 -16.96 -4.49
C ALA C 668 -26.31 -15.75 -3.96
N TYR C 669 -26.67 -14.84 -4.86
CA TYR C 669 -27.39 -13.63 -4.51
C TYR C 669 -28.80 -13.68 -5.07
N GLY C 670 -29.77 -13.33 -4.23
CA GLY C 670 -31.16 -13.30 -4.64
C GLY C 670 -31.91 -12.23 -3.88
N THR C 671 -33.18 -12.08 -4.24
CA THR C 671 -34.02 -11.00 -3.74
C THR C 671 -35.25 -11.57 -3.03
N LEU C 672 -36.19 -10.68 -2.72
CA LEU C 672 -37.47 -11.04 -2.13
C LEU C 672 -38.52 -11.04 -3.23
N GLU C 673 -39.22 -12.17 -3.39
CA GLU C 673 -40.28 -12.25 -4.38
C GLU C 673 -41.43 -11.33 -4.00
N ALA C 674 -41.98 -10.64 -5.01
CA ALA C 674 -43.02 -9.63 -4.84
C ALA C 674 -42.49 -8.36 -4.20
N GLY C 675 -41.23 -8.04 -4.45
CA GLY C 675 -40.62 -6.85 -3.89
C GLY C 675 -40.04 -5.97 -4.99
N SER C 676 -40.08 -4.66 -4.78
CA SER C 676 -39.76 -3.72 -5.85
C SER C 676 -38.39 -3.99 -6.45
N THR C 677 -37.45 -4.52 -5.65
CA THR C 677 -36.12 -4.80 -6.20
C THR C 677 -36.18 -5.89 -7.26
N LYS C 678 -37.09 -6.86 -7.11
CA LYS C 678 -37.24 -7.89 -8.12
C LYS C 678 -37.63 -7.26 -9.46
N GLU C 679 -38.62 -6.36 -9.45
CA GLU C 679 -38.99 -5.67 -10.68
C GLU C 679 -37.84 -4.81 -11.19
N PHE C 680 -37.13 -4.13 -10.30
CA PHE C 680 -36.03 -3.28 -10.72
C PHE C 680 -34.98 -4.08 -11.49
N PHE C 681 -34.66 -5.27 -11.00
CA PHE C 681 -33.75 -6.14 -11.73
C PHE C 681 -34.38 -6.66 -13.01
N ARG C 682 -35.69 -6.96 -12.97
CA ARG C 682 -36.36 -7.53 -14.13
C ARG C 682 -36.36 -6.56 -15.31
N ARG C 683 -36.54 -5.27 -15.05
CA ARG C 683 -36.65 -4.26 -16.09
C ARG C 683 -35.35 -3.48 -16.30
N SER C 684 -34.25 -3.93 -15.70
CA SER C 684 -33.00 -3.20 -15.84
C SER C 684 -32.48 -3.27 -17.27
N LYS C 685 -31.72 -2.25 -17.66
CA LYS C 685 -31.13 -2.16 -18.99
C LYS C 685 -29.62 -2.05 -18.93
N ILE C 686 -29.00 -2.51 -17.84
CA ILE C 686 -27.55 -2.47 -17.68
C ILE C 686 -27.01 -3.89 -17.79
N ALA C 687 -25.73 -3.98 -18.13
CA ALA C 687 -25.09 -5.29 -18.23
C ALA C 687 -25.09 -6.00 -16.88
N VAL C 688 -24.67 -5.29 -15.83
CA VAL C 688 -24.56 -5.92 -14.51
C VAL C 688 -25.93 -6.38 -14.03
N PHE C 689 -26.94 -5.51 -14.17
CA PHE C 689 -28.27 -5.87 -13.72
C PHE C 689 -28.89 -6.95 -14.59
N GLU C 690 -28.61 -6.93 -15.90
CA GLU C 690 -29.10 -7.99 -16.77
C GLU C 690 -28.51 -9.33 -16.35
N LYS C 691 -27.20 -9.36 -16.06
CA LYS C 691 -26.57 -10.59 -15.62
C LYS C 691 -27.13 -11.05 -14.28
N MET C 692 -27.35 -10.11 -13.36
CA MET C 692 -27.91 -10.47 -12.07
C MET C 692 -29.31 -11.06 -12.22
N TRP C 693 -30.11 -10.46 -13.09
CA TRP C 693 -31.46 -10.98 -13.31
C TRP C 693 -31.43 -12.35 -13.95
N THR C 694 -30.53 -12.54 -14.92
CA THR C 694 -30.40 -13.85 -15.54
C THR C 694 -30.03 -14.90 -14.50
N TYR C 695 -29.04 -14.61 -13.67
CA TYR C 695 -28.64 -15.56 -12.64
C TYR C 695 -29.78 -15.84 -11.68
N MET C 696 -30.48 -14.79 -11.23
CA MET C 696 -31.54 -14.98 -10.23
C MET C 696 -32.69 -15.80 -10.79
N LYS C 697 -33.09 -15.52 -12.03
CA LYS C 697 -34.22 -16.24 -12.62
C LYS C 697 -33.85 -17.69 -12.96
N SER C 698 -32.57 -17.98 -13.10
CA SER C 698 -32.09 -19.33 -13.42
C SER C 698 -31.21 -19.87 -12.29
N ALA C 699 -31.64 -19.65 -11.06
CA ALA C 699 -30.89 -20.05 -9.88
C ALA C 699 -31.52 -21.30 -9.28
N GLU C 700 -30.73 -22.36 -9.14
CA GLU C 700 -31.18 -23.62 -8.57
C GLU C 700 -30.35 -23.94 -7.34
N PRO C 701 -30.94 -24.02 -6.13
CA PRO C 701 -32.35 -23.82 -5.83
C PRO C 701 -32.78 -22.35 -5.90
N SER C 702 -34.08 -22.10 -5.79
CA SER C 702 -34.62 -20.75 -5.90
C SER C 702 -33.99 -19.81 -4.87
N VAL C 703 -33.24 -18.82 -5.34
CA VAL C 703 -32.65 -17.84 -4.44
C VAL C 703 -33.72 -16.97 -3.81
N PHE C 704 -34.81 -16.71 -4.54
CA PHE C 704 -35.86 -15.83 -4.03
C PHE C 704 -36.40 -16.37 -2.71
N VAL C 705 -36.67 -15.46 -1.78
CA VAL C 705 -37.11 -15.83 -0.45
C VAL C 705 -38.54 -15.35 -0.25
N ARG C 706 -39.22 -15.96 0.71
CA ARG C 706 -40.59 -15.59 1.00
C ARG C 706 -40.70 -14.30 1.79
N THR C 707 -39.69 -13.99 2.59
CA THR C 707 -39.76 -12.83 3.48
C THR C 707 -38.34 -12.41 3.84
N THR C 708 -38.21 -11.17 4.32
CA THR C 708 -36.89 -10.63 4.61
C THR C 708 -36.18 -11.45 5.67
N GLU C 709 -36.89 -11.83 6.73
CA GLU C 709 -36.28 -12.71 7.74
C GLU C 709 -35.78 -13.99 7.11
N GLU C 710 -36.45 -14.48 6.07
CA GLU C 710 -36.00 -15.69 5.40
C GLU C 710 -34.59 -15.50 4.83
N GLY C 711 -34.38 -14.40 4.10
CA GLY C 711 -33.06 -14.14 3.55
C GLY C 711 -32.03 -13.83 4.62
N MET C 712 -32.44 -13.14 5.67
CA MET C 712 -31.54 -12.85 6.78
C MET C 712 -31.03 -14.15 7.40
N ILE C 713 -31.93 -15.09 7.65
CA ILE C 713 -31.52 -16.37 8.22
C ILE C 713 -30.71 -17.17 7.20
N ARG C 714 -31.07 -17.07 5.92
CA ARG C 714 -30.33 -17.78 4.89
C ARG C 714 -28.88 -17.35 4.87
N VAL C 715 -28.63 -16.04 4.95
CA VAL C 715 -27.24 -15.57 5.00
C VAL C 715 -26.61 -15.93 6.34
N ARG C 716 -27.38 -15.80 7.43
CA ARG C 716 -26.85 -16.12 8.76
C ARG C 716 -26.52 -17.60 8.89
N LYS C 717 -27.19 -18.47 8.13
CA LYS C 717 -26.95 -19.90 8.18
C LYS C 717 -26.47 -20.46 6.85
N SER C 718 -25.94 -19.61 5.98
CA SER C 718 -25.39 -20.04 4.70
C SER C 718 -23.90 -20.31 4.76
N LYS C 719 -23.26 -20.10 5.92
CA LYS C 719 -21.82 -20.24 6.04
C LYS C 719 -21.13 -19.41 4.95
N GLY C 720 -21.61 -18.18 4.78
CA GLY C 720 -21.11 -17.33 3.72
C GLY C 720 -21.44 -17.82 2.33
N LYS C 721 -22.67 -18.25 2.10
CA LYS C 721 -23.11 -18.74 0.80
C LYS C 721 -24.22 -17.92 0.17
N TYR C 722 -24.90 -17.07 0.93
CA TYR C 722 -25.99 -16.25 0.42
C TYR C 722 -25.64 -14.77 0.55
N ALA C 723 -26.08 -13.99 -0.43
CA ALA C 723 -25.85 -12.55 -0.47
C ALA C 723 -27.21 -11.88 -0.74
N TYR C 724 -27.96 -11.63 0.33
CA TYR C 724 -29.29 -11.06 0.20
C TYR C 724 -29.21 -9.62 -0.28
N LEU C 725 -30.09 -9.28 -1.22
CA LEU C 725 -30.21 -7.91 -1.73
C LEU C 725 -31.51 -7.33 -1.20
N LEU C 726 -31.42 -6.20 -0.52
CA LEU C 726 -32.59 -5.62 0.13
C LEU C 726 -32.44 -4.11 0.17
N GLU C 727 -33.22 -3.47 1.02
CA GLU C 727 -33.16 -2.03 1.17
C GLU C 727 -32.22 -1.64 2.31
N SER C 728 -31.60 -0.47 2.16
CA SER C 728 -30.55 -0.06 3.09
C SER C 728 -31.08 0.04 4.51
N THR C 729 -32.33 0.46 4.67
CA THR C 729 -32.87 0.66 6.02
C THR C 729 -32.88 -0.64 6.81
N MET C 730 -33.44 -1.70 6.22
CA MET C 730 -33.49 -2.98 6.91
C MET C 730 -32.09 -3.52 7.16
N ASN C 731 -31.20 -3.35 6.18
CA ASN C 731 -29.83 -3.82 6.35
C ASN C 731 -29.16 -3.14 7.53
N GLU C 732 -29.35 -1.81 7.65
CA GLU C 732 -28.76 -1.09 8.78
C GLU C 732 -29.36 -1.53 10.10
N TYR C 733 -30.69 -1.64 10.15
CA TYR C 733 -31.33 -2.08 11.39
C TYR C 733 -30.79 -3.44 11.83
N ILE C 734 -30.70 -4.38 10.89
CA ILE C 734 -30.26 -5.73 11.24
C ILE C 734 -28.79 -5.71 11.65
N GLU C 735 -27.96 -4.97 10.92
CA GLU C 735 -26.56 -4.85 11.29
C GLU C 735 -26.37 -4.16 12.64
N GLN C 736 -27.42 -3.49 13.14
CA GLN C 736 -27.36 -2.88 14.46
C GLN C 736 -27.89 -3.78 15.56
N ARG C 737 -28.85 -4.66 15.26
CA ARG C 737 -29.50 -5.47 16.27
C ARG C 737 -28.66 -6.71 16.59
N LYS C 738 -28.69 -7.10 17.87
CA LYS C 738 -27.97 -8.28 18.29
C LYS C 738 -28.53 -9.51 17.58
N PRO C 739 -27.69 -10.46 17.18
CA PRO C 739 -26.24 -10.55 17.37
C PRO C 739 -25.44 -9.53 16.58
N CYS C 740 -26.12 -8.76 15.72
CA CYS C 740 -25.48 -7.85 14.79
C CYS C 740 -24.26 -8.51 14.17
N ASP C 741 -24.45 -9.75 13.72
CA ASP C 741 -23.43 -10.53 13.04
C ASP C 741 -23.55 -10.45 11.52
N THR C 742 -24.10 -9.35 11.01
CA THR C 742 -24.24 -9.13 9.57
C THR C 742 -23.73 -7.74 9.23
N MET C 743 -23.25 -7.59 8.00
CA MET C 743 -22.65 -6.36 7.53
C MET C 743 -23.21 -5.97 6.17
N LYS C 744 -23.24 -4.67 5.92
CA LYS C 744 -23.60 -4.12 4.62
C LYS C 744 -22.32 -3.86 3.83
N VAL C 745 -22.37 -4.20 2.55
CA VAL C 745 -21.19 -4.08 1.69
C VAL C 745 -21.52 -3.23 0.48
N GLY C 746 -20.58 -2.37 0.09
CA GLY C 746 -20.71 -1.57 -1.10
C GLY C 746 -21.63 -0.39 -0.92
N GLY C 747 -21.75 0.38 -1.99
CA GLY C 747 -22.65 1.51 -2.03
C GLY C 747 -23.98 1.13 -2.64
N ASN C 748 -25.01 1.87 -2.26
CA ASN C 748 -26.35 1.61 -2.78
C ASN C 748 -26.35 1.67 -4.29
N LEU C 749 -26.92 0.64 -4.93
CA LEU C 749 -26.92 0.58 -6.39
C LEU C 749 -27.73 1.72 -6.98
N ASP C 750 -28.93 1.97 -6.42
CA ASP C 750 -29.79 3.02 -6.91
C ASP C 750 -30.41 3.74 -5.71
N SER C 751 -31.07 4.85 -5.99
CA SER C 751 -31.67 5.69 -4.96
C SER C 751 -33.17 5.77 -5.17
N LYS C 752 -33.92 5.55 -4.10
CA LYS C 752 -35.36 5.70 -4.09
C LYS C 752 -35.81 5.81 -2.64
N GLY C 753 -37.12 5.95 -2.45
CA GLY C 753 -37.65 6.16 -1.13
C GLY C 753 -39.04 5.58 -0.97
N TYR C 754 -39.40 5.35 0.29
CA TYR C 754 -40.74 4.89 0.61
C TYR C 754 -41.73 6.00 0.34
N GLY C 755 -43.00 5.72 0.60
CA GLY C 755 -44.03 6.70 0.40
C GLY C 755 -45.36 6.16 0.87
N ILE C 756 -46.23 7.10 1.21
CA ILE C 756 -47.58 6.79 1.65
C ILE C 756 -48.49 6.74 0.42
N ALA C 757 -49.37 5.76 0.39
CA ALA C 757 -50.18 5.48 -0.78
C ALA C 757 -51.66 5.62 -0.45
N THR C 758 -52.43 6.02 -1.46
CA THR C 758 -53.87 6.08 -1.39
C THR C 758 -54.43 5.64 -2.73
N PRO C 759 -55.71 5.28 -2.78
CA PRO C 759 -56.31 4.90 -4.07
C PRO C 759 -56.39 6.07 -5.02
N LYS C 760 -56.25 5.76 -6.31
CA LYS C 760 -56.39 6.78 -7.33
C LYS C 760 -57.77 7.42 -7.25
N GLY C 761 -57.81 8.75 -7.24
CA GLY C 761 -59.05 9.47 -7.10
C GLY C 761 -59.50 9.69 -5.67
N SER C 762 -58.78 9.16 -4.70
CA SER C 762 -59.14 9.35 -3.31
C SER C 762 -58.98 10.81 -2.90
N ALA C 763 -59.85 11.25 -1.98
CA ALA C 763 -59.79 12.62 -1.48
C ALA C 763 -58.68 12.80 -0.45
N LEU C 764 -58.14 11.72 0.09
CA LEU C 764 -57.13 11.82 1.14
C LEU C 764 -55.76 12.18 0.61
N ARG C 765 -55.54 12.14 -0.71
CA ARG C 765 -54.20 12.36 -1.24
C ARG C 765 -53.70 13.76 -0.89
N GLY C 766 -54.56 14.77 -1.01
CA GLY C 766 -54.15 16.13 -0.83
C GLY C 766 -53.47 16.39 0.50
N PRO C 767 -54.23 16.33 1.58
CA PRO C 767 -53.66 16.67 2.90
C PRO C 767 -52.51 15.80 3.32
N VAL C 768 -52.50 14.53 2.93
CA VAL C 768 -51.46 13.62 3.41
C VAL C 768 -50.08 14.14 3.03
N ASN C 769 -49.88 14.45 1.75
CA ASN C 769 -48.63 15.09 1.35
C ASN C 769 -48.29 16.23 2.30
N LEU C 770 -49.23 17.16 2.49
CA LEU C 770 -48.96 18.29 3.37
C LEU C 770 -48.49 17.80 4.72
N ALA C 771 -49.23 16.89 5.34
CA ALA C 771 -48.83 16.38 6.64
C ALA C 771 -47.41 15.86 6.59
N VAL C 772 -47.10 15.03 5.59
CA VAL C 772 -45.76 14.47 5.50
C VAL C 772 -44.74 15.59 5.52
N LEU C 773 -44.95 16.61 4.68
CA LEU C 773 -43.99 17.69 4.63
C LEU C 773 -43.84 18.34 5.98
N LYS C 774 -44.97 18.63 6.65
CA LYS C 774 -44.88 19.19 7.99
C LYS C 774 -43.87 18.41 8.81
N LEU C 775 -44.05 17.08 8.86
CA LEU C 775 -43.20 16.27 9.71
C LEU C 775 -41.73 16.44 9.33
N SER C 776 -41.43 16.40 8.03
CA SER C 776 -40.05 16.51 7.60
C SER C 776 -39.48 17.85 8.00
N GLU C 777 -40.29 18.91 7.91
CA GLU C 777 -39.82 20.23 8.29
C GLU C 777 -39.86 20.45 9.78
N GLN C 778 -40.51 19.56 10.53
CA GLN C 778 -40.56 19.70 11.98
C GLN C 778 -39.56 18.82 12.70
N GLY C 779 -38.76 18.05 11.97
CA GLY C 779 -37.81 17.14 12.57
C GLY C 779 -38.41 15.86 13.10
N VAL C 780 -39.72 15.67 12.93
CA VAL C 780 -40.37 14.50 13.51
C VAL C 780 -39.80 13.22 12.94
N LEU C 781 -39.72 13.13 11.62
CA LEU C 781 -39.25 11.91 10.99
C LEU C 781 -37.82 11.62 11.37
N ASP C 782 -37.00 12.66 11.50
CA ASP C 782 -35.62 12.46 11.93
C ASP C 782 -35.57 11.87 13.34
N LYS C 783 -36.39 12.40 14.25
CA LYS C 783 -36.41 11.87 15.61
C LYS C 783 -36.87 10.42 15.62
N LEU C 784 -37.91 10.10 14.85
CA LEU C 784 -38.40 8.73 14.80
C LEU C 784 -37.35 7.78 14.25
N LYS C 785 -36.68 8.18 13.17
CA LYS C 785 -35.61 7.36 12.60
C LYS C 785 -34.51 7.13 13.62
N SER C 786 -34.04 8.19 14.26
CA SER C 786 -32.99 8.04 15.25
C SER C 786 -33.43 7.11 16.38
N LYS C 787 -34.67 7.26 16.84
CA LYS C 787 -35.16 6.45 17.93
C LYS C 787 -35.17 4.97 17.55
N TRP C 788 -35.78 4.64 16.41
CA TRP C 788 -35.97 3.25 16.06
C TRP C 788 -34.74 2.61 15.41
N TRP C 789 -33.69 3.38 15.12
CA TRP C 789 -32.50 2.81 14.51
C TRP C 789 -31.24 2.93 15.35
N TYR C 790 -31.20 3.81 16.33
CA TYR C 790 -29.95 4.08 17.06
C TYR C 790 -30.09 3.96 18.57
N ASP C 791 -31.23 4.35 19.13
CA ASP C 791 -31.36 4.35 20.60
C ASP C 791 -31.20 2.94 21.16
N LYS C 792 -31.75 1.94 20.48
CA LYS C 792 -31.64 0.57 20.97
C LYS C 792 -30.18 0.19 21.19
N GLY C 793 -29.32 0.48 20.22
CA GLY C 793 -27.89 0.27 20.35
C GLY C 793 -27.49 -1.05 20.96
N GLU C 794 -27.83 -2.16 20.30
CA GLU C 794 -27.46 -3.48 20.83
C GLU C 794 -25.94 -3.62 20.92
N CYS C 795 -25.25 -3.36 19.82
CA CYS C 795 -23.79 -3.40 19.78
C CYS C 795 -23.29 -2.10 19.15
N GLY C 796 -22.25 -1.53 19.76
CA GLY C 796 -21.75 -0.24 19.34
C GLY C 796 -20.67 -0.32 18.27
N SER C 797 -20.49 -1.49 17.67
CA SER C 797 -19.51 -1.66 16.62
C SER C 797 -19.88 -0.85 15.38
N LYS C 805 -5.23 8.35 9.85
CA LYS C 805 -5.57 6.93 9.80
C LYS C 805 -4.86 6.17 10.91
N THR C 806 -3.54 6.33 10.99
CA THR C 806 -2.78 5.68 12.04
C THR C 806 -3.30 6.11 13.41
N SER C 807 -3.50 5.14 14.29
CA SER C 807 -4.07 5.37 15.60
C SER C 807 -3.12 4.87 16.68
N ALA C 808 -3.03 5.64 17.77
CA ALA C 808 -2.17 5.28 18.88
C ALA C 808 -2.55 3.94 19.47
N LEU C 809 -1.59 3.29 20.11
CA LEU C 809 -1.84 2.01 20.76
C LEU C 809 -2.70 2.20 22.00
N SER C 810 -3.63 1.29 22.19
CA SER C 810 -4.47 1.27 23.38
C SER C 810 -3.85 0.35 24.43
N LEU C 811 -4.14 0.66 25.70
CA LEU C 811 -3.59 -0.13 26.79
C LEU C 811 -4.00 -1.59 26.70
N SER C 812 -5.07 -1.90 25.97
CA SER C 812 -5.49 -3.29 25.81
C SER C 812 -4.49 -4.08 24.98
N ASN C 813 -3.87 -3.44 23.99
CA ASN C 813 -2.94 -4.15 23.12
C ASN C 813 -1.74 -4.68 23.89
N VAL C 814 -1.35 -3.99 24.97
CA VAL C 814 -0.07 -4.23 25.61
C VAL C 814 -0.22 -4.42 27.11
N ALA C 815 -1.39 -4.86 27.57
CA ALA C 815 -1.58 -5.04 29.01
C ALA C 815 -0.95 -6.33 29.51
N GLY C 816 -0.80 -7.33 28.64
CA GLY C 816 -0.25 -8.59 29.07
C GLY C 816 1.15 -8.45 29.63
N VAL C 817 1.95 -7.58 29.03
CA VAL C 817 3.30 -7.37 29.53
C VAL C 817 3.27 -6.71 30.90
N PHE C 818 2.30 -5.83 31.14
CA PHE C 818 2.13 -5.26 32.48
C PHE C 818 1.79 -6.35 33.48
N TYR C 819 0.89 -7.26 33.10
CA TYR C 819 0.56 -8.36 34.00
C TYR C 819 1.79 -9.20 34.29
N ILE C 820 2.59 -9.46 33.26
CA ILE C 820 3.83 -10.22 33.44
C ILE C 820 4.76 -9.50 34.40
N LEU C 821 4.85 -8.17 34.26
CA LEU C 821 5.70 -7.40 35.15
C LEU C 821 5.24 -7.52 36.59
N ILE C 822 3.93 -7.41 36.82
CA ILE C 822 3.42 -7.54 38.19
C ILE C 822 3.71 -8.92 38.73
N GLY C 823 3.51 -9.95 37.92
CA GLY C 823 3.82 -11.30 38.36
C GLY C 823 5.27 -11.45 38.73
N GLY C 824 6.16 -10.88 37.92
CA GLY C 824 7.58 -10.97 38.22
C GLY C 824 7.95 -10.23 39.49
N LEU C 825 7.34 -9.07 39.72
CA LEU C 825 7.62 -8.33 40.95
C LEU C 825 7.16 -9.12 42.16
N GLY C 826 5.96 -9.72 42.10
CA GLY C 826 5.50 -10.52 43.21
C GLY C 826 6.40 -11.71 43.46
N LEU C 827 6.81 -12.39 42.39
CA LEU C 827 7.70 -13.53 42.51
C LEU C 827 9.03 -13.10 43.13
N ALA C 828 9.53 -11.92 42.74
CA ALA C 828 10.78 -11.41 43.29
C ALA C 828 10.65 -11.16 44.79
N MET C 829 9.53 -10.57 45.22
CA MET C 829 9.33 -10.36 46.64
C MET C 829 9.27 -11.69 47.38
N LEU C 830 8.57 -12.67 46.81
CA LEU C 830 8.48 -13.99 47.43
C LEU C 830 9.87 -14.62 47.59
N VAL C 831 10.68 -14.56 46.54
CA VAL C 831 12.01 -15.14 46.61
C VAL C 831 12.88 -14.35 47.59
N ALA C 832 12.68 -13.05 47.70
CA ALA C 832 13.40 -12.28 48.70
C ALA C 832 13.07 -12.78 50.09
N LEU C 833 11.79 -13.03 50.34
CA LEU C 833 11.39 -13.57 51.63
C LEU C 833 12.04 -14.92 51.89
N ILE C 834 12.05 -15.79 50.87
CA ILE C 834 12.64 -17.11 51.03
C ILE C 834 14.13 -16.99 51.35
N GLU C 835 14.83 -16.13 50.63
CA GLU C 835 16.26 -15.95 50.88
C GLU C 835 16.50 -15.35 52.27
N PHE C 836 15.60 -14.47 52.71
CA PHE C 836 15.72 -13.91 54.05
C PHE C 836 15.61 -15.00 55.11
N CYS C 837 14.61 -15.88 54.94
CA CYS C 837 14.46 -16.99 55.88
C CYS C 837 15.67 -17.91 55.86
N TYR C 838 16.17 -18.23 54.67
CA TYR C 838 17.33 -19.11 54.57
C TYR C 838 18.55 -18.48 55.23
N LYS C 839 18.78 -17.20 54.99
CA LYS C 839 19.93 -16.53 55.58
C LYS C 839 19.81 -16.47 57.10
N SER C 840 18.59 -16.23 57.59
CA SER C 840 18.39 -16.21 59.05
C SER C 840 18.74 -17.55 59.66
N ARG C 841 18.33 -18.65 59.02
CA ARG C 841 18.62 -19.98 59.52
C ARG C 841 19.91 -20.51 58.91
N GLY D 18 28.14 -37.58 47.21
CA GLY D 18 27.56 -38.91 47.22
C GLY D 18 26.11 -38.91 46.78
N VAL D 19 25.29 -38.12 47.48
CA VAL D 19 23.90 -37.97 47.09
C VAL D 19 23.80 -37.41 45.69
N GLN D 20 24.71 -36.50 45.35
CA GLN D 20 24.65 -35.82 44.07
C GLN D 20 24.86 -36.80 42.92
N VAL D 21 25.76 -37.77 43.09
CA VAL D 21 25.99 -38.76 42.05
C VAL D 21 24.75 -39.62 41.84
N LEU D 22 24.10 -40.01 42.94
CA LEU D 22 22.90 -40.83 42.82
C LEU D 22 21.79 -40.06 42.12
N LEU D 23 21.63 -38.78 42.46
CA LEU D 23 20.64 -37.97 41.78
C LEU D 23 20.98 -37.86 40.30
N THR D 24 22.27 -37.69 39.99
CA THR D 24 22.72 -37.68 38.61
C THR D 24 22.29 -38.95 37.89
N THR D 25 22.53 -40.11 38.49
CA THR D 25 22.24 -41.37 37.82
C THR D 25 20.74 -41.54 37.59
N ILE D 26 19.94 -41.25 38.60
CA ILE D 26 18.50 -41.45 38.44
C ILE D 26 17.96 -40.45 37.42
N GLY D 27 18.47 -39.22 37.40
CA GLY D 27 18.05 -38.28 36.41
C GLY D 27 18.42 -38.71 35.00
N ALA D 28 19.62 -39.26 34.83
CA ALA D 28 20.04 -39.74 33.53
C ALA D 28 19.13 -40.85 33.04
N PHE D 29 18.85 -41.83 33.91
CA PHE D 29 17.99 -42.93 33.50
C PHE D 29 16.57 -42.46 33.24
N ALA D 30 16.07 -41.52 34.03
CA ALA D 30 14.74 -40.97 33.79
C ALA D 30 14.68 -40.27 32.45
N ALA D 31 15.70 -39.48 32.12
CA ALA D 31 15.73 -38.80 30.83
C ALA D 31 15.79 -39.80 29.69
N PHE D 32 16.62 -40.84 29.84
CA PHE D 32 16.70 -41.87 28.82
C PHE D 32 15.35 -42.55 28.61
N GLY D 33 14.67 -42.89 29.71
CA GLY D 33 13.36 -43.50 29.60
C GLY D 33 12.35 -42.59 28.92
N LEU D 34 12.34 -41.32 29.32
CA LEU D 34 11.42 -40.37 28.70
C LEU D 34 11.66 -40.27 27.20
N MET D 35 12.92 -40.15 26.81
CA MET D 35 13.23 -39.95 25.40
C MET D 35 12.90 -41.21 24.60
N THR D 36 13.21 -42.38 25.14
CA THR D 36 12.89 -43.63 24.46
C THR D 36 11.38 -43.80 24.32
N ILE D 37 10.64 -43.48 25.38
CA ILE D 37 9.18 -43.52 25.31
C ILE D 37 8.68 -42.62 24.19
N ALA D 38 9.16 -41.38 24.17
CA ALA D 38 8.66 -40.43 23.17
C ALA D 38 8.99 -40.90 21.76
N ILE D 39 10.17 -41.49 21.57
CA ILE D 39 10.52 -42.00 20.26
C ILE D 39 9.60 -43.15 19.87
N SER D 40 9.44 -44.12 20.77
CA SER D 40 8.62 -45.28 20.45
C SER D 40 7.14 -44.92 20.43
N THR D 41 6.72 -44.04 21.33
CA THR D 41 5.34 -43.61 21.40
C THR D 41 4.93 -42.88 20.13
N ASP D 42 3.63 -42.82 19.89
CA ASP D 42 3.04 -42.25 18.69
C ASP D 42 1.87 -41.33 19.03
N TYR D 43 2.07 -40.47 20.02
CA TYR D 43 1.12 -39.43 20.39
C TYR D 43 1.80 -38.07 20.41
N TRP D 44 2.53 -37.74 19.34
CA TRP D 44 3.18 -36.45 19.26
C TRP D 44 2.21 -35.36 18.83
N LEU D 45 1.56 -35.52 17.69
CA LEU D 45 0.77 -34.48 17.06
C LEU D 45 -0.69 -34.91 16.96
N TYR D 46 -1.59 -33.96 17.17
CA TYR D 46 -3.04 -34.17 17.14
C TYR D 46 -3.61 -33.28 16.04
N THR D 47 -3.67 -33.81 14.81
CA THR D 47 -4.12 -33.02 13.68
C THR D 47 -5.08 -33.84 12.82
N ARG D 48 -5.82 -33.12 11.97
CA ARG D 48 -6.70 -33.74 10.99
C ARG D 48 -5.95 -33.95 9.68
N ALA D 49 -6.14 -35.13 9.10
CA ALA D 49 -5.48 -35.49 7.85
C ALA D 49 -6.45 -36.27 6.97
N LEU D 50 -6.16 -36.25 5.67
CA LEU D 50 -6.92 -37.02 4.68
C LEU D 50 -6.26 -38.38 4.47
N ILE D 51 -6.05 -39.07 5.58
CA ILE D 51 -5.45 -40.41 5.56
C ILE D 51 -6.37 -41.46 6.17
N CYS D 52 -7.44 -41.06 6.84
CA CYS D 52 -8.42 -42.00 7.38
C CYS D 52 -9.82 -41.47 7.10
N ASN D 53 -10.72 -42.38 6.75
CA ASN D 53 -12.08 -42.00 6.37
C ASN D 53 -12.96 -41.81 7.61
N GLY D 79 -10.06 -33.42 6.91
CA GLY D 79 -9.99 -34.85 7.14
C GLY D 79 -10.60 -35.26 8.46
N GLY D 80 -9.98 -36.23 9.13
CA GLY D 80 -10.49 -36.71 10.39
C GLY D 80 -9.41 -36.66 11.47
N LEU D 81 -9.87 -36.61 12.71
CA LEU D 81 -8.96 -36.48 13.84
C LEU D 81 -7.95 -37.61 13.85
N THR D 82 -6.70 -37.26 14.17
CA THR D 82 -5.59 -38.20 14.07
C THR D 82 -4.54 -37.84 15.10
N HIS D 83 -4.06 -38.84 15.84
CA HIS D 83 -2.95 -38.68 16.77
C HIS D 83 -1.72 -39.31 16.13
N SER D 84 -0.80 -38.48 15.69
CA SER D 84 0.34 -38.92 14.93
C SER D 84 1.53 -39.21 15.86
N GLY D 85 2.70 -39.43 15.26
CA GLY D 85 3.88 -39.71 16.02
C GLY D 85 5.12 -39.47 15.19
N LEU D 86 6.25 -39.94 15.71
CA LEU D 86 7.52 -39.76 15.01
C LEU D 86 7.66 -40.75 13.86
N TRP D 87 7.07 -41.93 13.96
CA TRP D 87 7.16 -42.97 12.96
C TRP D 87 5.84 -43.24 12.26
N ARG D 88 4.80 -43.56 13.03
CA ARG D 88 3.53 -43.99 12.48
C ARG D 88 2.43 -43.00 12.83
N ILE D 89 1.48 -42.85 11.91
CA ILE D 89 0.33 -41.97 12.10
C ILE D 89 -0.89 -42.82 12.36
N CYS D 90 -1.56 -42.58 13.49
CA CYS D 90 -2.68 -43.39 13.92
C CYS D 90 -3.93 -42.53 14.04
N CYS D 91 -4.98 -42.93 13.35
CA CYS D 91 -6.24 -42.20 13.31
C CYS D 91 -7.14 -42.62 14.46
N LEU D 92 -8.17 -41.80 14.70
CA LEU D 92 -9.14 -42.07 15.75
C LEU D 92 -10.47 -41.44 15.35
N GLU D 93 -11.54 -41.93 15.95
CA GLU D 93 -12.89 -41.42 15.68
C GLU D 93 -13.17 -41.43 14.18
N GLY D 94 -12.78 -42.51 13.52
CA GLY D 94 -13.00 -42.65 12.09
C GLY D 94 -13.40 -44.05 11.69
N LEU D 95 -13.30 -44.34 10.38
CA LEU D 95 -13.64 -45.68 9.90
C LEU D 95 -12.69 -46.72 10.50
N LYS D 96 -11.40 -46.43 10.51
CA LYS D 96 -10.43 -47.37 11.09
C LYS D 96 -10.58 -47.45 12.60
N ARG D 97 -10.67 -46.29 13.25
CA ARG D 97 -10.88 -46.22 14.70
C ARG D 97 -9.85 -47.06 15.46
N GLY D 98 -8.60 -47.00 14.99
CA GLY D 98 -7.52 -47.68 15.70
C GLY D 98 -6.46 -48.30 14.82
N VAL D 99 -6.78 -48.55 13.55
CA VAL D 99 -5.81 -49.13 12.63
C VAL D 99 -4.93 -48.02 12.09
N CYS D 100 -3.63 -48.30 11.97
CA CYS D 100 -2.70 -47.24 11.58
C CYS D 100 -1.41 -47.83 11.03
N VAL D 101 -0.63 -46.96 10.39
CA VAL D 101 0.50 -47.37 9.57
C VAL D 101 1.62 -46.34 9.63
N LYS D 102 2.77 -46.70 9.09
CA LYS D 102 3.91 -45.79 8.99
C LYS D 102 3.64 -44.69 7.96
N ILE D 103 4.65 -43.85 7.75
CA ILE D 103 4.52 -42.67 6.91
C ILE D 103 5.59 -42.70 5.82
N ASN D 104 5.28 -42.08 4.69
CA ASN D 104 6.21 -41.93 3.58
C ASN D 104 6.85 -40.54 3.62
N HIS D 105 7.80 -40.39 4.55
CA HIS D 105 8.35 -39.06 4.82
C HIS D 105 9.07 -38.51 3.60
N PHE D 106 9.93 -39.32 2.97
CA PHE D 106 10.71 -38.82 1.84
C PHE D 106 9.83 -38.38 0.69
N PRO D 107 8.92 -39.21 0.17
CA PRO D 107 8.05 -38.74 -0.93
C PRO D 107 7.04 -37.69 -0.48
N GLU D 108 6.29 -37.96 0.58
CA GLU D 108 5.13 -37.14 0.95
C GLU D 108 4.15 -37.02 -0.21
N ASP D 109 4.19 -38.01 -1.10
CA ASP D 109 3.34 -38.03 -2.29
C ASP D 109 3.80 -37.05 -3.35
N THR D 110 4.85 -36.27 -3.05
CA THR D 110 5.37 -35.33 -4.04
C THR D 110 6.46 -35.97 -4.89
N ASP D 111 7.52 -36.46 -4.25
CA ASP D 111 8.61 -37.15 -4.95
C ASP D 111 9.23 -36.25 -6.02
N TYR D 112 9.62 -35.04 -5.61
CA TYR D 112 10.22 -34.08 -6.51
C TYR D 112 11.24 -33.24 -5.74
N ASP D 113 12.07 -32.52 -6.50
CA ASP D 113 13.07 -31.64 -5.92
C ASP D 113 14.06 -32.42 -5.07
N HIS D 114 14.77 -33.36 -5.69
CA HIS D 114 15.76 -34.16 -4.97
C HIS D 114 17.06 -33.38 -4.83
N ASP D 115 17.72 -33.57 -3.69
CA ASP D 115 19.00 -32.93 -3.40
C ASP D 115 18.93 -31.42 -3.61
N SER D 116 17.99 -30.81 -2.89
CA SER D 116 17.73 -29.38 -3.01
C SER D 116 17.68 -28.69 -1.65
N ALA D 117 18.34 -29.25 -0.65
CA ALA D 117 18.37 -28.75 0.73
C ALA D 117 17.06 -29.00 1.46
N GLU D 118 16.02 -29.46 0.78
CA GLU D 118 14.81 -29.94 1.42
C GLU D 118 14.79 -31.45 1.55
N TYR D 119 15.44 -32.15 0.63
CA TYR D 119 15.55 -33.60 0.74
C TYR D 119 16.34 -33.99 1.98
N LEU D 120 17.37 -33.21 2.31
CA LEU D 120 18.16 -33.50 3.50
C LEU D 120 17.32 -33.42 4.77
N LEU D 121 16.45 -32.41 4.85
CA LEU D 121 15.55 -32.29 5.98
C LEU D 121 14.65 -33.51 6.08
N ARG D 122 14.15 -33.98 4.94
CA ARG D 122 13.27 -35.13 4.93
C ARG D 122 14.00 -36.37 5.41
N VAL D 123 15.25 -36.56 4.97
CA VAL D 123 16.03 -37.70 5.40
C VAL D 123 16.25 -37.65 6.90
N VAL D 124 16.61 -36.48 7.42
CA VAL D 124 16.86 -36.33 8.84
C VAL D 124 15.59 -36.60 9.64
N ARG D 125 14.46 -36.06 9.18
CA ARG D 125 13.21 -36.25 9.88
C ARG D 125 12.81 -37.72 9.91
N ALA D 126 12.93 -38.41 8.79
CA ALA D 126 12.55 -39.81 8.74
C ALA D 126 13.46 -40.65 9.63
N SER D 127 14.77 -40.49 9.45
CA SER D 127 15.71 -41.27 10.26
C SER D 127 15.56 -40.97 11.74
N SER D 128 15.11 -39.77 12.10
CA SER D 128 15.03 -39.35 13.48
C SER D 128 16.35 -39.61 14.19
N ILE D 129 17.44 -39.32 13.49
CA ILE D 129 18.77 -39.68 13.98
C ILE D 129 19.13 -38.86 15.21
N PHE D 130 18.58 -37.66 15.35
CA PHE D 130 19.02 -36.75 16.39
C PHE D 130 18.42 -37.11 17.75
N PRO D 131 17.11 -37.37 17.85
CA PRO D 131 16.59 -37.89 19.12
C PRO D 131 17.21 -39.20 19.54
N ILE D 132 17.46 -40.09 18.57
CA ILE D 132 18.12 -41.35 18.88
C ILE D 132 19.52 -41.11 19.40
N LEU D 133 20.22 -40.15 18.77
CA LEU D 133 21.55 -39.78 19.25
C LEU D 133 21.47 -39.24 20.66
N SER D 134 20.45 -38.44 20.96
CA SER D 134 20.28 -37.93 22.31
C SER D 134 20.13 -39.06 23.30
N ALA D 135 19.31 -40.05 22.95
CA ALA D 135 19.12 -41.20 23.83
C ALA D 135 20.43 -41.96 24.04
N ILE D 136 21.18 -42.17 22.95
CA ILE D 136 22.44 -42.88 23.04
C ILE D 136 23.41 -42.13 23.95
N LEU D 137 23.50 -40.82 23.77
CA LEU D 137 24.40 -40.02 24.58
C LEU D 137 23.99 -40.06 26.05
N LEU D 138 22.69 -40.00 26.33
CA LEU D 138 22.23 -40.12 27.71
C LEU D 138 22.64 -41.46 28.29
N LEU D 139 22.46 -42.53 27.52
CA LEU D 139 22.84 -43.86 28.00
C LEU D 139 24.32 -43.92 28.32
N LEU D 140 25.16 -43.43 27.40
CA LEU D 140 26.60 -43.50 27.62
C LEU D 140 27.01 -42.63 28.79
N GLY D 141 26.37 -41.47 28.96
CA GLY D 141 26.70 -40.63 30.09
C GLY D 141 26.33 -41.27 31.42
N GLY D 142 25.16 -41.88 31.49
CA GLY D 142 24.80 -42.61 32.70
C GLY D 142 25.76 -43.75 32.97
N VAL D 143 26.19 -44.44 31.91
CA VAL D 143 27.15 -45.52 32.06
C VAL D 143 28.47 -45.00 32.63
N CYS D 144 28.95 -43.87 32.10
CA CYS D 144 30.18 -43.29 32.61
C CYS D 144 30.04 -42.87 34.07
N VAL D 145 28.91 -42.26 34.42
CA VAL D 145 28.67 -41.89 35.80
C VAL D 145 28.72 -43.11 36.71
N ALA D 146 28.04 -44.19 36.30
CA ALA D 146 28.06 -45.40 37.11
C ALA D 146 29.48 -45.96 37.24
N ALA D 147 30.22 -45.97 36.13
CA ALA D 147 31.59 -46.45 36.16
C ALA D 147 32.48 -45.56 37.04
N SER D 148 32.09 -44.31 37.26
CA SER D 148 32.87 -43.44 38.13
C SER D 148 33.01 -44.04 39.53
N ARG D 149 31.92 -44.63 40.04
CA ARG D 149 31.98 -45.27 41.34
C ARG D 149 33.01 -46.39 41.37
N VAL D 150 33.25 -47.03 40.22
CA VAL D 150 34.22 -48.11 40.14
C VAL D 150 35.64 -47.57 40.25
N TYR D 151 35.95 -46.54 39.47
CA TYR D 151 37.30 -45.95 39.41
C TYR D 151 37.18 -44.48 39.81
N LYS D 152 37.25 -44.21 41.11
CA LYS D 152 37.18 -42.83 41.60
C LYS D 152 38.43 -42.04 41.24
N SER D 153 39.55 -42.72 40.98
CA SER D 153 40.78 -42.01 40.64
C SER D 153 40.62 -41.23 39.34
N LYS D 154 40.07 -41.87 38.30
CA LYS D 154 39.86 -41.22 37.02
C LYS D 154 38.67 -40.29 37.14
N ARG D 155 38.93 -39.01 37.38
CA ARG D 155 37.87 -38.03 37.56
C ARG D 155 37.31 -37.49 36.27
N ASN D 156 37.95 -37.78 35.13
CA ASN D 156 37.47 -37.27 33.85
C ASN D 156 36.23 -37.99 33.34
N ILE D 157 35.87 -39.13 33.96
CA ILE D 157 34.74 -39.90 33.46
C ILE D 157 33.45 -39.11 33.59
N ILE D 158 33.22 -38.51 34.75
CA ILE D 158 32.01 -37.72 34.93
C ILE D 158 32.03 -36.49 34.03
N LEU D 159 33.23 -35.97 33.73
CA LEU D 159 33.32 -34.85 32.81
C LEU D 159 32.85 -35.26 31.41
N GLY D 160 33.30 -36.42 30.96
CA GLY D 160 32.79 -36.95 29.70
C GLY D 160 31.29 -37.16 29.75
N ALA D 161 30.79 -37.62 30.89
CA ALA D 161 29.35 -37.84 31.03
C ALA D 161 28.58 -36.53 30.89
N GLY D 162 29.07 -35.47 31.54
CA GLY D 162 28.40 -34.18 31.43
C GLY D 162 28.43 -33.65 30.02
N ILE D 163 29.56 -33.81 29.34
CA ILE D 163 29.65 -33.40 27.94
C ILE D 163 28.63 -34.17 27.11
N LEU D 164 28.49 -35.47 27.37
CA LEU D 164 27.52 -36.27 26.63
C LEU D 164 26.11 -35.78 26.87
N PHE D 165 25.79 -35.44 28.12
CA PHE D 165 24.46 -34.95 28.43
C PHE D 165 24.18 -33.64 27.71
N VAL D 166 25.15 -32.73 27.69
CA VAL D 166 24.96 -31.46 27.01
C VAL D 166 24.77 -31.67 25.52
N ALA D 167 25.59 -32.54 24.92
CA ALA D 167 25.43 -32.84 23.50
C ALA D 167 24.08 -33.48 23.24
N ALA D 168 23.59 -34.29 24.17
CA ALA D 168 22.26 -34.87 24.03
C ALA D 168 21.20 -33.79 24.00
N GLY D 169 21.32 -32.80 24.88
CA GLY D 169 20.40 -31.68 24.83
C GLY D 169 20.42 -30.96 23.50
N LEU D 170 21.61 -30.71 22.98
CA LEU D 170 21.72 -30.04 21.68
C LEU D 170 21.05 -30.86 20.58
N SER D 171 21.32 -32.16 20.57
CA SER D 171 20.71 -33.02 19.56
C SER D 171 19.19 -33.05 19.71
N ASN D 172 18.70 -33.07 20.94
CA ASN D 172 17.26 -33.07 21.16
C ASN D 172 16.61 -31.83 20.60
N ILE D 173 17.21 -30.66 20.85
CA ILE D 173 16.61 -29.43 20.37
C ILE D 173 16.67 -29.37 18.85
N ILE D 174 17.78 -29.84 18.26
CA ILE D 174 17.82 -29.92 16.80
C ILE D 174 16.72 -30.83 16.27
N GLY D 175 16.51 -31.97 16.95
CA GLY D 175 15.51 -32.90 16.50
C GLY D 175 14.11 -32.31 16.51
N VAL D 176 13.77 -31.61 17.60
CA VAL D 176 12.45 -30.98 17.65
C VAL D 176 12.34 -29.90 16.60
N ILE D 177 13.43 -29.16 16.35
CA ILE D 177 13.38 -28.11 15.34
C ILE D 177 13.07 -28.71 13.98
N VAL D 178 13.76 -29.79 13.60
CA VAL D 178 13.53 -30.37 12.29
C VAL D 178 12.15 -31.01 12.22
N TYR D 179 11.72 -31.63 13.32
CA TYR D 179 10.38 -32.20 13.37
C TYR D 179 9.32 -31.14 13.08
N ILE D 180 9.45 -29.99 13.73
CA ILE D 180 8.47 -28.93 13.52
C ILE D 180 8.59 -28.34 12.13
N SER D 181 9.82 -28.21 11.63
CA SER D 181 10.01 -27.59 10.33
C SER D 181 9.46 -28.46 9.21
N ALA D 182 9.53 -29.79 9.37
CA ALA D 182 9.04 -30.69 8.34
C ALA D 182 7.52 -30.71 8.28
N ASN D 183 6.86 -30.62 9.43
CA ASN D 183 5.41 -30.71 9.46
C ASN D 183 4.73 -29.58 8.71
N ALA D 184 5.46 -28.51 8.39
CA ALA D 184 4.86 -27.42 7.63
C ALA D 184 4.40 -27.90 6.26
N GLY D 185 5.21 -28.74 5.61
CA GLY D 185 4.87 -29.27 4.30
C GLY D 185 3.52 -29.95 4.26
N LYS D 196 -3.85 -23.47 6.32
CA LYS D 196 -3.31 -24.07 7.52
C LYS D 196 -4.43 -24.42 8.50
N ASN D 197 -4.58 -25.70 8.80
CA ASN D 197 -5.60 -26.21 9.70
C ASN D 197 -5.05 -26.32 11.11
N HIS D 198 -5.95 -26.59 12.05
CA HIS D 198 -5.59 -26.67 13.44
C HIS D 198 -4.67 -27.85 13.71
N TYR D 199 -3.86 -27.73 14.76
CA TYR D 199 -2.94 -28.78 15.17
C TYR D 199 -2.63 -28.60 16.64
N SER D 200 -2.05 -29.64 17.23
CA SER D 200 -1.69 -29.59 18.64
C SER D 200 -0.73 -30.72 18.94
N TYR D 201 -0.06 -30.62 20.08
CA TYR D 201 1.03 -31.50 20.46
C TYR D 201 0.62 -32.37 21.65
N GLY D 202 1.14 -33.59 21.69
CA GLY D 202 0.81 -34.55 22.72
C GLY D 202 1.87 -34.64 23.80
N TRP D 203 1.71 -35.66 24.65
CA TRP D 203 2.55 -35.79 25.83
C TRP D 203 3.92 -36.38 25.53
N SER D 204 4.10 -37.06 24.40
CA SER D 204 5.44 -37.50 24.02
C SER D 204 6.33 -36.32 23.69
N PHE D 205 5.75 -35.28 23.10
CA PHE D 205 6.48 -34.03 22.88
C PHE D 205 7.07 -33.51 24.18
N TYR D 206 6.22 -33.37 25.19
CA TYR D 206 6.69 -32.85 26.46
C TYR D 206 7.58 -33.85 27.18
N PHE D 207 7.46 -35.13 26.89
CA PHE D 207 8.41 -36.09 27.42
C PHE D 207 9.80 -35.84 26.86
N GLY D 208 9.90 -35.59 25.56
CA GLY D 208 11.19 -35.23 24.99
C GLY D 208 11.74 -33.94 25.56
N GLY D 209 10.86 -32.95 25.74
CA GLY D 209 11.29 -31.71 26.34
C GLY D 209 11.83 -31.89 27.76
N LEU D 210 11.13 -32.70 28.55
CA LEU D 210 11.59 -33.01 29.90
C LEU D 210 12.93 -33.73 29.86
N SER D 211 13.09 -34.63 28.88
CA SER D 211 14.40 -35.26 28.72
C SER D 211 15.48 -34.22 28.51
N PHE D 212 15.20 -33.21 27.68
CA PHE D 212 16.20 -32.17 27.44
C PHE D 212 16.51 -31.42 28.71
N ILE D 213 15.48 -31.03 29.45
CA ILE D 213 15.68 -30.26 30.67
C ILE D 213 16.51 -31.06 31.67
N LEU D 214 16.17 -32.34 31.84
CA LEU D 214 16.95 -33.18 32.73
C LEU D 214 18.38 -33.31 32.26
N ALA D 215 18.60 -33.41 30.96
CA ALA D 215 19.96 -33.51 30.45
C ALA D 215 20.76 -32.27 30.82
N GLU D 216 20.16 -31.10 30.67
CA GLU D 216 20.87 -29.87 31.02
C GLU D 216 21.20 -29.85 32.52
N VAL D 217 20.22 -30.20 33.35
CA VAL D 217 20.45 -30.20 34.79
C VAL D 217 21.55 -31.18 35.16
N ILE D 218 21.50 -32.38 34.60
CA ILE D 218 22.49 -33.40 34.90
C ILE D 218 23.87 -32.98 34.44
N GLY D 219 23.97 -32.31 33.28
CA GLY D 219 25.26 -31.80 32.86
C GLY D 219 25.82 -30.82 33.87
N VAL D 220 24.96 -29.92 34.36
CA VAL D 220 25.39 -28.97 35.38
C VAL D 220 25.92 -29.70 36.61
N LEU D 221 25.15 -30.69 37.09
CA LEU D 221 25.54 -31.39 38.30
C LEU D 221 26.83 -32.16 38.12
N ALA D 222 26.99 -32.83 36.98
CA ALA D 222 28.21 -33.59 36.74
C ALA D 222 29.42 -32.67 36.66
N VAL D 223 29.28 -31.51 36.01
CA VAL D 223 30.38 -30.56 35.98
C VAL D 223 30.72 -30.11 37.39
N ASN D 224 29.70 -29.85 38.22
CA ASN D 224 29.97 -29.45 39.59
C ASN D 224 30.70 -30.55 40.34
N ILE D 225 30.33 -31.80 40.09
CA ILE D 225 31.01 -32.92 40.75
C ILE D 225 32.48 -32.95 40.34
N TYR D 226 32.75 -32.74 39.06
CA TYR D 226 34.13 -32.73 38.60
C TYR D 226 34.91 -31.60 39.26
N ILE D 227 34.29 -30.43 39.38
CA ILE D 227 34.94 -29.32 40.08
C ILE D 227 35.26 -29.70 41.51
N GLU D 228 34.30 -30.30 42.20
CA GLU D 228 34.51 -30.68 43.59
C GLU D 228 35.64 -31.70 43.72
N ARG D 229 35.66 -32.69 42.83
CA ARG D 229 36.71 -33.72 42.90
C ARG D 229 38.07 -33.12 42.64
N SER D 230 38.20 -32.28 41.61
CA SER D 230 39.49 -31.68 41.32
C SER D 230 39.93 -30.72 42.42
N ARG D 231 38.99 -30.00 43.03
CA ARG D 231 39.32 -29.14 44.16
C ARG D 231 39.83 -29.96 45.33
N GLU D 232 39.16 -31.07 45.64
CA GLU D 232 39.63 -31.95 46.70
C GLU D 232 41.03 -32.48 46.39
N ALA D 233 41.30 -32.76 45.12
CA ALA D 233 42.64 -33.18 44.74
C ALA D 233 43.68 -32.10 45.06
N HIS D 234 43.34 -30.85 44.77
CA HIS D 234 44.25 -29.74 45.03
C HIS D 234 45.52 -29.86 44.19
N GLY E 18 48.48 31.83 32.82
CA GLY E 18 48.61 33.19 32.33
C GLY E 18 48.23 33.32 30.86
N VAL E 19 48.90 32.54 30.02
CA VAL E 19 48.57 32.52 28.61
C VAL E 19 47.13 32.07 28.41
N GLN E 20 46.69 31.14 29.25
CA GLN E 20 45.36 30.56 29.10
C GLN E 20 44.28 31.61 29.32
N VAL E 21 44.49 32.51 30.29
CA VAL E 21 43.51 33.56 30.55
C VAL E 21 43.43 34.53 29.37
N LEU E 22 44.58 34.87 28.79
CA LEU E 22 44.58 35.76 27.64
C LEU E 22 43.87 35.13 26.46
N LEU E 23 44.13 33.84 26.22
CA LEU E 23 43.42 33.15 25.15
C LEU E 23 41.93 33.13 25.43
N THR E 24 41.55 32.91 26.68
CA THR E 24 40.16 32.98 27.08
C THR E 24 39.55 34.33 26.71
N THR E 25 40.22 35.42 27.06
CA THR E 25 39.67 36.74 26.82
C THR E 25 39.51 37.04 25.34
N ILE E 26 40.54 36.73 24.56
CA ILE E 26 40.45 37.03 23.13
C ILE E 26 39.39 36.16 22.48
N GLY E 27 39.27 34.90 22.91
CA GLY E 27 38.21 34.06 22.37
C GLY E 27 36.83 34.58 22.71
N ALA E 28 36.66 35.06 23.95
CA ALA E 28 35.37 35.61 24.36
C ALA E 28 35.01 36.82 23.51
N PHE E 29 35.96 37.74 23.33
CA PHE E 29 35.67 38.93 22.54
C PHE E 29 35.45 38.58 21.07
N ALA E 30 36.19 37.61 20.54
CA ALA E 30 35.96 37.18 19.17
C ALA E 30 34.57 36.59 19.01
N ALA E 31 34.14 35.76 19.96
CA ALA E 31 32.80 35.19 19.88
C ALA E 31 31.73 36.27 19.98
N PHE E 32 31.93 37.23 20.87
CA PHE E 32 30.98 38.34 20.98
C PHE E 32 30.90 39.12 19.68
N GLY E 33 32.05 39.42 19.07
CA GLY E 33 32.04 40.12 17.81
C GLY E 33 31.35 39.34 16.72
N LEU E 34 31.64 38.04 16.63
CA LEU E 34 30.99 37.21 15.61
C LEU E 34 29.49 37.21 15.79
N MET E 35 29.02 37.03 17.03
CA MET E 35 27.59 36.93 17.26
C MET E 35 26.91 38.26 16.98
N THR E 36 27.52 39.37 17.40
CA THR E 36 26.95 40.68 17.14
C THR E 36 26.90 40.97 15.66
N ILE E 37 27.96 40.62 14.93
CA ILE E 37 27.96 40.77 13.48
C ILE E 37 26.80 39.99 12.87
N ALA E 38 26.65 38.73 13.25
CA ALA E 38 25.62 37.90 12.65
C ALA E 38 24.23 38.45 12.95
N ILE E 39 24.03 38.97 14.17
CA ILE E 39 22.75 39.56 14.51
C ILE E 39 22.48 40.79 13.66
N SER E 40 23.46 41.70 13.60
CA SER E 40 23.28 42.93 12.85
C SER E 40 23.29 42.67 11.34
N THR E 41 24.14 41.75 10.91
CA THR E 41 24.24 41.42 9.50
C THR E 41 22.93 40.83 8.99
N ASP E 42 22.75 40.88 7.67
CA ASP E 42 21.53 40.45 7.01
C ASP E 42 21.86 39.58 5.79
N TYR E 43 22.77 38.63 5.97
CA TYR E 43 23.11 37.63 4.95
C TYR E 43 22.99 36.23 5.54
N TRP E 44 21.87 35.94 6.20
CA TRP E 44 21.66 34.61 6.76
C TRP E 44 21.20 33.63 5.69
N LEU E 45 20.10 33.93 5.01
CA LEU E 45 19.42 33.00 4.13
C LEU E 45 19.42 33.53 2.70
N TYR E 46 19.61 32.63 1.74
CA TYR E 46 19.66 32.94 0.31
C TYR E 46 18.52 32.19 -0.38
N THR E 47 17.34 32.81 -0.45
CA THR E 47 16.16 32.16 -0.99
C THR E 47 15.41 33.09 -1.92
N ARG E 48 14.55 32.50 -2.74
CA ARG E 48 13.66 33.24 -3.62
C ARG E 48 12.34 33.52 -2.91
N ALA E 49 11.86 34.75 -3.04
CA ALA E 49 10.61 35.16 -2.41
C ALA E 49 9.83 36.06 -3.34
N LEU E 50 8.52 36.13 -3.11
CA LEU E 50 7.63 37.02 -3.85
C LEU E 50 7.50 38.35 -3.11
N ILE E 51 8.65 38.94 -2.79
CA ILE E 51 8.71 40.23 -2.11
C ILE E 51 9.43 41.29 -2.92
N CYS E 52 10.11 40.91 -4.00
CA CYS E 52 10.77 41.87 -4.87
C CYS E 52 10.51 41.46 -6.32
N ASN E 53 10.28 42.45 -7.18
CA ASN E 53 9.94 42.20 -8.58
C ASN E 53 11.19 41.97 -9.41
N GLY E 79 9.72 33.49 -7.16
CA GLY E 79 10.06 34.88 -6.97
C GLY E 79 11.43 35.23 -7.50
N GLY E 80 12.14 36.09 -6.78
CA GLY E 80 13.46 36.51 -7.20
C GLY E 80 14.48 36.30 -6.10
N LEU E 81 15.74 36.18 -6.50
CA LEU E 81 16.81 35.90 -5.56
C LEU E 81 16.85 36.96 -4.46
N THR E 82 17.10 36.51 -3.24
CA THR E 82 17.02 37.38 -2.07
C THR E 82 17.98 36.86 -1.00
N HIS E 83 18.77 37.76 -0.43
CA HIS E 83 19.63 37.45 0.70
C HIS E 83 18.99 38.05 1.94
N SER E 84 18.44 37.18 2.79
CA SER E 84 17.66 37.62 3.94
C SER E 84 18.55 37.74 5.16
N GLY E 85 17.93 37.93 6.32
CA GLY E 85 18.65 38.08 7.55
C GLY E 85 17.75 37.81 8.73
N LEU E 86 18.25 38.17 9.92
CA LEU E 86 17.48 37.96 11.14
C LEU E 86 16.40 39.01 11.31
N TRP E 87 16.63 40.22 10.82
CA TRP E 87 15.70 41.33 10.94
C TRP E 87 15.09 41.75 9.62
N ARG E 88 15.92 42.07 8.63
CA ARG E 88 15.47 42.63 7.37
C ARG E 88 15.79 41.69 6.22
N ILE E 89 14.91 41.68 5.23
CA ILE E 89 15.08 40.87 4.02
C ILE E 89 15.46 41.78 2.87
N CYS E 90 16.60 41.49 2.24
CA CYS E 90 17.13 42.35 1.20
C CYS E 90 17.25 41.56 -0.11
N CYS E 91 16.63 42.09 -1.15
CA CYS E 91 16.60 41.44 -2.46
C CYS E 91 17.82 41.83 -3.29
N LEU E 92 18.03 41.07 -4.35
CA LEU E 92 19.14 41.33 -5.27
C LEU E 92 18.75 40.82 -6.64
N GLU E 93 19.44 41.34 -7.66
CA GLU E 93 19.19 40.94 -9.04
C GLU E 93 17.72 41.09 -9.40
N GLY E 94 17.11 42.19 -8.95
CA GLY E 94 15.72 42.46 -9.22
C GLY E 94 15.43 43.90 -9.53
N LEU E 95 14.16 44.29 -9.46
CA LEU E 95 13.80 45.68 -9.72
C LEU E 95 14.43 46.61 -8.68
N LYS E 96 14.37 46.23 -7.41
CA LYS E 96 14.96 47.05 -6.36
C LYS E 96 16.48 47.02 -6.45
N ARG E 97 17.05 45.82 -6.59
CA ARG E 97 18.50 45.65 -6.74
C ARG E 97 19.27 46.36 -5.63
N GLY E 98 18.74 46.26 -4.41
CA GLY E 98 19.44 46.79 -3.25
C GLY E 98 18.57 47.40 -2.18
N VAL E 99 17.34 47.78 -2.53
CA VAL E 99 16.42 48.37 -1.56
C VAL E 99 15.75 47.25 -0.78
N CYS E 100 15.61 47.44 0.53
CA CYS E 100 15.09 46.36 1.36
C CYS E 100 14.54 46.90 2.67
N VAL E 101 13.79 46.03 3.35
CA VAL E 101 12.96 46.42 4.48
C VAL E 101 12.90 45.32 5.52
N LYS E 102 12.32 45.64 6.68
CA LYS E 102 12.11 44.68 7.75
C LYS E 102 11.02 43.69 7.35
N ILE E 103 10.69 42.80 8.29
CA ILE E 103 9.77 41.68 8.04
C ILE E 103 8.64 41.74 9.06
N ASN E 104 7.48 41.22 8.66
CA ASN E 104 6.32 41.10 9.55
C ASN E 104 6.22 39.67 10.09
N HIS E 105 7.10 39.38 11.05
CA HIS E 105 7.24 38.01 11.52
C HIS E 105 5.96 37.50 12.15
N PHE E 106 5.35 38.30 13.04
CA PHE E 106 4.16 37.83 13.73
C PHE E 106 3.00 37.56 12.78
N PRO E 107 2.60 38.48 11.92
CA PRO E 107 1.52 38.15 10.97
C PRO E 107 1.92 37.15 9.91
N GLU E 108 3.03 37.39 9.21
CA GLU E 108 3.39 36.62 8.02
C GLU E 108 2.27 36.66 6.99
N ASP E 109 1.45 37.71 7.07
CA ASP E 109 0.31 37.89 6.17
C ASP E 109 -0.84 36.96 6.52
N THR E 110 -0.65 36.09 7.52
CA THR E 110 -1.74 35.20 7.94
C THR E 110 -2.58 35.83 9.02
N ASP E 111 -1.95 36.19 10.15
CA ASP E 111 -2.64 36.86 11.26
C ASP E 111 -3.80 36.01 11.77
N TYR E 112 -3.50 34.75 12.09
CA TYR E 112 -4.50 33.82 12.59
C TYR E 112 -3.85 32.86 13.57
N ASP E 113 -4.69 32.14 14.31
CA ASP E 113 -4.23 31.14 15.27
C ASP E 113 -3.37 31.79 16.36
N HIS E 114 -3.94 32.73 17.10
CA HIS E 114 -3.21 33.39 18.17
C HIS E 114 -3.19 32.53 19.41
N ASP E 115 -2.07 32.57 20.13
CA ASP E 115 -1.89 31.84 21.38
C ASP E 115 -2.21 30.35 21.19
N SER E 116 -1.50 29.74 20.24
CA SER E 116 -1.72 28.35 19.87
C SER E 116 -0.41 27.56 19.82
N ALA E 117 0.60 28.00 20.56
CA ALA E 117 1.94 27.39 20.61
C ALA E 117 2.74 27.67 19.35
N GLU E 118 2.14 28.25 18.32
CA GLU E 118 2.87 28.76 17.17
C GLU E 118 3.13 30.25 17.26
N TYR E 119 2.23 30.98 17.92
CA TYR E 119 2.43 32.41 18.14
C TYR E 119 3.67 32.64 19.01
N LEU E 120 3.90 31.77 19.99
CA LEU E 120 5.07 31.91 20.86
C LEU E 120 6.36 31.79 20.04
N LEU E 121 6.40 30.83 19.13
CA LEU E 121 7.57 30.69 18.26
C LEU E 121 7.79 31.96 17.45
N ARG E 122 6.72 32.54 16.94
CA ARG E 122 6.84 33.76 16.15
C ARG E 122 7.37 34.90 16.99
N VAL E 123 6.88 35.03 18.22
CA VAL E 123 7.37 36.08 19.11
C VAL E 123 8.86 35.90 19.37
N VAL E 124 9.26 34.66 19.67
CA VAL E 124 10.66 34.40 19.97
C VAL E 124 11.52 34.68 18.75
N ARG E 125 11.07 34.26 17.57
CA ARG E 125 11.85 34.48 16.35
C ARG E 125 12.02 35.96 16.08
N ALA E 126 10.94 36.72 16.20
CA ALA E 126 11.02 38.15 15.92
C ALA E 126 11.92 38.86 16.91
N SER E 127 11.68 38.62 18.20
CA SER E 127 12.50 39.27 19.23
C SER E 127 13.96 38.87 19.12
N SER E 128 14.24 37.67 18.60
CA SER E 128 15.60 37.15 18.54
C SER E 128 16.26 37.26 19.90
N ILE E 129 15.49 36.96 20.95
CA ILE E 129 15.95 37.18 22.31
C ILE E 129 17.09 36.25 22.65
N PHE E 130 17.16 35.08 22.03
CA PHE E 130 18.12 34.06 22.44
C PHE E 130 19.52 34.36 21.93
N PRO E 131 19.70 34.69 20.65
CA PRO E 131 21.03 35.14 20.21
C PRO E 131 21.52 36.38 20.94
N ILE E 132 20.62 37.32 21.21
CA ILE E 132 20.99 38.50 21.97
C ILE E 132 21.41 38.12 23.37
N LEU E 133 20.68 37.19 23.98
CA LEU E 133 21.08 36.68 25.29
C LEU E 133 22.45 36.04 25.23
N SER E 134 22.73 35.29 24.17
CA SER E 134 24.04 34.68 24.02
C SER E 134 25.12 35.74 23.99
N ALA E 135 24.88 36.81 23.23
CA ALA E 135 25.86 37.89 23.16
C ALA E 135 26.06 38.54 24.53
N ILE E 136 24.96 38.78 25.24
CA ILE E 136 25.05 39.40 26.56
C ILE E 136 25.85 38.53 27.51
N LEU E 137 25.57 37.22 27.49
CA LEU E 137 26.29 36.30 28.36
C LEU E 137 27.76 36.25 28.02
N LEU E 138 28.09 36.26 26.72
CA LEU E 138 29.50 36.30 26.34
C LEU E 138 30.17 37.56 26.86
N LEU E 139 29.48 38.69 26.74
CA LEU E 139 30.05 39.95 27.21
C LEU E 139 30.30 39.88 28.71
N LEU E 140 29.31 39.42 29.47
CA LEU E 140 29.47 39.37 30.92
C LEU E 140 30.55 38.38 31.33
N GLY E 141 30.68 37.27 30.60
CA GLY E 141 31.72 36.31 30.91
C GLY E 141 33.10 36.87 30.66
N GLY E 142 33.27 37.55 29.53
CA GLY E 142 34.54 38.21 29.27
C GLY E 142 34.86 39.27 30.31
N VAL E 143 33.84 39.99 30.76
CA VAL E 143 34.03 40.99 31.80
C VAL E 143 34.50 40.34 33.09
N CYS E 144 33.87 39.23 33.47
CA CYS E 144 34.27 38.52 34.68
C CYS E 144 35.69 38.00 34.57
N VAL E 145 36.05 37.45 33.41
CA VAL E 145 37.41 36.98 33.19
C VAL E 145 38.39 38.13 33.37
N ALA E 146 38.11 39.27 32.76
CA ALA E 146 39.00 40.41 32.89
C ALA E 146 39.11 40.86 34.34
N ALA E 147 37.98 40.91 35.05
CA ALA E 147 37.99 41.28 36.45
C ALA E 147 38.75 40.28 37.30
N SER E 148 38.89 39.04 36.84
CA SER E 148 39.66 38.06 37.59
C SER E 148 41.08 38.53 37.82
N ARG E 149 41.69 39.14 36.80
CA ARG E 149 43.04 39.68 36.96
C ARG E 149 43.09 40.72 38.06
N VAL E 150 41.98 41.43 38.30
CA VAL E 150 41.96 42.45 39.35
C VAL E 150 41.96 41.80 40.73
N TYR E 151 41.08 40.82 40.94
CA TYR E 151 40.93 40.15 42.23
C TYR E 151 41.22 38.66 42.03
N LYS E 152 42.49 38.29 42.12
CA LYS E 152 42.87 36.89 41.97
C LYS E 152 42.39 36.05 43.15
N SER E 153 42.14 36.65 44.30
CA SER E 153 41.69 35.89 45.47
C SER E 153 40.34 35.23 45.20
N LYS E 154 39.38 35.99 44.66
CA LYS E 154 38.06 35.46 44.36
C LYS E 154 38.17 34.61 43.10
N ARG E 155 38.30 33.29 43.28
CA ARG E 155 38.46 32.38 42.16
C ARG E 155 37.14 31.98 41.52
N ASN E 156 36.00 32.32 42.12
CA ASN E 156 34.71 31.94 41.56
C ASN E 156 34.33 32.79 40.35
N ILE E 157 35.04 33.89 40.10
CA ILE E 157 34.65 34.78 39.01
C ILE E 157 34.77 34.06 37.67
N ILE E 158 35.90 33.40 37.45
CA ILE E 158 36.07 32.67 36.20
C ILE E 158 35.08 31.52 36.10
N LEU E 159 34.69 30.94 37.23
CA LEU E 159 33.68 29.90 37.22
C LEU E 159 32.35 30.45 36.72
N GLY E 160 31.95 31.61 37.23
CA GLY E 160 30.77 32.27 36.71
C GLY E 160 30.90 32.58 35.23
N ALA E 161 32.10 32.98 34.81
CA ALA E 161 32.32 33.28 33.40
C ALA E 161 32.11 32.05 32.53
N GLY E 162 32.65 30.92 32.97
CA GLY E 162 32.48 29.69 32.21
C GLY E 162 31.03 29.26 32.15
N ILE E 163 30.32 29.40 33.26
CA ILE E 163 28.89 29.10 33.26
C ILE E 163 28.17 29.99 32.26
N LEU E 164 28.52 31.27 32.23
CA LEU E 164 27.89 32.19 31.29
C LEU E 164 28.16 31.78 29.86
N PHE E 165 29.39 31.38 29.57
CA PHE E 165 29.72 30.95 28.21
C PHE E 165 28.92 29.72 27.81
N VAL E 166 28.80 28.75 28.72
CA VAL E 166 28.03 27.55 28.41
C VAL E 166 26.57 27.91 28.17
N ALA E 167 25.99 28.75 29.03
CA ALA E 167 24.61 29.18 28.84
C ALA E 167 24.46 29.92 27.52
N ALA E 168 25.47 30.69 27.13
CA ALA E 168 25.44 31.37 25.84
C ALA E 168 25.37 30.36 24.71
N GLY E 169 26.16 29.30 24.79
CA GLY E 169 26.07 28.26 23.79
C GLY E 169 24.70 27.65 23.70
N LEU E 170 24.10 27.36 24.86
CA LEU E 170 22.75 26.78 24.86
C LEU E 170 21.75 27.73 24.22
N SER E 171 21.82 29.01 24.57
CA SER E 171 20.91 29.99 23.99
C SER E 171 21.13 30.11 22.49
N ASN E 172 22.37 30.06 22.04
CA ASN E 172 22.66 30.15 20.62
C ASN E 172 22.04 28.99 19.86
N ILE E 173 22.18 27.78 20.39
CA ILE E 173 21.62 26.64 19.68
C ILE E 173 20.11 26.68 19.68
N ILE E 174 19.51 27.13 20.79
CA ILE E 174 18.05 27.32 20.78
C ILE E 174 17.65 28.35 19.72
N GLY E 175 18.42 29.43 19.62
CA GLY E 175 18.09 30.46 18.67
C GLY E 175 18.12 29.96 17.24
N VAL E 176 19.16 29.22 16.90
CA VAL E 176 19.23 28.69 15.54
C VAL E 176 18.10 27.69 15.30
N ILE E 177 17.75 26.90 16.32
CA ILE E 177 16.67 25.94 16.17
C ILE E 177 15.36 26.66 15.85
N VAL E 178 15.05 27.72 16.60
CA VAL E 178 13.79 28.42 16.36
C VAL E 178 13.84 29.15 15.02
N TYR E 179 15.00 29.72 14.68
CA TYR E 179 15.15 30.37 13.38
C TYR E 179 14.84 29.40 12.26
N ILE E 180 15.38 28.20 12.31
CA ILE E 180 15.14 27.23 11.25
C ILE E 180 13.70 26.75 11.28
N SER E 181 13.13 26.58 12.48
CA SER E 181 11.77 26.05 12.57
C SER E 181 10.76 27.05 12.05
N ALA E 182 11.01 28.34 12.22
CA ALA E 182 10.08 29.35 11.75
C ALA E 182 10.08 29.49 10.24
N ASN E 183 11.25 29.35 9.61
CA ASN E 183 11.36 29.53 8.17
C ASN E 183 10.56 28.51 7.38
N ALA E 184 10.13 27.43 8.02
CA ALA E 184 9.31 26.44 7.32
C ALA E 184 8.00 27.07 6.85
N GLY E 185 7.38 27.90 7.68
CA GLY E 185 6.14 28.55 7.33
C GLY E 185 6.21 29.32 6.02
N LYS E 196 8.10 23.21 -1.69
CA LYS E 196 9.32 23.67 -1.07
C LYS E 196 10.36 24.02 -2.12
N ASN E 197 10.76 25.29 -2.16
CA ASN E 197 11.74 25.79 -3.11
C ASN E 197 13.14 25.74 -2.49
N HIS E 198 14.13 26.02 -3.34
CA HIS E 198 15.52 25.95 -2.91
C HIS E 198 15.83 27.05 -1.90
N TYR E 199 16.83 26.78 -1.06
CA TYR E 199 17.27 27.73 -0.06
C TYR E 199 18.72 27.42 0.30
N SER E 200 19.36 28.36 0.98
CA SER E 200 20.75 28.18 1.38
C SER E 200 21.08 29.21 2.44
N TYR E 201 22.19 28.97 3.13
CA TYR E 201 22.58 29.76 4.30
C TYR E 201 23.84 30.54 3.99
N GLY E 202 23.95 31.73 4.61
CA GLY E 202 25.07 32.62 4.40
C GLY E 202 26.10 32.55 5.50
N TRP E 203 27.04 33.51 5.44
CA TRP E 203 28.18 33.49 6.35
C TRP E 203 27.87 34.00 7.74
N SER E 204 26.78 34.76 7.91
CA SER E 204 26.37 35.15 9.26
C SER E 204 25.92 33.92 10.06
N PHE E 205 25.27 32.97 9.39
CA PHE E 205 24.93 31.70 10.00
C PHE E 205 26.16 31.05 10.61
N TYR E 206 27.20 30.89 9.80
CA TYR E 206 28.41 30.23 10.27
C TYR E 206 29.15 31.09 11.27
N PHE E 207 28.97 32.42 11.22
CA PHE E 207 29.53 33.26 12.27
C PHE E 207 28.89 32.96 13.60
N GLY E 208 27.58 32.80 13.63
CA GLY E 208 26.92 32.41 14.87
C GLY E 208 27.37 31.04 15.34
N GLY E 209 27.50 30.10 14.41
CA GLY E 209 27.99 28.78 14.78
C GLY E 209 29.38 28.82 15.37
N LEU E 210 30.27 29.62 14.77
CA LEU E 210 31.61 29.78 15.31
C LEU E 210 31.57 30.41 16.68
N SER E 211 30.66 31.37 16.88
CA SER E 211 30.48 31.92 18.22
C SER E 211 30.16 30.83 19.21
N PHE E 212 29.26 29.92 18.83
CA PHE E 212 28.89 28.83 19.74
C PHE E 212 30.10 27.96 20.06
N ILE E 213 30.85 27.58 19.02
CA ILE E 213 32.00 26.72 19.22
C ILE E 213 33.01 27.38 20.14
N LEU E 214 33.29 28.65 19.91
CA LEU E 214 34.22 29.37 20.77
C LEU E 214 33.69 29.43 22.19
N ALA E 215 32.38 29.62 22.36
CA ALA E 215 31.84 29.66 23.70
C ALA E 215 32.07 28.35 24.43
N GLU E 216 31.85 27.24 23.74
CA GLU E 216 32.09 25.94 24.37
C GLU E 216 33.55 25.79 24.76
N VAL E 217 34.45 26.13 23.84
CA VAL E 217 35.89 25.99 24.13
C VAL E 217 36.28 26.87 25.31
N ILE E 218 35.80 28.10 25.33
CA ILE E 218 36.15 29.03 26.39
C ILE E 218 35.58 28.55 27.73
N GLY E 219 34.38 27.97 27.73
CA GLY E 219 33.86 27.42 28.96
C GLY E 219 34.77 26.31 29.48
N VAL E 220 35.23 25.45 28.59
CA VAL E 220 36.15 24.39 28.99
C VAL E 220 37.40 24.99 29.62
N LEU E 221 37.99 25.98 28.94
CA LEU E 221 39.24 26.56 29.43
C LEU E 221 39.05 27.25 30.76
N ALA E 222 37.96 28.00 30.92
CA ALA E 222 37.72 28.68 32.19
C ALA E 222 37.53 27.69 33.32
N VAL E 223 36.81 26.61 33.06
CA VAL E 223 36.65 25.58 34.09
C VAL E 223 38.01 25.00 34.47
N ASN E 224 38.84 24.74 33.47
CA ASN E 224 40.18 24.22 33.76
C ASN E 224 40.98 25.21 34.59
N ILE E 225 40.85 26.50 34.31
CA ILE E 225 41.54 27.51 35.09
C ILE E 225 41.08 27.47 36.53
N TYR E 226 39.77 27.35 36.74
CA TYR E 226 39.25 27.27 38.09
C TYR E 226 39.79 26.05 38.82
N ILE E 227 39.85 24.92 38.13
CA ILE E 227 40.41 23.72 38.72
C ILE E 227 41.87 23.96 39.12
N GLU E 228 42.65 24.58 38.23
CA GLU E 228 44.05 24.81 38.52
C GLU E 228 44.20 25.74 39.73
N ARG E 229 43.39 26.80 39.79
CA ARG E 229 43.49 27.74 40.90
C ARG E 229 43.14 27.07 42.22
N SER E 230 42.04 26.31 42.24
CA SER E 230 41.64 25.65 43.47
C SER E 230 42.65 24.58 43.88
N ARG E 231 43.24 23.88 42.92
CA ARG E 231 44.28 22.92 43.23
C ARG E 231 45.50 23.61 43.84
N GLU E 232 45.91 24.73 43.26
CA GLU E 232 47.01 25.49 43.84
C GLU E 232 46.68 25.93 45.25
N ALA E 233 45.42 26.30 45.51
CA ALA E 233 45.02 26.66 46.86
C ALA E 233 45.21 25.49 47.81
N HIS E 234 44.84 24.28 47.39
CA HIS E 234 44.98 23.10 48.22
C HIS E 234 44.10 23.20 49.46
N LYS F 414 -27.83 -20.32 -50.52
CA LYS F 414 -27.94 -19.04 -49.82
C LYS F 414 -27.10 -19.07 -48.54
N THR F 415 -27.32 -20.07 -47.71
CA THR F 415 -26.55 -20.21 -46.49
C THR F 415 -25.10 -20.52 -46.82
N VAL F 416 -24.19 -20.09 -45.96
CA VAL F 416 -22.76 -20.26 -46.15
C VAL F 416 -22.30 -21.43 -45.28
N VAL F 417 -21.38 -22.22 -45.82
CA VAL F 417 -20.82 -23.36 -45.10
C VAL F 417 -19.68 -22.87 -44.23
N VAL F 418 -19.88 -22.89 -42.92
CA VAL F 418 -18.91 -22.38 -41.96
C VAL F 418 -18.26 -23.57 -41.24
N THR F 419 -16.95 -23.63 -41.31
CA THR F 419 -16.17 -24.66 -40.66
C THR F 419 -15.53 -24.12 -39.39
N THR F 420 -15.52 -24.94 -38.34
CA THR F 420 -14.88 -24.58 -37.08
C THR F 420 -14.40 -25.83 -36.38
N ILE F 421 -13.75 -25.62 -35.23
CA ILE F 421 -13.37 -26.69 -34.31
C ILE F 421 -13.63 -26.21 -32.90
N LEU F 422 -13.83 -27.17 -31.99
CA LEU F 422 -14.07 -26.88 -30.58
C LEU F 422 -12.72 -26.74 -29.87
N GLU F 423 -12.12 -25.56 -30.04
CA GLU F 423 -10.92 -25.17 -29.32
C GLU F 423 -11.31 -23.96 -28.46
N SER F 424 -11.63 -24.21 -27.20
CA SER F 424 -12.12 -23.14 -26.35
C SER F 424 -11.04 -22.08 -26.17
N PRO F 425 -11.43 -20.82 -25.96
CA PRO F 425 -12.80 -20.32 -25.87
C PRO F 425 -13.38 -19.92 -27.21
N TYR F 426 -12.71 -20.30 -28.29
CA TYR F 426 -13.15 -19.89 -29.62
C TYR F 426 -14.49 -20.50 -29.98
N VAL F 427 -14.62 -21.82 -29.83
CA VAL F 427 -15.87 -22.52 -30.07
C VAL F 427 -16.07 -23.53 -28.96
N MET F 428 -17.22 -23.46 -28.29
CA MET F 428 -17.51 -24.40 -27.22
C MET F 428 -19.03 -24.50 -27.06
N MET F 429 -19.50 -25.72 -26.84
CA MET F 429 -20.92 -25.99 -26.77
C MET F 429 -21.53 -25.39 -25.51
N LYS F 430 -22.80 -25.01 -25.62
CA LYS F 430 -23.52 -24.51 -24.46
C LYS F 430 -23.81 -25.64 -23.47
N LYS F 431 -24.04 -25.25 -22.22
CA LYS F 431 -24.46 -26.21 -21.22
C LYS F 431 -25.86 -26.71 -21.54
N ASN F 432 -26.08 -28.01 -21.29
CA ASN F 432 -27.38 -28.64 -21.57
C ASN F 432 -27.80 -28.39 -23.02
N HIS F 433 -26.84 -28.55 -23.94
CA HIS F 433 -27.10 -28.33 -25.36
C HIS F 433 -28.01 -29.40 -25.95
N GLU F 434 -28.28 -30.48 -25.23
CA GLU F 434 -29.16 -31.51 -25.76
C GLU F 434 -30.50 -30.94 -26.19
N MET F 435 -30.97 -29.91 -25.50
CA MET F 435 -32.22 -29.23 -25.84
C MET F 435 -32.01 -28.04 -26.75
N LEU F 436 -30.78 -27.79 -27.19
CA LEU F 436 -30.46 -26.68 -28.08
C LEU F 436 -30.37 -27.18 -29.51
N GLU F 437 -30.93 -26.41 -30.45
CA GLU F 437 -30.91 -26.76 -31.86
C GLU F 437 -30.56 -25.52 -32.68
N GLY F 438 -30.07 -25.76 -33.88
CA GLY F 438 -29.61 -24.69 -34.74
C GLY F 438 -28.19 -24.28 -34.43
N ASN F 439 -27.83 -23.09 -34.92
CA ASN F 439 -26.51 -22.53 -34.62
C ASN F 439 -26.40 -22.08 -33.17
N GLU F 440 -27.51 -22.04 -32.43
CA GLU F 440 -27.48 -21.54 -31.05
C GLU F 440 -26.74 -22.46 -30.10
N ARG F 441 -26.53 -23.72 -30.46
CA ARG F 441 -25.85 -24.65 -29.57
C ARG F 441 -24.37 -24.36 -29.43
N TYR F 442 -23.83 -23.46 -30.24
CA TYR F 442 -22.41 -23.10 -30.20
C TYR F 442 -22.25 -21.70 -29.66
N GLU F 443 -21.35 -21.54 -28.69
CA GLU F 443 -21.00 -20.25 -28.14
C GLU F 443 -19.48 -20.11 -28.11
N GLY F 444 -19.00 -18.87 -28.22
CA GLY F 444 -17.57 -18.65 -28.20
C GLY F 444 -17.23 -17.35 -28.91
N TYR F 445 -15.95 -17.24 -29.26
CA TYR F 445 -15.43 -16.04 -29.92
C TYR F 445 -15.58 -16.15 -31.43
N CYS F 446 -15.23 -17.32 -31.99
CA CYS F 446 -15.34 -17.49 -33.43
C CYS F 446 -16.80 -17.44 -33.90
N VAL F 447 -17.73 -17.97 -33.10
CA VAL F 447 -19.13 -17.93 -33.48
C VAL F 447 -19.61 -16.49 -33.56
N ASP F 448 -19.28 -15.69 -32.54
CA ASP F 448 -19.63 -14.27 -32.60
C ASP F 448 -19.01 -13.63 -33.83
N LEU F 449 -17.72 -13.84 -34.04
CA LEU F 449 -17.04 -13.22 -35.17
C LEU F 449 -17.75 -13.54 -36.47
N ALA F 450 -18.06 -14.83 -36.70
CA ALA F 450 -18.76 -15.20 -37.91
C ALA F 450 -20.10 -14.50 -37.99
N ALA F 451 -20.76 -14.29 -36.84
CA ALA F 451 -22.01 -13.56 -36.84
C ALA F 451 -21.83 -12.17 -37.43
N GLU F 452 -20.86 -11.40 -36.92
CA GLU F 452 -20.70 -10.04 -37.44
C GLU F 452 -20.20 -10.05 -38.88
N ILE F 453 -19.38 -11.03 -39.25
CA ILE F 453 -18.91 -11.09 -40.63
C ILE F 453 -20.07 -11.32 -41.59
N ALA F 454 -20.96 -12.25 -41.25
CA ALA F 454 -22.12 -12.48 -42.09
C ALA F 454 -23.03 -11.26 -42.09
N LYS F 455 -23.15 -10.58 -40.95
CA LYS F 455 -23.95 -9.36 -40.90
C LYS F 455 -23.43 -8.33 -41.89
N HIS F 456 -22.14 -8.01 -41.81
CA HIS F 456 -21.57 -7.00 -42.70
C HIS F 456 -21.65 -7.44 -44.15
N CYS F 457 -21.32 -8.70 -44.43
CA CYS F 457 -21.44 -9.23 -45.78
C CYS F 457 -22.88 -9.48 -46.17
N GLY F 458 -23.73 -9.83 -45.20
CA GLY F 458 -25.13 -10.03 -45.44
C GLY F 458 -25.54 -11.49 -45.64
N PHE F 459 -24.59 -12.37 -45.91
CA PHE F 459 -24.91 -13.75 -46.21
C PHE F 459 -25.45 -14.45 -44.97
N LYS F 460 -25.85 -15.71 -45.15
CA LYS F 460 -26.30 -16.58 -44.07
C LYS F 460 -25.33 -17.74 -43.92
N TYR F 461 -25.23 -18.28 -42.71
CA TYR F 461 -24.23 -19.28 -42.38
C TYR F 461 -24.83 -20.38 -41.53
N LYS F 462 -24.28 -21.58 -41.69
CA LYS F 462 -24.57 -22.71 -40.82
C LYS F 462 -23.26 -23.20 -40.21
N LEU F 463 -23.18 -23.22 -38.88
CA LEU F 463 -21.95 -23.56 -38.19
C LEU F 463 -21.78 -25.09 -38.19
N THR F 464 -20.67 -25.56 -38.75
CA THR F 464 -20.41 -26.98 -38.91
C THR F 464 -19.02 -27.32 -38.41
N ILE F 465 -18.93 -28.45 -37.71
CA ILE F 465 -17.66 -28.94 -37.18
C ILE F 465 -17.05 -29.90 -38.21
N VAL F 466 -15.75 -30.16 -38.08
CA VAL F 466 -15.05 -31.11 -38.93
C VAL F 466 -15.02 -32.46 -38.23
N GLY F 467 -15.36 -33.52 -38.98
CA GLY F 467 -15.32 -34.84 -38.40
C GLY F 467 -13.92 -35.25 -37.99
N ASP F 468 -12.92 -34.95 -38.82
CA ASP F 468 -11.55 -35.30 -38.50
C ASP F 468 -11.04 -34.56 -37.28
N GLY F 469 -11.70 -33.47 -36.89
CA GLY F 469 -11.31 -32.73 -35.70
C GLY F 469 -9.91 -32.18 -35.75
N LYS F 470 -9.43 -31.82 -36.94
CA LYS F 470 -8.07 -31.34 -37.12
C LYS F 470 -8.11 -29.97 -37.78
N TYR F 471 -7.14 -29.12 -37.41
CA TYR F 471 -7.08 -27.79 -37.99
C TYR F 471 -6.75 -27.84 -39.47
N GLY F 472 -5.71 -28.58 -39.82
CA GLY F 472 -5.37 -28.79 -41.21
C GLY F 472 -3.88 -29.00 -41.39
N ALA F 473 -3.54 -29.81 -42.38
CA ALA F 473 -2.15 -30.07 -42.75
C ALA F 473 -2.16 -30.88 -44.04
N ARG F 474 -0.96 -31.19 -44.53
CA ARG F 474 -0.80 -31.95 -45.75
C ARG F 474 0.11 -33.14 -45.49
N ASP F 475 -0.18 -34.25 -46.16
CA ASP F 475 0.63 -35.46 -46.02
C ASP F 475 1.71 -35.45 -47.09
N ALA F 476 2.97 -35.49 -46.67
CA ALA F 476 4.08 -35.35 -47.58
C ALA F 476 4.13 -36.44 -48.65
N ASP F 477 3.47 -37.56 -48.41
CA ASP F 477 3.46 -38.67 -49.37
C ASP F 477 2.25 -38.61 -50.31
N THR F 478 1.05 -38.50 -49.76
CA THR F 478 -0.16 -38.44 -50.57
C THR F 478 -0.42 -37.06 -51.16
N LYS F 479 0.22 -36.02 -50.63
CA LYS F 479 -0.04 -34.65 -51.07
C LYS F 479 -1.52 -34.31 -50.92
N ILE F 480 -2.13 -34.81 -49.85
CA ILE F 480 -3.55 -34.61 -49.59
C ILE F 480 -3.71 -33.66 -48.41
N TRP F 481 -4.82 -32.94 -48.40
CA TRP F 481 -5.11 -31.93 -47.40
C TRP F 481 -6.16 -32.43 -46.42
N ASN F 482 -5.92 -32.18 -45.13
CA ASN F 482 -6.79 -32.66 -44.06
C ASN F 482 -7.45 -31.48 -43.36
N GLY F 483 -8.51 -31.78 -42.62
CA GLY F 483 -9.14 -30.78 -41.80
C GLY F 483 -9.75 -29.64 -42.62
N MET F 484 -9.66 -28.44 -42.05
CA MET F 484 -10.31 -27.28 -42.65
C MET F 484 -9.76 -26.98 -44.04
N VAL F 485 -8.44 -27.05 -44.18
CA VAL F 485 -7.82 -26.73 -45.47
C VAL F 485 -8.28 -27.71 -46.54
N GLY F 486 -8.29 -29.00 -46.21
CA GLY F 486 -8.80 -29.98 -47.16
C GLY F 486 -10.26 -29.74 -47.48
N GLU F 487 -11.04 -29.39 -46.47
CA GLU F 487 -12.46 -29.12 -46.69
C GLU F 487 -12.66 -27.99 -47.68
N LEU F 488 -12.02 -26.85 -47.42
CA LEU F 488 -12.22 -25.68 -48.27
C LEU F 488 -11.67 -25.90 -49.67
N VAL F 489 -10.51 -26.54 -49.79
CA VAL F 489 -9.92 -26.75 -51.10
C VAL F 489 -10.76 -27.74 -51.91
N TYR F 490 -11.31 -28.76 -51.25
CA TYR F 490 -12.02 -29.82 -51.94
C TYR F 490 -13.52 -29.55 -52.05
N GLY F 491 -13.98 -28.38 -51.61
CA GLY F 491 -15.33 -27.95 -51.88
C GLY F 491 -16.36 -28.29 -50.82
N LYS F 492 -15.98 -29.04 -49.79
CA LYS F 492 -16.94 -29.40 -48.76
C LYS F 492 -17.46 -28.19 -47.98
N ALA F 493 -16.82 -27.04 -48.12
CA ALA F 493 -17.26 -25.82 -47.43
C ALA F 493 -16.79 -24.62 -48.23
N ASP F 494 -17.01 -23.42 -47.67
CA ASP F 494 -16.73 -22.18 -48.36
C ASP F 494 -16.00 -21.15 -47.52
N ILE F 495 -15.87 -21.34 -46.20
CA ILE F 495 -15.30 -20.32 -45.32
C ILE F 495 -14.92 -20.99 -44.02
N ALA F 496 -13.99 -20.38 -43.28
CA ALA F 496 -13.54 -20.90 -41.99
C ALA F 496 -13.33 -19.73 -41.04
N ILE F 497 -14.37 -19.41 -40.28
CA ILE F 497 -14.25 -18.42 -39.18
C ILE F 497 -13.81 -19.21 -37.97
N ALA F 498 -12.51 -19.44 -37.87
CA ALA F 498 -11.93 -20.36 -36.91
C ALA F 498 -10.62 -19.83 -36.34
N PRO F 499 -10.06 -20.47 -35.32
CA PRO F 499 -8.70 -20.11 -34.87
C PRO F 499 -7.63 -20.76 -35.73
N LEU F 500 -7.75 -20.56 -37.04
CA LEU F 500 -6.81 -21.11 -38.00
C LEU F 500 -5.59 -20.21 -38.10
N THR F 501 -4.42 -20.80 -38.21
CA THR F 501 -3.17 -20.06 -38.19
C THR F 501 -2.64 -19.87 -39.60
N ILE F 502 -2.20 -18.67 -39.89
CA ILE F 502 -1.66 -18.34 -41.20
C ILE F 502 -0.28 -18.92 -41.35
N THR F 503 0.06 -19.33 -42.57
CA THR F 503 1.38 -19.83 -42.88
C THR F 503 1.57 -19.81 -44.38
N LEU F 504 2.83 -19.94 -44.80
CA LEU F 504 3.16 -19.88 -46.22
C LEU F 504 2.43 -20.96 -47.00
N VAL F 505 2.48 -22.20 -46.50
CA VAL F 505 2.04 -23.34 -47.29
C VAL F 505 0.54 -23.21 -47.58
N ARG F 506 -0.24 -22.87 -46.56
CA ARG F 506 -1.69 -22.79 -46.74
C ARG F 506 -2.09 -21.64 -47.65
N GLU F 507 -1.35 -20.54 -47.63
CA GLU F 507 -1.64 -19.45 -48.54
C GLU F 507 -1.44 -19.84 -50.00
N GLU F 508 -0.49 -20.73 -50.28
CA GLU F 508 -0.28 -21.15 -51.66
C GLU F 508 -1.53 -21.78 -52.25
N VAL F 509 -2.41 -22.34 -51.41
CA VAL F 509 -3.55 -23.08 -51.87
C VAL F 509 -4.87 -22.39 -51.56
N ILE F 510 -4.93 -21.55 -50.54
CA ILE F 510 -6.14 -20.83 -50.19
C ILE F 510 -5.79 -19.39 -49.85
N ASP F 511 -6.82 -18.56 -49.82
CA ASP F 511 -6.68 -17.12 -49.60
C ASP F 511 -7.09 -16.80 -48.17
N PHE F 512 -6.15 -16.26 -47.40
CA PHE F 512 -6.42 -15.83 -46.05
C PHE F 512 -6.87 -14.38 -46.03
N SER F 513 -7.25 -13.91 -44.85
CA SER F 513 -7.60 -12.53 -44.61
C SER F 513 -6.53 -11.87 -43.78
N LYS F 514 -6.79 -10.63 -43.40
CA LYS F 514 -5.92 -9.95 -42.46
C LYS F 514 -6.17 -10.52 -41.06
N PRO F 515 -5.13 -10.81 -40.29
CA PRO F 515 -5.34 -11.47 -39.00
C PRO F 515 -6.25 -10.68 -38.10
N PHE F 516 -7.11 -11.40 -37.38
CA PHE F 516 -8.03 -10.79 -36.43
C PHE F 516 -7.55 -10.91 -35.00
N MET F 517 -6.49 -11.68 -34.75
CA MET F 517 -5.82 -11.64 -33.47
C MET F 517 -4.40 -12.17 -33.66
N SER F 518 -3.50 -11.64 -32.85
CA SER F 518 -2.08 -11.96 -32.92
C SER F 518 -1.73 -12.96 -31.83
N LEU F 519 -0.64 -13.69 -32.06
CA LEU F 519 -0.26 -14.77 -31.16
C LEU F 519 1.21 -15.10 -31.38
N GLY F 520 1.66 -16.08 -30.62
CA GLY F 520 2.96 -16.67 -30.84
C GLY F 520 3.04 -18.00 -30.12
N ILE F 521 3.96 -18.83 -30.59
CA ILE F 521 4.19 -20.10 -29.92
C ILE F 521 4.69 -19.83 -28.50
N SER F 522 4.41 -20.76 -27.61
CA SER F 522 4.74 -20.63 -26.21
C SER F 522 4.75 -22.01 -25.59
N ILE F 523 5.23 -22.07 -24.35
CA ILE F 523 5.50 -23.33 -23.66
C ILE F 523 4.63 -23.40 -22.42
N MET F 524 4.08 -24.57 -22.18
CA MET F 524 3.16 -24.84 -21.08
C MET F 524 3.77 -25.90 -20.18
N ILE F 525 3.79 -25.61 -18.88
CA ILE F 525 4.37 -26.53 -17.89
C ILE F 525 3.49 -26.58 -16.66
N LYS F 526 3.74 -27.58 -15.83
CA LYS F 526 3.04 -27.70 -14.57
C LYS F 526 3.55 -26.67 -13.59
N LYS F 527 2.65 -26.01 -12.88
CA LYS F 527 3.04 -24.96 -11.95
C LYS F 527 3.80 -25.57 -10.78
N PRO F 528 5.07 -25.21 -10.55
CA PRO F 528 5.81 -25.80 -9.44
C PRO F 528 5.26 -25.34 -8.11
N GLN F 529 5.45 -26.19 -7.09
CA GLN F 529 5.12 -25.80 -5.73
C GLN F 529 6.01 -24.65 -5.30
N LYS F 530 5.43 -23.68 -4.61
CA LYS F 530 6.16 -22.48 -4.24
C LYS F 530 7.35 -22.83 -3.37
N SER F 531 8.53 -22.31 -3.74
CA SER F 531 9.75 -22.59 -3.01
C SER F 531 9.72 -21.87 -1.67
N LYS F 532 9.53 -22.64 -0.60
CA LYS F 532 9.57 -22.06 0.73
C LYS F 532 10.94 -21.43 0.96
N PRO F 533 11.00 -20.28 1.64
CA PRO F 533 12.28 -19.59 1.78
C PRO F 533 13.31 -20.48 2.45
N GLY F 534 14.55 -20.39 1.95
CA GLY F 534 15.56 -21.36 2.32
C GLY F 534 16.40 -20.94 3.50
N VAL F 535 17.10 -21.94 4.05
CA VAL F 535 18.10 -21.65 5.06
C VAL F 535 19.04 -20.58 4.53
N PHE F 536 19.52 -19.74 5.46
CA PHE F 536 20.36 -18.59 5.14
C PHE F 536 19.57 -17.48 4.48
N SER F 537 18.25 -17.50 4.59
CA SER F 537 17.42 -16.43 4.04
C SER F 537 17.70 -15.08 4.71
N PHE F 538 18.33 -15.08 5.87
CA PHE F 538 18.60 -13.84 6.58
C PHE F 538 19.73 -13.03 5.98
N LEU F 539 20.50 -13.60 5.05
CA LEU F 539 21.51 -12.86 4.33
C LEU F 539 20.96 -12.18 3.08
N ASP F 540 19.72 -12.45 2.73
CA ASP F 540 19.17 -11.92 1.48
C ASP F 540 19.14 -10.40 1.45
N PRO F 541 18.65 -9.70 2.47
CA PRO F 541 18.47 -8.24 2.33
C PRO F 541 19.75 -7.49 2.05
N LEU F 542 20.90 -8.13 2.10
CA LEU F 542 22.16 -7.51 1.75
C LEU F 542 22.85 -8.35 0.68
N ALA F 543 23.41 -7.68 -0.32
CA ALA F 543 24.16 -8.37 -1.36
C ALA F 543 25.44 -8.98 -0.79
N TYR F 544 25.84 -10.10 -1.39
CA TYR F 544 27.02 -10.82 -0.91
C TYR F 544 28.26 -9.94 -0.94
N GLU F 545 28.33 -9.01 -1.88
CA GLU F 545 29.45 -8.07 -1.92
C GLU F 545 29.47 -7.23 -0.65
N ILE F 546 28.29 -6.82 -0.15
CA ILE F 546 28.24 -6.07 1.09
C ILE F 546 28.77 -6.91 2.23
N TRP F 547 28.41 -8.18 2.28
CA TRP F 547 28.90 -9.04 3.36
C TRP F 547 30.42 -9.20 3.28
N MET F 548 30.96 -9.36 2.07
CA MET F 548 32.40 -9.48 1.93
C MET F 548 33.10 -8.21 2.39
N CYS F 549 32.56 -7.05 1.99
CA CYS F 549 33.15 -5.79 2.43
C CYS F 549 33.03 -5.62 3.94
N ILE F 550 31.92 -6.10 4.52
CA ILE F 550 31.74 -6.04 5.97
C ILE F 550 32.81 -6.85 6.67
N VAL F 551 33.07 -8.06 6.17
CA VAL F 551 34.09 -8.89 6.78
C VAL F 551 35.46 -8.22 6.66
N PHE F 552 35.76 -7.68 5.49
CA PHE F 552 37.04 -7.01 5.30
C PHE F 552 37.17 -5.82 6.23
N ALA F 553 36.09 -5.06 6.41
CA ALA F 553 36.12 -3.91 7.29
C ALA F 553 36.29 -4.32 8.75
N TYR F 554 35.64 -5.41 9.16
CA TYR F 554 35.84 -5.92 10.51
C TYR F 554 37.30 -6.26 10.74
N ILE F 555 37.89 -6.99 9.80
CA ILE F 555 39.30 -7.35 9.91
C ILE F 555 40.15 -6.09 9.97
N GLY F 556 39.89 -5.14 9.09
CA GLY F 556 40.71 -3.95 9.03
C GLY F 556 40.62 -3.11 10.27
N VAL F 557 39.41 -2.95 10.81
CA VAL F 557 39.23 -2.17 12.02
C VAL F 557 39.97 -2.82 13.18
N SER F 558 39.84 -4.15 13.30
CA SER F 558 40.54 -4.83 14.38
C SER F 558 42.04 -4.67 14.26
N VAL F 559 42.57 -4.81 13.03
CA VAL F 559 44.00 -4.65 12.82
C VAL F 559 44.45 -3.24 13.16
N VAL F 560 43.70 -2.24 12.71
CA VAL F 560 44.09 -0.85 12.95
C VAL F 560 44.09 -0.56 14.44
N LEU F 561 43.05 -1.00 15.15
CA LEU F 561 43.01 -0.83 16.58
C LEU F 561 44.20 -1.50 17.24
N PHE F 562 44.54 -2.70 16.77
CA PHE F 562 45.68 -3.43 17.31
C PHE F 562 46.98 -2.63 17.15
N LEU F 563 47.26 -2.19 15.92
CA LEU F 563 48.49 -1.46 15.65
C LEU F 563 48.53 -0.17 16.46
N VAL F 564 47.42 0.57 16.50
CA VAL F 564 47.40 1.84 17.17
C VAL F 564 47.64 1.66 18.67
N SER F 565 47.04 0.63 19.26
CA SER F 565 47.18 0.43 20.69
C SER F 565 48.50 -0.23 21.07
N ARG F 566 49.19 -0.89 20.14
CA ARG F 566 50.55 -1.32 20.42
C ARG F 566 51.55 -0.18 20.29
N PHE F 567 51.53 0.51 19.15
CA PHE F 567 52.53 1.53 18.90
C PHE F 567 52.39 2.73 19.83
N SER F 568 51.17 3.26 19.96
CA SER F 568 50.94 4.49 20.71
C SER F 568 49.86 4.25 21.76
N PRO F 569 50.21 3.60 22.86
CA PRO F 569 49.26 3.38 23.95
C PRO F 569 49.23 4.54 24.94
N TYR F 570 48.19 4.55 25.76
CA TYR F 570 48.03 5.58 26.78
C TYR F 570 48.88 5.27 28.00
N GLU F 591 44.00 -4.58 27.94
CA GLU F 591 44.89 -4.26 26.83
C GLU F 591 44.30 -4.76 25.52
N PHE F 592 44.61 -4.06 24.43
CA PHE F 592 43.98 -4.32 23.13
C PHE F 592 44.95 -5.11 22.25
N GLY F 593 44.94 -6.42 22.45
CA GLY F 593 45.59 -7.32 21.52
C GLY F 593 44.74 -7.51 20.28
N ILE F 594 45.20 -8.42 19.43
CA ILE F 594 44.44 -8.75 18.24
C ILE F 594 43.16 -9.48 18.61
N PHE F 595 43.24 -10.42 19.54
CA PHE F 595 42.07 -11.19 19.95
C PHE F 595 41.03 -10.28 20.59
N ASN F 596 41.45 -9.48 21.58
CA ASN F 596 40.52 -8.59 22.24
C ASN F 596 40.00 -7.51 21.29
N SER F 597 40.83 -7.09 20.33
CA SER F 597 40.35 -6.11 19.35
C SER F 597 39.25 -6.69 18.48
N LEU F 598 39.43 -7.94 18.03
CA LEU F 598 38.38 -8.61 17.28
C LEU F 598 37.13 -8.75 18.12
N TRP F 599 37.29 -9.08 19.40
CA TRP F 599 36.15 -9.20 20.28
C TRP F 599 35.40 -7.87 20.40
N PHE F 600 36.14 -6.78 20.56
CA PHE F 600 35.52 -5.47 20.68
C PHE F 600 34.75 -5.11 19.43
N SER F 601 35.38 -5.31 18.27
CA SER F 601 34.70 -4.97 17.01
C SER F 601 33.44 -5.81 16.84
N LEU F 602 33.53 -7.11 17.12
CA LEU F 602 32.37 -7.98 16.99
C LEU F 602 31.25 -7.54 17.92
N GLY F 603 31.59 -7.22 19.17
CA GLY F 603 30.57 -6.76 20.10
C GLY F 603 29.93 -5.47 19.65
N ALA F 604 30.73 -4.55 19.12
CA ALA F 604 30.18 -3.30 18.61
C ALA F 604 29.25 -3.54 17.44
N PHE F 605 29.57 -4.52 16.59
CA PHE F 605 28.71 -4.77 15.44
C PHE F 605 27.35 -5.31 15.84
N MET F 606 27.27 -6.06 16.93
CA MET F 606 26.03 -6.69 17.36
C MET F 606 25.33 -5.91 18.45
N ARG F 607 25.73 -4.66 18.68
CA ARG F 607 25.07 -3.79 19.65
C ARG F 607 25.23 -4.31 21.08
N GLN F 608 26.31 -5.01 21.34
CA GLN F 608 26.68 -5.45 22.67
C GLN F 608 28.02 -4.82 23.04
N GLY F 609 28.06 -4.13 24.17
CA GLY F 609 29.28 -3.49 24.61
C GLY F 609 30.17 -4.44 25.37
N CYS F 610 31.44 -4.51 24.98
CA CYS F 610 32.38 -5.35 25.70
C CYS F 610 32.88 -4.63 26.95
N ASP F 611 33.54 -5.39 27.82
CA ASP F 611 34.01 -4.84 29.08
C ASP F 611 35.03 -3.74 28.88
N ILE F 612 35.92 -3.90 27.92
CA ILE F 612 37.00 -2.95 27.69
C ILE F 612 36.57 -1.91 26.68
N SER F 613 37.04 -0.68 26.88
CA SER F 613 36.86 0.40 25.92
C SER F 613 38.20 1.09 25.71
N PRO F 614 38.45 1.60 24.50
CA PRO F 614 39.71 2.30 24.25
C PRO F 614 39.85 3.54 25.09
N ARG F 615 41.09 3.87 25.41
CA ARG F 615 41.41 5.05 26.20
C ARG F 615 42.19 6.08 25.42
N SER F 616 42.73 5.73 24.25
CA SER F 616 43.49 6.64 23.43
C SER F 616 42.61 7.28 22.37
N LEU F 617 42.98 8.51 21.99
CA LEU F 617 42.22 9.24 20.98
C LEU F 617 42.20 8.47 19.66
N SER F 618 43.33 7.90 19.27
CA SER F 618 43.41 7.19 18.01
C SER F 618 42.53 5.96 18.00
N GLY F 619 42.51 5.21 19.10
CA GLY F 619 41.60 4.08 19.19
C GLY F 619 40.15 4.50 19.27
N ARG F 620 39.88 5.61 19.97
CA ARG F 620 38.50 6.06 20.13
C ARG F 620 37.92 6.55 18.82
N ILE F 621 38.74 7.12 17.94
CA ILE F 621 38.25 7.51 16.62
C ILE F 621 37.79 6.29 15.85
N VAL F 622 38.60 5.23 15.89
CA VAL F 622 38.24 3.99 15.21
C VAL F 622 36.95 3.43 15.80
N GLY F 623 36.84 3.44 17.12
CA GLY F 623 35.62 2.98 17.75
C GLY F 623 34.41 3.77 17.30
N GLY F 624 34.54 5.10 17.22
CA GLY F 624 33.42 5.92 16.80
C GLY F 624 32.98 5.63 15.38
N VAL F 625 33.92 5.51 14.46
CA VAL F 625 33.54 5.26 13.08
C VAL F 625 32.96 3.85 12.94
N TRP F 626 33.50 2.89 13.68
CA TRP F 626 32.92 1.55 13.67
C TRP F 626 31.50 1.57 14.21
N TRP F 627 31.27 2.35 15.26
CA TRP F 627 29.93 2.46 15.83
C TRP F 627 28.96 3.05 14.82
N PHE F 628 29.35 4.12 14.14
CA PHE F 628 28.50 4.73 13.13
C PHE F 628 28.22 3.75 12.01
N PHE F 629 29.25 3.04 11.56
CA PHE F 629 29.11 2.04 10.51
C PHE F 629 28.08 0.98 10.91
N THR F 630 28.19 0.48 12.14
CA THR F 630 27.27 -0.54 12.61
C THR F 630 25.86 0.00 12.69
N LEU F 631 25.69 1.20 13.22
CA LEU F 631 24.36 1.79 13.31
C LEU F 631 23.71 1.79 11.94
N ILE F 632 24.42 2.34 10.95
CA ILE F 632 23.86 2.46 9.61
C ILE F 632 23.53 1.08 9.04
N ILE F 633 24.50 0.17 9.09
CA ILE F 633 24.34 -1.12 8.44
C ILE F 633 23.21 -1.92 9.08
N ILE F 634 23.17 -1.95 10.41
CA ILE F 634 22.16 -2.74 11.09
C ILE F 634 20.78 -2.13 10.89
N SER F 635 20.67 -0.80 10.88
CA SER F 635 19.37 -0.19 10.62
C SER F 635 18.90 -0.54 9.22
N SER F 636 19.79 -0.48 8.23
CA SER F 636 19.41 -0.84 6.88
C SER F 636 18.98 -2.30 6.80
N TYR F 637 19.73 -3.18 7.44
CA TYR F 637 19.39 -4.60 7.42
C TYR F 637 18.04 -4.87 8.07
N THR F 638 17.79 -4.25 9.22
CA THR F 638 16.55 -4.48 9.94
C THR F 638 15.35 -3.90 9.22
N ALA F 639 15.54 -2.82 8.47
CA ALA F 639 14.41 -2.16 7.82
C ALA F 639 13.66 -3.13 6.90
N ASN F 640 14.38 -3.78 6.01
CA ASN F 640 13.78 -4.59 4.94
C ASN F 640 13.88 -6.09 5.23
N LEU F 641 13.71 -6.50 6.48
CA LEU F 641 13.92 -7.89 6.84
C LEU F 641 12.66 -8.72 6.83
N ALA F 642 11.50 -8.10 7.02
CA ALA F 642 10.26 -8.86 7.02
C ALA F 642 10.00 -9.46 5.64
N ALA F 643 10.22 -8.70 4.58
CA ALA F 643 9.95 -9.17 3.24
C ALA F 643 10.71 -10.46 2.95
N PHE F 644 12.03 -10.43 3.16
CA PHE F 644 12.89 -11.52 2.70
C PHE F 644 12.73 -12.80 3.50
N LEU F 645 11.93 -12.78 4.57
CA LEU F 645 11.73 -13.97 5.38
C LEU F 645 10.50 -14.76 4.98
N THR F 646 9.44 -14.08 4.53
CA THR F 646 8.17 -14.72 4.26
C THR F 646 7.89 -14.92 2.77
N VAL F 647 8.69 -14.32 1.89
CA VAL F 647 8.41 -14.39 0.46
C VAL F 647 8.74 -15.79 -0.05
N GLU F 648 7.80 -16.38 -0.77
CA GLU F 648 8.01 -17.63 -1.48
C GLU F 648 8.20 -17.30 -2.96
N ARG F 649 9.30 -17.78 -3.53
CA ARG F 649 9.66 -17.48 -4.90
C ARG F 649 9.38 -18.71 -5.77
N MET F 650 8.63 -18.50 -6.84
CA MET F 650 8.30 -19.57 -7.78
C MET F 650 9.31 -19.55 -8.91
N VAL F 651 10.07 -20.63 -9.05
CA VAL F 651 11.13 -20.74 -10.03
C VAL F 651 10.93 -22.02 -10.83
N SER F 652 11.07 -21.91 -12.14
CA SER F 652 10.91 -23.08 -12.99
C SER F 652 12.26 -23.63 -13.42
N PRO F 653 12.37 -24.96 -13.59
CA PRO F 653 13.62 -25.51 -14.11
C PRO F 653 13.97 -25.04 -15.51
N ILE F 654 12.98 -24.70 -16.32
CA ILE F 654 13.19 -24.12 -17.64
C ILE F 654 12.76 -22.66 -17.59
N GLU F 655 13.61 -21.77 -18.10
CA GLU F 655 13.31 -20.36 -18.19
C GLU F 655 13.23 -19.88 -19.63
N SER F 656 13.47 -20.74 -20.60
CA SER F 656 13.42 -20.36 -22.01
C SER F 656 13.51 -21.63 -22.85
N ALA F 657 13.48 -21.46 -24.17
CA ALA F 657 13.52 -22.61 -25.06
C ALA F 657 14.88 -23.28 -25.05
N GLU F 658 15.96 -22.50 -24.95
CA GLU F 658 17.29 -23.09 -24.88
C GLU F 658 17.42 -23.99 -23.65
N ASP F 659 16.93 -23.52 -22.50
CA ASP F 659 16.96 -24.34 -21.30
C ASP F 659 16.15 -25.61 -21.48
N LEU F 660 15.13 -25.57 -22.34
CA LEU F 660 14.35 -26.78 -22.61
C LEU F 660 15.15 -27.74 -23.49
N SER F 661 15.79 -27.23 -24.53
CA SER F 661 16.57 -28.09 -25.42
C SER F 661 17.73 -28.73 -24.68
N LYS F 662 18.35 -27.98 -23.76
CA LYS F 662 19.45 -28.54 -22.99
C LYS F 662 18.99 -29.72 -22.15
N GLN F 663 17.81 -29.61 -21.53
CA GLN F 663 17.30 -30.65 -20.65
C GLN F 663 16.60 -31.72 -21.49
N THR F 664 17.18 -32.91 -21.54
CA THR F 664 16.60 -34.02 -22.29
C THR F 664 15.64 -34.86 -21.46
N GLU F 665 15.80 -34.88 -20.13
CA GLU F 665 14.88 -35.65 -19.30
C GLU F 665 13.47 -35.11 -19.40
N ILE F 666 13.32 -33.79 -19.43
CA ILE F 666 11.99 -33.19 -19.59
C ILE F 666 11.54 -33.34 -21.04
N ALA F 667 10.32 -33.80 -21.21
CA ALA F 667 9.78 -34.12 -22.54
C ALA F 667 8.83 -33.03 -22.99
N TYR F 668 8.91 -32.69 -24.28
CA TYR F 668 8.07 -31.66 -24.88
C TYR F 668 7.49 -32.17 -26.19
N GLY F 669 6.24 -31.81 -26.46
CA GLY F 669 5.57 -32.21 -27.68
C GLY F 669 4.60 -31.16 -28.13
N THR F 670 4.02 -31.40 -29.31
CA THR F 670 3.11 -30.47 -29.96
C THR F 670 1.90 -31.22 -30.49
N LEU F 671 0.93 -30.45 -30.98
CA LEU F 671 -0.20 -31.06 -31.67
C LEU F 671 0.29 -31.73 -32.95
N ASP F 672 -0.36 -32.86 -33.30
CA ASP F 672 0.16 -33.69 -34.37
C ASP F 672 0.10 -32.98 -35.72
N SER F 673 -1.05 -32.43 -36.05
CA SER F 673 -1.25 -31.71 -37.32
C SER F 673 -1.57 -30.26 -36.98
N GLY F 674 -0.59 -29.39 -37.15
CA GLY F 674 -0.76 -27.99 -36.83
C GLY F 674 0.37 -27.18 -37.40
N SER F 675 0.17 -25.87 -37.39
CA SER F 675 1.22 -24.96 -37.83
C SER F 675 2.47 -25.10 -36.99
N THR F 676 2.32 -25.56 -35.74
CA THR F 676 3.49 -25.70 -34.87
C THR F 676 4.40 -26.83 -35.35
N LYS F 677 3.81 -28.00 -35.62
CA LYS F 677 4.60 -29.12 -36.10
C LYS F 677 5.23 -28.82 -37.45
N GLU F 678 4.46 -28.20 -38.36
CA GLU F 678 5.01 -27.84 -39.66
C GLU F 678 6.13 -26.82 -39.51
N PHE F 679 5.95 -25.85 -38.62
CA PHE F 679 6.96 -24.81 -38.42
C PHE F 679 8.25 -25.41 -37.91
N PHE F 680 8.15 -26.34 -36.96
CA PHE F 680 9.34 -27.02 -36.49
C PHE F 680 9.97 -27.87 -37.59
N ARG F 681 9.13 -28.55 -38.38
CA ARG F 681 9.66 -29.43 -39.42
C ARG F 681 10.37 -28.65 -40.52
N ARG F 682 9.81 -27.52 -40.91
CA ARG F 682 10.34 -26.72 -42.01
C ARG F 682 11.38 -25.70 -41.55
N SER F 683 11.71 -25.68 -40.26
CA SER F 683 12.62 -24.69 -39.73
C SER F 683 14.05 -24.96 -40.20
N LYS F 684 14.87 -23.91 -40.11
CA LYS F 684 16.28 -24.00 -40.45
C LYS F 684 17.19 -23.50 -39.34
N ILE F 685 16.65 -22.97 -38.25
CA ILE F 685 17.47 -22.57 -37.12
C ILE F 685 17.94 -23.82 -36.37
N ALA F 686 19.11 -23.71 -35.75
CA ALA F 686 19.71 -24.88 -35.10
C ALA F 686 18.83 -25.37 -33.96
N VAL F 687 18.33 -24.46 -33.12
CA VAL F 687 17.58 -24.86 -31.94
C VAL F 687 16.34 -25.65 -32.34
N PHE F 688 15.57 -25.10 -33.29
CA PHE F 688 14.35 -25.76 -33.72
C PHE F 688 14.64 -27.05 -34.45
N ASP F 689 15.77 -27.13 -35.16
CA ASP F 689 16.13 -28.37 -35.82
C ASP F 689 16.45 -29.46 -34.80
N LYS F 690 17.17 -29.09 -33.73
CA LYS F 690 17.43 -30.04 -32.66
C LYS F 690 16.12 -30.51 -32.03
N MET F 691 15.21 -29.57 -31.78
CA MET F 691 13.91 -29.94 -31.24
C MET F 691 13.18 -30.90 -32.17
N TRP F 692 13.25 -30.65 -33.47
CA TRP F 692 12.54 -31.51 -34.43
C TRP F 692 13.14 -32.90 -34.43
N THR F 693 14.48 -33.01 -34.38
CA THR F 693 15.09 -34.32 -34.29
C THR F 693 14.62 -35.04 -33.03
N TYR F 694 14.60 -34.33 -31.90
CA TYR F 694 14.17 -34.95 -30.65
C TYR F 694 12.74 -35.47 -30.78
N MET F 695 11.82 -34.64 -31.27
CA MET F 695 10.43 -35.08 -31.39
C MET F 695 10.30 -36.24 -32.35
N ARG F 696 10.98 -36.17 -33.50
CA ARG F 696 10.90 -37.25 -34.47
C ARG F 696 11.48 -38.55 -33.93
N SER F 697 12.35 -38.47 -32.93
CA SER F 697 12.98 -39.64 -32.35
C SER F 697 12.50 -39.97 -30.94
N ALA F 698 11.87 -39.02 -30.25
CA ALA F 698 11.51 -39.20 -28.85
C ALA F 698 10.36 -40.20 -28.75
N GLU F 699 10.68 -41.45 -28.39
CA GLU F 699 9.67 -42.46 -28.15
C GLU F 699 9.37 -42.57 -26.66
N PRO F 700 8.10 -42.64 -26.24
CA PRO F 700 6.88 -42.65 -27.06
C PRO F 700 6.63 -41.33 -27.76
N SER F 701 5.74 -41.34 -28.76
CA SER F 701 5.42 -40.13 -29.50
C SER F 701 4.94 -39.05 -28.54
N VAL F 702 5.72 -37.97 -28.44
CA VAL F 702 5.32 -36.84 -27.60
C VAL F 702 4.11 -36.14 -28.19
N PHE F 703 3.88 -36.28 -29.48
CA PHE F 703 2.78 -35.59 -30.13
C PHE F 703 1.45 -36.06 -29.57
N VAL F 704 0.49 -35.13 -29.51
CA VAL F 704 -0.87 -35.43 -29.08
C VAL F 704 -1.79 -35.26 -30.27
N ARG F 705 -3.08 -35.48 -30.03
CA ARG F 705 -4.11 -35.31 -31.04
C ARG F 705 -5.00 -34.11 -30.76
N THR F 706 -4.96 -33.56 -29.56
CA THR F 706 -5.87 -32.49 -29.20
C THR F 706 -5.22 -31.66 -28.09
N THR F 707 -5.62 -30.39 -28.04
CA THR F 707 -5.04 -29.48 -27.06
C THR F 707 -5.33 -29.94 -25.64
N ALA F 708 -6.57 -30.33 -25.37
CA ALA F 708 -6.91 -30.80 -24.03
C ALA F 708 -6.12 -32.03 -23.65
N GLU F 709 -5.73 -32.84 -24.65
CA GLU F 709 -4.87 -33.99 -24.36
C GLU F 709 -3.54 -33.54 -23.79
N GLY F 710 -2.91 -32.54 -24.40
CA GLY F 710 -1.67 -32.01 -23.86
C GLY F 710 -1.86 -31.35 -22.52
N VAL F 711 -2.99 -30.65 -22.35
CA VAL F 711 -3.29 -30.04 -21.06
C VAL F 711 -3.29 -31.10 -19.97
N ALA F 712 -4.03 -32.19 -20.20
CA ALA F 712 -4.10 -33.25 -19.21
C ALA F 712 -2.75 -33.92 -19.01
N ARG F 713 -2.01 -34.15 -20.09
CA ARG F 713 -0.72 -34.81 -19.99
C ARG F 713 0.23 -34.01 -19.11
N VAL F 714 0.25 -32.69 -19.30
CA VAL F 714 1.07 -31.83 -18.44
C VAL F 714 0.54 -31.87 -17.01
N ARG F 715 -0.78 -31.77 -16.85
CA ARG F 715 -1.37 -31.81 -15.53
C ARG F 715 -1.24 -33.17 -14.86
N LYS F 716 -0.85 -34.21 -15.60
CA LYS F 716 -0.78 -35.57 -15.09
C LYS F 716 0.57 -36.18 -15.39
N SER F 717 1.65 -35.42 -15.18
CA SER F 717 3.00 -35.94 -15.39
C SER F 717 3.99 -35.46 -14.34
N LYS F 718 3.53 -34.85 -13.25
CA LYS F 718 4.41 -34.41 -12.17
C LYS F 718 5.51 -33.49 -12.69
N GLY F 719 5.16 -32.67 -13.69
CA GLY F 719 6.10 -31.72 -14.23
C GLY F 719 7.17 -32.32 -15.12
N LYS F 720 6.95 -33.53 -15.65
CA LYS F 720 7.89 -34.17 -16.54
C LYS F 720 7.58 -33.92 -18.01
N TYR F 721 6.55 -33.13 -18.31
CA TYR F 721 6.12 -32.90 -19.68
C TYR F 721 5.85 -31.41 -19.91
N ALA F 722 6.15 -30.97 -21.13
CA ALA F 722 5.88 -29.61 -21.57
C ALA F 722 5.12 -29.65 -22.88
N TYR F 723 4.27 -28.66 -23.10
CA TYR F 723 3.47 -28.60 -24.31
C TYR F 723 3.70 -27.29 -25.05
N LEU F 724 3.94 -27.38 -26.35
CA LEU F 724 4.14 -26.21 -27.19
C LEU F 724 2.83 -25.87 -27.90
N LEU F 725 2.34 -24.66 -27.69
CA LEU F 725 1.07 -24.26 -28.29
C LEU F 725 1.01 -22.74 -28.40
N GLU F 726 -0.05 -22.27 -29.04
CA GLU F 726 -0.24 -20.84 -29.22
C GLU F 726 -0.54 -20.16 -27.90
N SER F 727 -0.13 -18.90 -27.80
CA SER F 727 -0.16 -18.20 -26.52
C SER F 727 -1.58 -17.90 -26.05
N THR F 728 -2.53 -17.79 -26.97
CA THR F 728 -3.89 -17.45 -26.57
C THR F 728 -4.49 -18.53 -25.68
N MET F 729 -4.27 -19.79 -26.03
CA MET F 729 -4.79 -20.88 -25.23
C MET F 729 -4.17 -20.89 -23.84
N ASN F 730 -2.86 -20.66 -23.74
CA ASN F 730 -2.23 -20.59 -22.44
C ASN F 730 -2.81 -19.44 -21.62
N GLU F 731 -3.01 -18.28 -22.24
CA GLU F 731 -3.58 -17.16 -21.52
C GLU F 731 -4.97 -17.50 -21.00
N TYR F 732 -5.77 -18.19 -21.81
CA TYR F 732 -7.10 -18.59 -21.37
C TYR F 732 -7.01 -19.57 -20.21
N ILE F 733 -6.10 -20.54 -20.29
CA ILE F 733 -6.04 -21.60 -19.30
C ILE F 733 -5.53 -21.09 -17.97
N GLU F 734 -4.39 -20.39 -18.00
CA GLU F 734 -3.86 -19.82 -16.76
C GLU F 734 -4.85 -18.89 -16.10
N GLN F 735 -5.76 -18.29 -16.87
CA GLN F 735 -6.81 -17.44 -16.33
C GLN F 735 -8.04 -18.22 -15.89
N ARG F 736 -8.02 -19.55 -16.02
CA ARG F 736 -9.16 -20.39 -15.67
C ARG F 736 -8.71 -21.49 -14.72
N LYS F 737 -9.56 -21.80 -13.74
CA LYS F 737 -9.26 -22.86 -12.80
C LYS F 737 -9.17 -24.20 -13.54
N PRO F 738 -8.47 -25.18 -12.96
CA PRO F 738 -7.86 -25.22 -11.62
C PRO F 738 -6.61 -24.36 -11.45
N CYS F 739 -6.13 -23.73 -12.53
CA CYS F 739 -4.93 -22.92 -12.47
C CYS F 739 -3.74 -23.72 -11.93
N ASP F 740 -3.59 -24.94 -12.45
CA ASP F 740 -2.52 -25.84 -12.06
C ASP F 740 -1.40 -25.91 -13.09
N THR F 741 -1.27 -24.89 -13.92
CA THR F 741 -0.26 -24.86 -14.97
C THR F 741 0.13 -23.41 -15.25
N MET F 742 1.25 -23.24 -15.95
CA MET F 742 1.77 -21.90 -16.21
C MET F 742 2.46 -21.84 -17.56
N LYS F 743 2.52 -20.60 -18.06
CA LYS F 743 3.30 -20.24 -19.23
C LYS F 743 4.69 -19.80 -18.81
N VAL F 744 5.69 -20.24 -19.55
CA VAL F 744 7.08 -19.98 -19.22
C VAL F 744 7.76 -19.35 -20.43
N GLY F 745 8.58 -18.34 -20.18
CA GLY F 745 9.34 -17.74 -21.23
C GLY F 745 8.51 -16.79 -22.08
N GLY F 746 9.01 -16.54 -23.29
CA GLY F 746 8.35 -15.70 -24.24
C GLY F 746 7.96 -16.46 -25.49
N ASN F 747 7.49 -15.71 -26.49
CA ASN F 747 6.98 -16.31 -27.70
C ASN F 747 8.09 -16.53 -28.71
N LEU F 748 8.24 -17.78 -29.14
CA LEU F 748 9.31 -18.12 -30.07
C LEU F 748 9.11 -17.45 -31.42
N ASP F 749 7.88 -17.47 -31.93
CA ASP F 749 7.56 -16.87 -33.21
C ASP F 749 6.25 -16.12 -33.05
N SER F 750 6.03 -15.14 -33.93
CA SER F 750 4.85 -14.30 -33.89
C SER F 750 4.04 -14.53 -35.15
N LYS F 751 2.74 -14.73 -34.99
CA LYS F 751 1.85 -15.02 -36.10
C LYS F 751 0.48 -14.45 -35.76
N GLY F 752 -0.51 -14.79 -36.57
CA GLY F 752 -1.86 -14.33 -36.32
C GLY F 752 -2.88 -15.29 -36.90
N TYR F 753 -4.04 -15.34 -36.27
CA TYR F 753 -5.12 -16.16 -36.79
C TYR F 753 -5.81 -15.43 -37.93
N GLY F 754 -6.09 -16.18 -39.00
CA GLY F 754 -6.64 -15.57 -40.19
C GLY F 754 -7.78 -16.34 -40.81
N ILE F 755 -8.92 -15.67 -40.98
CA ILE F 755 -10.03 -16.24 -41.72
C ILE F 755 -9.52 -16.70 -43.08
N ALA F 756 -10.16 -17.75 -43.60
CA ALA F 756 -9.74 -18.36 -44.85
C ALA F 756 -10.93 -18.54 -45.77
N THR F 757 -10.64 -18.59 -47.07
CA THR F 757 -11.65 -18.83 -48.08
C THR F 757 -10.96 -19.52 -49.26
N PRO F 758 -11.71 -20.27 -50.06
CA PRO F 758 -11.10 -20.93 -51.21
C PRO F 758 -10.70 -19.95 -52.28
N LYS F 759 -9.79 -20.40 -53.13
CA LYS F 759 -9.30 -19.56 -54.22
C LYS F 759 -10.44 -19.13 -55.12
N GLY F 760 -10.47 -17.83 -55.43
CA GLY F 760 -11.45 -17.30 -56.35
C GLY F 760 -12.81 -17.01 -55.78
N SER F 761 -13.00 -17.17 -54.47
CA SER F 761 -14.30 -16.90 -53.88
C SER F 761 -14.61 -15.40 -53.88
N SER F 762 -15.88 -15.08 -54.07
CA SER F 762 -16.33 -13.70 -53.99
C SER F 762 -16.43 -13.22 -52.55
N LEU F 763 -16.45 -14.14 -51.58
CA LEU F 763 -16.51 -13.77 -50.18
C LEU F 763 -15.18 -13.24 -49.67
N GLY F 764 -14.08 -13.66 -50.32
CA GLY F 764 -12.76 -13.31 -49.82
C GLY F 764 -12.53 -11.80 -49.77
N THR F 765 -12.91 -11.11 -50.84
CA THR F 765 -12.73 -9.65 -50.85
C THR F 765 -13.51 -8.97 -49.73
N PRO F 766 -14.78 -9.25 -49.51
CA PRO F 766 -15.52 -8.53 -48.46
C PRO F 766 -15.15 -8.95 -47.05
N VAL F 767 -14.70 -10.19 -46.83
CA VAL F 767 -14.36 -10.58 -45.46
C VAL F 767 -13.17 -9.78 -44.96
N ASN F 768 -12.22 -9.47 -45.83
CA ASN F 768 -11.10 -8.61 -45.44
C ASN F 768 -11.61 -7.27 -44.94
N LEU F 769 -12.52 -6.66 -45.70
CA LEU F 769 -13.05 -5.36 -45.32
C LEU F 769 -13.82 -5.46 -44.01
N ALA F 770 -14.55 -6.56 -43.83
CA ALA F 770 -15.27 -6.75 -42.56
C ALA F 770 -14.31 -6.82 -41.39
N VAL F 771 -13.21 -7.56 -41.56
CA VAL F 771 -12.23 -7.68 -40.49
C VAL F 771 -11.64 -6.33 -40.16
N LEU F 772 -11.29 -5.56 -41.19
CA LEU F 772 -10.71 -4.24 -40.95
C LEU F 772 -11.71 -3.32 -40.27
N LYS F 773 -12.97 -3.38 -40.68
CA LYS F 773 -13.99 -2.54 -40.05
C LYS F 773 -14.17 -2.91 -38.59
N LEU F 774 -14.19 -4.20 -38.29
CA LEU F 774 -14.31 -4.63 -36.89
C LEU F 774 -13.11 -4.17 -36.08
N SER F 775 -11.91 -4.28 -36.65
CA SER F 775 -10.72 -3.83 -35.95
C SER F 775 -10.80 -2.34 -35.65
N GLU F 776 -11.20 -1.54 -36.63
CA GLU F 776 -11.33 -0.10 -36.42
C GLU F 776 -12.37 0.20 -35.37
N GLN F 777 -13.52 -0.47 -35.43
CA GLN F 777 -14.59 -0.22 -34.47
C GLN F 777 -14.18 -0.62 -33.05
N GLY F 778 -13.23 -1.53 -32.92
CA GLY F 778 -12.84 -2.03 -31.63
C GLY F 778 -13.63 -3.23 -31.14
N VAL F 779 -14.42 -3.86 -32.01
CA VAL F 779 -15.22 -5.01 -31.59
C VAL F 779 -14.32 -6.14 -31.15
N LEU F 780 -13.25 -6.41 -31.89
CA LEU F 780 -12.41 -7.57 -31.60
C LEU F 780 -11.80 -7.46 -30.21
N ASP F 781 -11.36 -6.26 -29.82
CA ASP F 781 -10.83 -6.08 -28.48
C ASP F 781 -11.90 -6.38 -27.43
N LYS F 782 -13.14 -5.93 -27.65
CA LYS F 782 -14.20 -6.19 -26.69
C LYS F 782 -14.46 -7.70 -26.58
N LEU F 783 -14.49 -8.40 -27.70
CA LEU F 783 -14.68 -9.85 -27.66
C LEU F 783 -13.54 -10.52 -26.91
N LYS F 784 -12.30 -10.11 -27.19
CA LYS F 784 -11.15 -10.68 -26.51
C LYS F 784 -11.29 -10.50 -25.00
N ASN F 785 -11.64 -9.28 -24.57
CA ASN F 785 -11.76 -9.02 -23.14
C ASN F 785 -12.89 -9.85 -22.54
N LYS F 786 -14.01 -9.97 -23.26
CA LYS F 786 -15.15 -10.71 -22.74
C LYS F 786 -14.81 -12.18 -22.54
N TRP F 787 -14.13 -12.78 -23.52
CA TRP F 787 -13.91 -14.22 -23.49
C TRP F 787 -12.60 -14.63 -22.83
N TRP F 788 -11.71 -13.69 -22.51
CA TRP F 788 -10.45 -14.01 -21.83
C TRP F 788 -10.38 -13.39 -20.44
N TYR F 789 -10.51 -12.07 -20.34
CA TYR F 789 -10.36 -11.41 -19.04
C TYR F 789 -11.59 -11.58 -18.17
N ASP F 790 -12.78 -11.58 -18.76
CA ASP F 790 -14.01 -11.73 -17.99
C ASP F 790 -14.13 -13.11 -17.38
N LYS F 791 -13.33 -14.08 -17.84
CA LYS F 791 -13.39 -15.45 -17.34
C LYS F 791 -12.33 -15.73 -16.28
N GLY F 792 -11.64 -14.71 -15.80
CA GLY F 792 -10.61 -14.88 -14.80
C GLY F 792 -11.11 -15.57 -13.54
N GLU F 793 -10.41 -16.62 -13.13
CA GLU F 793 -10.78 -17.38 -11.94
C GLU F 793 -9.65 -17.50 -10.92
N CYS F 794 -8.54 -16.79 -11.12
CA CYS F 794 -7.41 -16.86 -10.20
C CYS F 794 -6.65 -15.53 -10.20
N LYS F 804 -0.54 -9.99 2.94
CA LYS F 804 -0.97 -10.54 4.22
C LYS F 804 0.20 -10.62 5.20
N THR F 805 -0.07 -10.31 6.47
CA THR F 805 0.92 -10.36 7.52
C THR F 805 0.74 -11.66 8.29
N SER F 806 1.72 -12.56 8.15
CA SER F 806 1.69 -13.85 8.82
C SER F 806 2.81 -13.90 9.85
N ALA F 807 2.51 -14.45 11.02
CA ALA F 807 3.53 -14.65 12.04
C ALA F 807 4.61 -15.57 11.52
N LEU F 808 5.85 -15.28 11.89
CA LEU F 808 6.96 -16.08 11.42
C LEU F 808 6.84 -17.52 11.92
N SER F 809 7.18 -18.46 11.04
CA SER F 809 7.18 -19.86 11.38
C SER F 809 8.60 -20.31 11.68
N LEU F 810 8.71 -21.30 12.56
CA LEU F 810 10.02 -21.79 12.96
C LEU F 810 10.84 -22.27 11.76
N SER F 811 10.18 -22.70 10.69
CA SER F 811 10.91 -23.09 9.49
C SER F 811 11.59 -21.89 8.85
N ASN F 812 11.10 -20.68 9.13
CA ASN F 812 11.70 -19.50 8.55
C ASN F 812 13.04 -19.16 9.18
N VAL F 813 13.21 -19.44 10.47
CA VAL F 813 14.40 -19.04 11.20
C VAL F 813 15.09 -20.24 11.83
N ALA F 814 14.95 -21.40 11.20
CA ALA F 814 15.63 -22.60 11.70
C ALA F 814 17.11 -22.60 11.41
N GLY F 815 17.54 -21.89 10.37
CA GLY F 815 18.95 -21.90 10.02
C GLY F 815 19.80 -21.24 11.09
N VAL F 816 19.28 -20.19 11.71
CA VAL F 816 20.03 -19.54 12.77
C VAL F 816 20.12 -20.45 13.99
N PHE F 817 19.08 -21.23 14.27
CA PHE F 817 19.18 -22.24 15.33
C PHE F 817 20.25 -23.28 15.01
N TYR F 818 20.29 -23.75 13.76
CA TYR F 818 21.31 -24.70 13.36
C TYR F 818 22.70 -24.11 13.56
N ILE F 819 22.87 -22.86 13.14
CA ILE F 819 24.16 -22.19 13.30
C ILE F 819 24.52 -22.08 14.78
N LEU F 820 23.54 -21.74 15.62
CA LEU F 820 23.78 -21.61 17.04
C LEU F 820 24.28 -22.93 17.62
N VAL F 821 23.58 -24.01 17.34
CA VAL F 821 23.95 -25.30 17.92
C VAL F 821 25.30 -25.74 17.38
N GLY F 822 25.59 -25.45 16.11
CA GLY F 822 26.89 -25.77 15.57
C GLY F 822 28.00 -25.01 16.26
N GLY F 823 27.76 -23.73 16.54
CA GLY F 823 28.74 -22.96 17.28
C GLY F 823 28.97 -23.50 18.68
N LEU F 824 27.90 -23.93 19.34
CA LEU F 824 28.06 -24.52 20.67
C LEU F 824 28.89 -25.79 20.61
N GLY F 825 28.61 -26.65 19.64
CA GLY F 825 29.42 -27.86 19.49
C GLY F 825 30.86 -27.54 19.21
N LEU F 826 31.10 -26.56 18.34
CA LEU F 826 32.47 -26.14 18.04
C LEU F 826 33.16 -25.64 19.30
N ALA F 827 32.45 -24.87 20.13
CA ALA F 827 33.04 -24.35 21.35
C ALA F 827 33.42 -25.47 22.30
N MET F 828 32.54 -26.45 22.47
CA MET F 828 32.89 -27.57 23.34
C MET F 828 34.08 -28.32 22.81
N LEU F 829 34.13 -28.54 21.50
CA LEU F 829 35.27 -29.22 20.90
C LEU F 829 36.56 -28.45 21.15
N VAL F 830 36.52 -27.14 20.95
CA VAL F 830 37.71 -26.31 21.16
C VAL F 830 38.15 -26.39 22.62
N ALA F 831 37.19 -26.39 23.54
CA ALA F 831 37.53 -26.47 24.95
C ALA F 831 38.20 -27.79 25.27
N LEU F 832 37.70 -28.89 24.70
CA LEU F 832 38.33 -30.18 24.92
C LEU F 832 39.75 -30.19 24.36
N ILE F 833 39.94 -29.61 23.18
CA ILE F 833 41.27 -29.56 22.60
C ILE F 833 42.22 -28.77 23.49
N GLU F 834 41.77 -27.61 23.99
CA GLU F 834 42.60 -26.83 24.89
C GLU F 834 42.91 -27.59 26.17
N PHE F 835 41.93 -28.35 26.67
CA PHE F 835 42.14 -29.15 27.87
C PHE F 835 43.22 -30.19 27.65
N CYS F 836 43.15 -30.89 26.51
CA CYS F 836 44.17 -31.89 26.21
C CYS F 836 45.54 -31.25 26.05
N TYR F 837 45.62 -30.12 25.34
CA TYR F 837 46.90 -29.45 25.15
C TYR F 837 47.50 -29.01 26.48
N LYS F 838 46.67 -28.44 27.36
CA LYS F 838 47.14 -28.02 28.66
C LYS F 838 47.58 -29.22 29.50
N SER F 839 46.86 -30.33 29.42
CA SER F 839 47.18 -31.49 30.22
C SER F 839 48.50 -32.13 29.83
N ARG F 840 48.99 -31.89 28.61
CA ARG F 840 50.25 -32.45 28.15
C ARG F 840 51.42 -31.56 28.53
#